data_3KBP
#
_entry.id   3KBP
#
_cell.length_a   132.700
_cell.length_b   347.300
_cell.length_c   128.700
_cell.angle_alpha   90.00
_cell.angle_beta   90.00
_cell.angle_gamma   90.00
#
_symmetry.space_group_name_H-M   'C 2 2 21'
#
loop_
_entity.id
_entity.type
_entity.pdbx_description
1 polymer 'PURPLE ACID PHOSPHATASE'
2 non-polymer 2-acetamido-2-deoxy-beta-D-glucopyranose
3 non-polymer 'FE (III) ION'
4 non-polymer 'ZINC ION'
5 non-polymer TUNGSTATE(VI)ION
#
_entity_poly.entity_id   1
_entity_poly.type   'polypeptide(L)'
_entity_poly.pdbx_seq_one_letter_code
;FVRKTNKNRDMPLDSDVFRVPPGYNAPQQVHITQGDLVGRAMIISWVTMDEPGSSAVRYWSEKNGRKRIAKGKMSTYRFF
NYSSGFIHHTTIRKLKYNTKYYYEVGLRNTTRRFSFITPPQTGLDVPYTFGLIGDLGQSFDSNTTLSHYELSPKKGQTVL
FVGDLSYADRYPNHDNVRWDTWGRFTERSVAYQPWIWTAGNHEIEFAPEINETEPFKPFSYRYHVPYEASQSTSPFWYSI
KRASAHIIVLSSYSAYGRGTPQYTWLKKELRKVKRSETPWLIVLMHSPLYNSYNHHFMEGEAMRTKFEAWFVKYKVDVVF
AGHVHAYERSERVSNIAYKITDGLCTPVKDQSAPVYITIGDAGNYGVIDSNMIQPQPEYSAFREASFGHGMFDIKNRTHA
HFSWNRNQDGVAVEADSVWFFNRHWYPVDDST
;
_entity_poly.pdbx_strand_id   A,B,C,D
#
# COMPACT_ATOMS: atom_id res chain seq x y z
N ARG A 9 16.08 8.19 0.69
CA ARG A 9 17.14 8.98 1.46
C ARG A 9 18.42 8.22 1.75
N ASP A 10 18.56 7.09 1.06
CA ASP A 10 19.71 6.22 1.21
C ASP A 10 20.88 6.87 0.49
N MET A 11 21.99 7.00 1.22
CA MET A 11 23.22 7.56 0.66
C MET A 11 23.50 6.82 -0.61
N PRO A 12 23.77 7.54 -1.66
CA PRO A 12 24.06 6.97 -2.98
C PRO A 12 25.36 6.17 -2.98
N LEU A 13 25.57 5.41 -4.05
CA LEU A 13 26.74 4.56 -4.13
C LEU A 13 28.09 5.25 -4.09
N ASP A 14 28.17 6.45 -4.67
CA ASP A 14 29.46 7.17 -4.70
C ASP A 14 29.89 7.68 -3.34
N SER A 15 28.92 7.87 -2.46
CA SER A 15 29.17 8.36 -1.11
C SER A 15 30.51 7.97 -0.56
N ASP A 16 31.24 8.97 -0.12
CA ASP A 16 32.56 8.78 0.43
C ASP A 16 32.62 7.71 1.46
N VAL A 17 31.49 7.50 2.09
CA VAL A 17 31.39 6.52 3.12
C VAL A 17 31.52 5.08 2.57
N PHE A 18 31.00 4.87 1.37
CA PHE A 18 31.04 3.59 0.71
C PHE A 18 32.33 3.31 -0.08
N ARG A 19 33.36 4.15 0.04
CA ARG A 19 34.60 3.95 -0.73
C ARG A 19 35.39 2.68 -0.42
N VAL A 20 35.95 2.08 -1.46
CA VAL A 20 36.72 0.85 -1.30
C VAL A 20 38.17 1.07 -1.07
N PRO A 21 38.70 0.51 0.01
CA PRO A 21 40.10 0.65 0.37
C PRO A 21 40.89 0.24 -0.83
N PRO A 22 41.87 1.08 -1.18
CA PRO A 22 42.78 0.95 -2.29
C PRO A 22 43.75 -0.18 -2.01
N GLY A 23 44.13 -0.88 -3.07
CA GLY A 23 45.05 -2.00 -2.93
C GLY A 23 44.45 -3.21 -3.60
N TYR A 24 45.30 -4.02 -4.22
CA TYR A 24 44.77 -5.20 -4.88
C TYR A 24 44.38 -6.20 -3.81
N ASN A 25 43.12 -6.59 -3.89
CA ASN A 25 42.54 -7.57 -3.00
C ASN A 25 42.74 -7.03 -1.62
N ALA A 26 42.22 -5.82 -1.43
CA ALA A 26 42.27 -5.09 -0.16
C ALA A 26 41.11 -5.52 0.71
N PRO A 27 41.41 -6.15 1.87
CA PRO A 27 40.36 -6.60 2.77
C PRO A 27 39.43 -5.48 3.05
N GLN A 28 38.19 -5.64 2.62
CA GLN A 28 37.22 -4.63 2.88
C GLN A 28 36.16 -5.20 3.79
N GLN A 29 35.23 -4.33 4.19
CA GLN A 29 34.12 -4.73 5.08
C GLN A 29 34.55 -5.41 6.37
N VAL A 30 35.74 -5.08 6.89
CA VAL A 30 36.25 -5.65 8.13
C VAL A 30 35.26 -5.34 9.25
N HIS A 31 34.99 -6.34 10.10
CA HIS A 31 34.04 -6.21 11.21
C HIS A 31 34.24 -7.33 12.21
N ILE A 32 34.26 -6.97 13.50
CA ILE A 32 34.50 -7.94 14.58
C ILE A 32 33.33 -8.11 15.57
N THR A 33 33.36 -9.16 16.39
CA THR A 33 32.36 -9.44 17.44
C THR A 33 32.98 -10.39 18.47
N GLN A 34 32.30 -10.51 19.60
CA GLN A 34 32.80 -11.38 20.62
C GLN A 34 32.83 -12.81 20.11
N GLY A 35 33.96 -13.49 20.30
CA GLY A 35 34.06 -14.85 19.82
C GLY A 35 33.79 -15.95 20.82
N ASP A 36 33.66 -15.62 22.10
CA ASP A 36 33.41 -16.66 23.06
C ASP A 36 32.33 -16.20 23.99
N LEU A 37 32.18 -16.92 25.10
CA LEU A 37 31.15 -16.60 26.08
C LEU A 37 31.47 -15.49 27.07
N VAL A 38 32.75 -15.34 27.41
CA VAL A 38 33.11 -14.38 28.44
C VAL A 38 34.03 -13.24 28.11
N GLY A 39 34.45 -13.16 26.85
CA GLY A 39 35.28 -12.02 26.49
C GLY A 39 36.67 -12.19 25.94
N ARG A 40 37.24 -13.38 26.00
CA ARG A 40 38.59 -13.52 25.48
C ARG A 40 38.70 -14.17 24.10
N ALA A 41 37.87 -13.76 23.16
CA ALA A 41 37.94 -14.29 21.81
C ALA A 41 37.23 -13.29 20.97
N MET A 42 37.65 -13.14 19.72
CA MET A 42 37.07 -12.18 18.78
C MET A 42 36.87 -12.85 17.47
N ILE A 43 35.87 -12.44 16.73
CA ILE A 43 35.69 -13.07 15.44
C ILE A 43 35.95 -12.00 14.45
N ILE A 44 36.99 -12.16 13.66
CA ILE A 44 37.32 -11.14 12.70
C ILE A 44 36.72 -11.57 11.38
N SER A 45 36.00 -10.68 10.71
CA SER A 45 35.38 -11.04 9.46
C SER A 45 35.65 -9.96 8.44
N TRP A 46 35.98 -10.35 7.22
CA TRP A 46 36.21 -9.37 6.17
C TRP A 46 35.92 -9.98 4.84
N VAL A 47 36.04 -9.18 3.80
CA VAL A 47 35.77 -9.64 2.47
C VAL A 47 36.84 -9.23 1.52
N THR A 48 37.23 -10.13 0.63
CA THR A 48 38.23 -9.80 -0.38
C THR A 48 37.44 -9.97 -1.64
N MET A 49 37.61 -9.07 -2.57
CA MET A 49 36.87 -9.12 -3.81
C MET A 49 37.63 -9.54 -5.10
N ASP A 50 38.96 -9.40 -5.12
CA ASP A 50 39.76 -9.73 -6.29
C ASP A 50 39.99 -11.20 -6.45
N GLU A 51 40.45 -11.84 -5.41
CA GLU A 51 40.67 -13.26 -5.43
C GLU A 51 40.57 -13.69 -3.99
N PRO A 52 40.26 -14.96 -3.75
CA PRO A 52 40.13 -15.57 -2.43
C PRO A 52 41.00 -14.98 -1.32
N GLY A 53 42.32 -15.05 -1.46
CA GLY A 53 43.20 -14.50 -0.44
C GLY A 53 43.42 -15.40 0.76
N SER A 54 44.20 -14.94 1.76
CA SER A 54 44.46 -15.73 2.98
C SER A 54 43.52 -15.39 4.13
N SER A 55 42.97 -16.42 4.76
CA SER A 55 42.09 -16.20 5.88
C SER A 55 42.87 -16.13 7.15
N ALA A 56 44.16 -15.83 7.07
CA ALA A 56 44.93 -15.74 8.28
C ALA A 56 44.82 -14.32 8.83
N VAL A 57 45.02 -14.15 10.13
CA VAL A 57 44.96 -12.87 10.84
C VAL A 57 46.19 -12.76 11.73
N ARG A 58 46.86 -11.63 11.63
CA ARG A 58 48.04 -11.43 12.42
C ARG A 58 47.64 -10.52 13.54
N TYR A 59 47.99 -10.92 14.75
CA TYR A 59 47.66 -10.10 15.89
C TYR A 59 48.70 -10.18 17.00
N TRP A 60 48.71 -9.17 17.85
CA TRP A 60 49.65 -9.09 18.96
C TRP A 60 49.16 -8.04 19.94
N SER A 61 49.59 -8.12 21.19
CA SER A 61 49.15 -7.14 22.18
C SER A 61 50.08 -5.97 22.17
N GLU A 62 49.61 -4.82 22.61
CA GLU A 62 50.46 -3.64 22.60
C GLU A 62 51.76 -3.85 23.39
N LYS A 63 51.60 -4.35 24.61
CA LYS A 63 52.71 -4.62 25.53
C LYS A 63 53.69 -5.65 24.98
N ASN A 64 53.26 -6.91 24.96
CA ASN A 64 54.07 -8.01 24.44
C ASN A 64 53.78 -8.10 22.95
N GLY A 65 54.59 -7.39 22.17
CA GLY A 65 54.42 -7.39 20.73
C GLY A 65 54.74 -8.72 20.02
N ARG A 66 54.53 -9.87 20.67
CA ARG A 66 54.81 -11.15 20.02
C ARG A 66 53.66 -11.36 19.05
N LYS A 67 53.96 -11.25 17.75
CA LYS A 67 52.94 -11.37 16.72
C LYS A 67 52.57 -12.81 16.50
N ARG A 68 51.28 -13.11 16.54
CA ARG A 68 50.78 -14.47 16.33
C ARG A 68 49.83 -14.51 15.14
N ILE A 69 49.58 -15.71 14.64
CA ILE A 69 48.68 -15.84 13.50
C ILE A 69 47.55 -16.82 13.73
N ALA A 70 46.34 -16.39 13.36
CA ALA A 70 45.16 -17.25 13.51
C ALA A 70 44.66 -17.50 12.12
N LYS A 71 44.25 -18.73 11.85
CA LYS A 71 43.76 -19.02 10.51
C LYS A 71 42.27 -19.24 10.52
N GLY A 72 41.58 -18.63 9.56
CA GLY A 72 40.14 -18.77 9.51
C GLY A 72 39.64 -19.62 8.34
N LYS A 73 38.42 -19.33 7.89
CA LYS A 73 37.83 -20.09 6.81
C LYS A 73 37.19 -19.13 5.82
N MET A 74 37.15 -19.50 4.56
CA MET A 74 36.59 -18.60 3.58
C MET A 74 35.38 -19.17 2.91
N SER A 75 34.38 -18.35 2.63
CA SER A 75 33.18 -18.85 2.02
C SER A 75 32.62 -17.85 1.07
N THR A 76 31.67 -18.28 0.25
CA THR A 76 31.03 -17.39 -0.71
C THR A 76 29.61 -17.84 -0.92
N TYR A 77 28.73 -16.97 -1.36
CA TYR A 77 27.35 -17.34 -1.59
C TYR A 77 26.86 -16.61 -2.80
N ARG A 78 25.78 -17.12 -3.37
CA ARG A 78 25.17 -16.46 -4.52
C ARG A 78 23.81 -16.08 -4.02
N PHE A 79 23.31 -14.92 -4.41
CA PHE A 79 21.98 -14.59 -3.96
C PHE A 79 21.03 -14.81 -5.09
N PHE A 80 20.93 -13.92 -6.06
CA PHE A 80 20.03 -14.28 -7.15
C PHE A 80 20.96 -14.23 -8.36
N ASN A 81 21.13 -13.06 -8.97
CA ASN A 81 22.10 -12.95 -10.07
C ASN A 81 23.32 -12.32 -9.43
N TYR A 82 23.38 -12.31 -8.09
CA TYR A 82 24.51 -11.77 -7.30
C TYR A 82 25.50 -12.88 -6.96
N SER A 83 26.73 -12.49 -6.64
CA SER A 83 27.81 -13.42 -6.24
C SER A 83 28.78 -12.71 -5.29
N SER A 84 28.84 -13.19 -4.07
CA SER A 84 29.67 -12.55 -3.09
C SER A 84 31.11 -12.56 -3.48
N GLY A 85 31.87 -11.77 -2.77
CA GLY A 85 33.29 -11.82 -2.96
C GLY A 85 33.68 -12.96 -2.01
N PHE A 86 34.92 -12.99 -1.59
CA PHE A 86 35.34 -14.04 -0.71
C PHE A 86 35.22 -13.57 0.70
N ILE A 87 34.34 -14.20 1.44
CA ILE A 87 34.10 -13.82 2.80
C ILE A 87 35.00 -14.57 3.73
N HIS A 88 35.56 -13.91 4.73
CA HIS A 88 36.46 -14.65 5.61
C HIS A 88 36.04 -14.43 7.03
N HIS A 89 36.18 -15.49 7.86
CA HIS A 89 35.85 -15.42 9.28
C HIS A 89 36.87 -16.19 10.07
N THR A 90 37.65 -15.49 10.88
CA THR A 90 38.73 -16.12 11.67
C THR A 90 38.46 -15.78 13.10
N THR A 91 38.81 -16.71 13.98
CA THR A 91 38.53 -16.46 15.38
C THR A 91 39.79 -16.45 16.18
N ILE A 92 40.13 -15.31 16.74
CA ILE A 92 41.30 -15.24 17.56
C ILE A 92 40.82 -15.60 18.92
N ARG A 93 41.57 -16.40 19.65
CA ARG A 93 41.09 -16.76 20.97
C ARG A 93 42.16 -16.73 22.02
N LYS A 94 41.74 -16.95 23.26
CA LYS A 94 42.64 -16.93 24.39
C LYS A 94 43.32 -15.57 24.52
N LEU A 95 42.57 -14.49 24.32
CA LEU A 95 43.15 -13.16 24.46
C LEU A 95 43.23 -12.85 25.94
N LYS A 96 44.01 -11.85 26.31
CA LYS A 96 44.13 -11.44 27.72
C LYS A 96 43.07 -10.39 27.91
N TYR A 97 42.52 -10.29 29.12
CA TYR A 97 41.46 -9.34 29.35
C TYR A 97 42.03 -7.97 29.40
N ASN A 98 41.20 -7.01 29.04
CA ASN A 98 41.58 -5.61 29.06
C ASN A 98 42.93 -5.41 28.41
N THR A 99 43.01 -5.56 27.10
CA THR A 99 44.28 -5.40 26.42
C THR A 99 44.06 -4.91 25.02
N LYS A 100 44.84 -3.92 24.61
CA LYS A 100 44.70 -3.43 23.26
C LYS A 100 45.38 -4.47 22.40
N TYR A 101 44.74 -4.81 21.30
CA TYR A 101 45.28 -5.78 20.39
C TYR A 101 45.35 -5.19 19.02
N TYR A 102 46.38 -5.61 18.31
CA TYR A 102 46.54 -5.14 16.98
C TYR A 102 46.38 -6.33 16.10
N TYR A 103 45.61 -6.16 15.03
CA TYR A 103 45.43 -7.25 14.10
C TYR A 103 45.51 -6.69 12.71
N GLU A 104 46.16 -7.46 11.84
CA GLU A 104 46.33 -7.12 10.46
C GLU A 104 45.60 -8.20 9.69
N VAL A 105 45.02 -7.83 8.56
CA VAL A 105 44.22 -8.75 7.78
C VAL A 105 44.52 -8.50 6.31
N GLY A 106 44.66 -9.55 5.52
CA GLY A 106 45.01 -9.37 4.12
C GLY A 106 46.53 -9.49 3.95
N LEU A 107 47.07 -10.54 4.55
CA LEU A 107 48.50 -10.79 4.54
C LEU A 107 49.13 -11.04 3.20
N ARG A 108 48.41 -11.69 2.29
CA ARG A 108 48.98 -11.99 0.98
C ARG A 108 49.21 -10.79 0.10
N ASN A 109 48.24 -9.90 -0.02
CA ASN A 109 48.48 -8.77 -0.88
C ASN A 109 48.48 -7.44 -0.18
N THR A 110 47.32 -6.83 0.05
CA THR A 110 47.42 -5.55 0.73
C THR A 110 46.90 -5.66 2.15
N THR A 111 47.81 -5.59 3.11
CA THR A 111 47.49 -5.73 4.52
C THR A 111 46.92 -4.49 5.20
N ARG A 112 45.89 -4.67 6.05
CA ARG A 112 45.29 -3.55 6.77
C ARG A 112 45.33 -3.83 8.26
N ARG A 113 45.69 -2.80 9.01
CA ARG A 113 45.86 -2.94 10.45
C ARG A 113 44.72 -2.31 11.20
N PHE A 114 44.35 -2.94 12.33
CA PHE A 114 43.27 -2.47 13.20
C PHE A 114 43.63 -2.84 14.61
N SER A 115 42.76 -2.42 15.52
CA SER A 115 42.96 -2.72 16.93
C SER A 115 41.64 -2.80 17.67
N PHE A 116 41.63 -3.63 18.70
CA PHE A 116 40.44 -3.76 19.51
C PHE A 116 40.97 -4.00 20.91
N ILE A 117 40.14 -3.76 21.92
CA ILE A 117 40.55 -4.00 23.29
C ILE A 117 39.67 -5.01 23.98
N THR A 118 40.30 -6.06 24.48
CA THR A 118 39.56 -7.09 25.17
C THR A 118 38.90 -6.39 26.32
N PRO A 119 37.73 -6.84 26.75
CA PRO A 119 37.09 -6.17 27.87
C PRO A 119 37.62 -6.70 29.19
N PRO A 120 37.14 -6.12 30.27
CA PRO A 120 37.56 -6.58 31.58
C PRO A 120 36.94 -7.93 31.88
N GLN A 121 37.53 -8.63 32.84
CA GLN A 121 37.07 -9.91 33.27
C GLN A 121 35.72 -9.74 33.91
N THR A 122 34.82 -10.69 33.65
CA THR A 122 33.48 -10.67 34.21
C THR A 122 33.49 -10.33 35.69
N GLY A 123 32.65 -9.39 36.10
CA GLY A 123 32.64 -9.01 37.51
C GLY A 123 31.38 -8.31 38.02
N LEU A 124 31.21 -8.37 39.34
CA LEU A 124 30.08 -7.79 40.01
C LEU A 124 29.96 -6.31 39.83
N ASP A 125 31.06 -5.61 40.07
CA ASP A 125 31.07 -4.13 39.94
C ASP A 125 31.90 -3.60 38.78
N VAL A 126 32.10 -4.40 37.73
CA VAL A 126 32.86 -3.97 36.55
C VAL A 126 31.99 -3.08 35.62
N PRO A 127 32.30 -1.78 35.50
CA PRO A 127 31.55 -0.87 34.65
C PRO A 127 31.90 -1.10 33.20
N TYR A 128 31.03 -0.65 32.31
CA TYR A 128 31.22 -0.85 30.88
C TYR A 128 30.12 -0.03 30.29
N THR A 129 30.31 0.42 29.08
CA THR A 129 29.25 1.24 28.51
C THR A 129 28.88 0.73 27.13
N PHE A 130 27.61 0.37 26.95
CA PHE A 130 27.14 -0.16 25.69
C PHE A 130 26.42 0.88 24.92
N GLY A 131 26.57 0.84 23.62
CA GLY A 131 25.83 1.78 22.82
C GLY A 131 24.68 0.97 22.30
N LEU A 132 23.54 1.60 22.09
CA LEU A 132 22.41 0.90 21.54
C LEU A 132 22.07 1.52 20.26
N ILE A 133 22.12 0.71 19.21
CA ILE A 133 21.76 1.18 17.89
C ILE A 133 20.88 0.10 17.30
N GLY A 134 19.83 0.49 16.63
CA GLY A 134 18.97 -0.54 16.10
C GLY A 134 18.33 0.02 14.86
N ASP A 135 18.16 -0.79 13.84
CA ASP A 135 17.54 -0.28 12.65
C ASP A 135 18.34 0.74 11.90
N LEU A 136 19.65 0.55 11.83
CA LEU A 136 20.59 1.47 11.19
C LEU A 136 20.38 1.81 9.72
N GLY A 137 20.40 0.83 8.86
CA GLY A 137 20.19 1.14 7.45
C GLY A 137 21.35 1.94 6.90
N GLN A 138 21.13 2.56 5.74
CA GLN A 138 22.18 3.35 5.10
C GLN A 138 21.70 4.66 4.46
N SER A 139 20.80 5.38 5.17
CA SER A 139 20.35 6.68 4.71
C SER A 139 21.34 7.69 5.29
N PHE A 140 21.21 8.95 4.94
CA PHE A 140 22.12 9.92 5.49
C PHE A 140 21.97 9.98 6.96
N ASP A 141 20.75 9.77 7.40
CA ASP A 141 20.44 9.80 8.80
C ASP A 141 21.28 8.79 9.53
N SER A 142 21.33 7.63 8.95
CA SER A 142 22.12 6.58 9.55
C SER A 142 23.53 7.09 9.77
N ASN A 143 24.06 7.82 8.77
CA ASN A 143 25.43 8.31 8.85
C ASN A 143 25.53 9.13 10.06
N THR A 144 24.56 10.00 10.22
CA THR A 144 24.55 10.89 11.35
C THR A 144 24.56 10.20 12.70
N THR A 145 23.69 9.22 12.88
CA THR A 145 23.63 8.47 14.13
C THR A 145 24.99 7.89 14.40
N LEU A 146 25.48 7.13 13.43
CA LEU A 146 26.76 6.52 13.60
C LEU A 146 27.78 7.51 14.11
N SER A 147 27.77 8.73 13.60
CA SER A 147 28.74 9.71 14.06
C SER A 147 28.40 10.22 15.43
N HIS A 148 27.13 10.38 15.74
CA HIS A 148 26.78 10.85 17.07
C HIS A 148 27.28 9.86 18.06
N TYR A 149 27.12 8.59 17.75
CA TYR A 149 27.58 7.58 18.68
C TYR A 149 29.08 7.61 18.78
N GLU A 150 29.70 7.85 17.63
CA GLU A 150 31.15 7.88 17.54
C GLU A 150 31.71 8.98 18.43
N LEU A 151 30.88 9.96 18.76
CA LEU A 151 31.34 11.08 19.54
C LEU A 151 30.83 11.22 20.94
N SER A 152 29.77 10.49 21.28
CA SER A 152 29.21 10.56 22.64
C SER A 152 30.40 10.60 23.58
N PRO A 153 30.47 11.68 24.36
CA PRO A 153 31.54 11.88 25.34
C PRO A 153 31.74 10.64 26.24
N LYS A 154 30.66 10.08 26.76
CA LYS A 154 30.80 8.85 27.52
C LYS A 154 31.01 8.01 26.27
N LYS A 155 32.15 7.37 26.12
CA LYS A 155 32.38 6.62 24.88
C LYS A 155 31.95 5.17 24.97
N GLY A 156 31.14 4.74 24.01
CA GLY A 156 30.66 3.36 24.00
C GLY A 156 31.79 2.40 23.73
N GLN A 157 31.70 1.18 24.22
CA GLN A 157 32.75 0.20 24.07
C GLN A 157 32.33 -1.05 23.32
N THR A 158 31.03 -1.17 23.10
CA THR A 158 30.44 -2.27 22.39
C THR A 158 29.06 -1.77 22.02
N VAL A 159 28.60 -2.12 20.82
CA VAL A 159 27.30 -1.71 20.36
C VAL A 159 26.36 -2.86 20.40
N LEU A 160 25.22 -2.72 21.06
CA LEU A 160 24.26 -3.82 21.08
C LEU A 160 23.40 -3.45 19.90
N PHE A 161 23.34 -4.32 18.88
CA PHE A 161 22.60 -4.05 17.65
C PHE A 161 21.31 -4.80 17.64
N VAL A 162 20.25 -4.03 17.71
CA VAL A 162 18.92 -4.57 17.83
C VAL A 162 18.18 -5.04 16.55
N GLY A 163 18.89 -5.30 15.45
CA GLY A 163 18.19 -5.73 14.25
C GLY A 163 17.99 -4.79 13.06
N ASP A 164 17.71 -5.32 11.87
CA ASP A 164 17.56 -4.55 10.63
C ASP A 164 18.88 -3.84 10.37
N LEU A 165 19.76 -4.49 9.64
CA LEU A 165 21.06 -3.91 9.39
C LEU A 165 21.25 -3.00 8.20
N SER A 166 20.77 -3.40 7.03
CA SER A 166 21.07 -2.60 5.84
C SER A 166 19.99 -2.35 4.87
N TYR A 167 18.88 -3.04 5.04
CA TYR A 167 17.74 -2.81 4.16
C TYR A 167 18.04 -3.03 2.69
N ALA A 168 18.99 -3.90 2.43
CA ALA A 168 19.32 -4.19 1.07
C ALA A 168 18.09 -4.78 0.44
N ASP A 169 17.27 -5.45 1.22
CA ASP A 169 16.09 -6.05 0.62
C ASP A 169 15.04 -5.08 0.12
N ARG A 170 15.30 -3.79 0.22
CA ARG A 170 14.31 -2.82 -0.27
C ARG A 170 14.63 -2.61 -1.71
N TYR A 171 15.90 -2.84 -2.03
CA TYR A 171 16.36 -2.72 -3.39
C TYR A 171 15.80 -3.90 -4.19
N PRO A 172 15.83 -3.82 -5.52
CA PRO A 172 15.31 -4.96 -6.31
C PRO A 172 16.22 -6.19 -6.31
N ASN A 173 15.61 -7.34 -6.08
CA ASN A 173 16.35 -8.60 -6.02
C ASN A 173 17.30 -8.48 -4.84
N HIS A 174 16.86 -7.63 -3.91
CA HIS A 174 17.60 -7.38 -2.70
C HIS A 174 19.04 -7.03 -3.03
N ASP A 175 19.26 -6.46 -4.20
CA ASP A 175 20.57 -6.10 -4.67
C ASP A 175 21.65 -6.20 -3.62
N ASN A 176 22.16 -7.42 -3.38
CA ASN A 176 23.20 -7.55 -2.34
C ASN A 176 24.39 -6.62 -2.37
N VAL A 177 24.50 -5.78 -3.37
CA VAL A 177 25.61 -4.85 -3.34
C VAL A 177 25.38 -4.01 -2.13
N ARG A 178 24.12 -3.62 -1.91
CA ARG A 178 23.77 -2.81 -0.75
C ARG A 178 24.22 -3.47 0.57
N TRP A 179 24.52 -4.76 0.55
CA TRP A 179 25.03 -5.42 1.74
C TRP A 179 26.52 -5.11 1.81
N ASP A 180 27.15 -5.05 0.64
CA ASP A 180 28.59 -4.72 0.56
C ASP A 180 28.80 -3.26 0.94
N THR A 181 27.94 -2.35 0.46
CA THR A 181 28.11 -0.95 0.82
C THR A 181 27.97 -0.77 2.32
N TRP A 182 26.92 -1.32 2.88
CA TRP A 182 26.68 -1.20 4.31
C TRP A 182 27.88 -1.70 5.10
N GLY A 183 28.45 -2.77 4.62
CA GLY A 183 29.56 -3.35 5.34
C GLY A 183 30.72 -2.41 5.42
N ARG A 184 30.93 -1.70 4.32
CA ARG A 184 31.98 -0.73 4.17
C ARG A 184 31.64 0.51 5.02
N PHE A 185 30.37 0.91 4.97
CA PHE A 185 29.87 2.05 5.70
C PHE A 185 30.18 1.94 7.16
N THR A 186 29.72 0.85 7.75
CA THR A 186 29.91 0.66 9.17
C THR A 186 31.31 0.24 9.65
N GLU A 187 32.21 -0.06 8.72
CA GLU A 187 33.56 -0.50 9.11
C GLU A 187 34.24 0.39 10.14
N ARG A 188 34.13 1.69 9.97
CA ARG A 188 34.77 2.62 10.88
C ARG A 188 34.47 2.37 12.33
N SER A 189 33.35 1.73 12.62
CA SER A 189 33.03 1.47 13.99
C SER A 189 33.36 0.04 14.31
N VAL A 190 32.72 -0.87 13.61
CA VAL A 190 32.90 -2.31 13.83
C VAL A 190 34.25 -2.95 13.69
N ALA A 191 35.16 -2.37 12.92
CA ALA A 191 36.48 -2.99 12.78
C ALA A 191 37.26 -2.78 14.06
N TYR A 192 36.78 -1.88 14.93
CA TYR A 192 37.46 -1.57 16.18
C TYR A 192 36.73 -1.94 17.46
N GLN A 193 35.42 -2.10 17.40
CA GLN A 193 34.70 -2.47 18.62
C GLN A 193 33.60 -3.40 18.20
N PRO A 194 33.38 -4.48 18.95
CA PRO A 194 32.33 -5.42 18.60
C PRO A 194 30.94 -4.86 18.59
N TRP A 195 30.10 -5.42 17.73
CA TRP A 195 28.69 -5.07 17.65
C TRP A 195 28.03 -6.44 17.89
N ILE A 196 27.07 -6.53 18.82
CA ILE A 196 26.43 -7.80 19.11
C ILE A 196 25.27 -7.86 18.15
N TRP A 197 25.19 -8.95 17.37
CA TRP A 197 24.16 -9.00 16.33
C TRP A 197 22.83 -9.61 16.60
N THR A 198 21.80 -8.94 16.13
CA THR A 198 20.45 -9.43 16.31
C THR A 198 19.70 -9.46 15.01
N ALA A 199 19.11 -10.61 14.74
CA ALA A 199 18.42 -10.77 13.49
C ALA A 199 17.13 -9.97 13.44
N GLY A 200 17.06 -9.08 12.47
CA GLY A 200 15.84 -8.34 12.30
C GLY A 200 14.99 -8.90 11.15
N ASN A 201 13.79 -8.39 10.96
CA ASN A 201 12.96 -8.90 9.89
C ASN A 201 13.54 -8.61 8.53
N HIS A 202 14.15 -7.45 8.39
CA HIS A 202 14.74 -7.17 7.10
C HIS A 202 15.84 -8.16 6.76
N GLU A 203 16.33 -8.88 7.77
CA GLU A 203 17.35 -9.90 7.59
C GLU A 203 16.82 -11.18 7.02
N ILE A 204 15.55 -11.50 7.30
CA ILE A 204 14.91 -12.70 6.81
C ILE A 204 15.08 -12.93 5.31
N GLU A 205 14.71 -11.93 4.50
CA GLU A 205 14.86 -12.03 3.05
C GLU A 205 14.30 -13.27 2.41
N PHE A 206 13.07 -13.56 2.73
CA PHE A 206 12.43 -14.72 2.13
C PHE A 206 11.94 -14.27 0.74
N ALA A 207 12.64 -14.64 -0.32
CA ALA A 207 12.26 -14.20 -1.65
C ALA A 207 11.97 -15.27 -2.66
N PRO A 208 10.87 -16.00 -2.47
CA PRO A 208 10.41 -17.09 -3.34
C PRO A 208 10.40 -16.69 -4.80
N GLU A 209 9.95 -15.49 -5.10
CA GLU A 209 9.87 -15.01 -6.46
C GLU A 209 11.17 -15.14 -7.19
N ILE A 210 12.25 -14.83 -6.51
CA ILE A 210 13.52 -14.91 -7.17
C ILE A 210 14.19 -16.16 -6.73
N ASN A 211 13.37 -17.09 -6.30
CA ASN A 211 13.85 -18.37 -5.88
C ASN A 211 14.84 -18.43 -4.73
N GLU A 212 14.75 -17.46 -3.83
CA GLU A 212 15.58 -17.41 -2.65
C GLU A 212 14.62 -17.74 -1.54
N THR A 213 14.80 -18.85 -0.88
CA THR A 213 13.86 -19.23 0.13
C THR A 213 14.44 -19.72 1.42
N GLU A 214 15.72 -19.45 1.65
CA GLU A 214 16.39 -19.86 2.86
C GLU A 214 16.53 -18.57 3.69
N PRO A 215 15.72 -18.44 4.72
CA PRO A 215 15.69 -17.29 5.62
C PRO A 215 17.06 -16.95 6.14
N PHE A 216 17.31 -15.64 6.23
CA PHE A 216 18.59 -15.13 6.73
C PHE A 216 19.85 -15.49 5.97
N LYS A 217 19.76 -15.86 4.70
CA LYS A 217 20.97 -16.25 3.98
C LYS A 217 22.09 -15.21 3.90
N PRO A 218 21.87 -14.12 3.20
CA PRO A 218 22.99 -13.18 3.13
C PRO A 218 23.46 -12.75 4.49
N PHE A 219 22.50 -12.55 5.39
CA PHE A 219 22.86 -12.11 6.73
C PHE A 219 23.79 -13.09 7.40
N SER A 220 23.39 -14.36 7.35
CA SER A 220 24.14 -15.41 7.99
C SER A 220 25.54 -15.60 7.42
N TYR A 221 25.76 -15.38 6.13
CA TYR A 221 27.10 -15.53 5.57
C TYR A 221 28.02 -14.41 5.99
N ARG A 222 27.46 -13.21 6.04
CA ARG A 222 28.25 -12.05 6.40
C ARG A 222 28.49 -11.81 7.88
N TYR A 223 27.49 -12.09 8.71
CA TYR A 223 27.63 -11.85 10.10
C TYR A 223 27.61 -13.12 10.92
N HIS A 224 28.68 -13.41 11.66
CA HIS A 224 28.73 -14.66 12.48
C HIS A 224 28.69 -14.36 13.95
N VAL A 225 28.20 -15.28 14.78
CA VAL A 225 28.14 -15.06 16.22
C VAL A 225 28.58 -16.33 16.94
N PRO A 226 29.08 -16.19 18.17
CA PRO A 226 29.54 -17.35 18.94
C PRO A 226 28.35 -18.01 19.51
N TYR A 227 27.46 -18.47 18.67
CA TYR A 227 26.29 -19.05 19.25
C TYR A 227 26.64 -20.31 19.99
N GLU A 228 27.61 -21.03 19.48
CA GLU A 228 27.96 -22.26 20.12
C GLU A 228 28.54 -22.02 21.50
N ALA A 229 28.97 -20.80 21.80
CA ALA A 229 29.53 -20.54 23.14
C ALA A 229 28.47 -20.78 24.23
N SER A 230 27.23 -20.33 24.00
CA SER A 230 26.07 -20.58 24.89
C SER A 230 25.80 -21.95 24.33
N GLN A 231 24.71 -22.61 24.59
CA GLN A 231 24.74 -23.88 23.89
C GLN A 231 23.71 -23.88 22.80
N SER A 232 23.60 -22.73 22.15
CA SER A 232 22.64 -22.56 21.07
C SER A 232 22.98 -23.44 19.89
N THR A 233 21.94 -23.87 19.17
CA THR A 233 22.13 -24.70 18.01
C THR A 233 21.85 -23.87 16.80
N SER A 234 21.87 -22.56 16.96
CA SER A 234 21.57 -21.67 15.85
C SER A 234 22.06 -20.32 16.18
N PRO A 235 22.61 -19.63 15.20
CA PRO A 235 23.15 -18.29 15.37
C PRO A 235 22.10 -17.25 15.62
N PHE A 236 20.84 -17.62 15.51
CA PHE A 236 19.78 -16.63 15.69
C PHE A 236 19.38 -16.27 17.10
N TRP A 237 19.99 -16.98 18.06
CA TRP A 237 19.77 -16.73 19.46
C TRP A 237 20.96 -17.27 20.20
N TYR A 238 21.47 -16.49 21.12
CA TYR A 238 22.62 -16.90 21.89
C TYR A 238 22.81 -15.90 23.02
N SER A 239 23.89 -16.00 23.74
CA SER A 239 24.14 -15.06 24.80
C SER A 239 25.61 -14.87 24.98
N ILE A 240 25.98 -13.76 25.58
CA ILE A 240 27.35 -13.50 25.84
C ILE A 240 27.39 -12.78 27.13
N LYS A 241 28.45 -13.04 27.89
CA LYS A 241 28.67 -12.38 29.16
C LYS A 241 29.80 -11.42 28.79
N ARG A 242 29.76 -10.20 29.30
CA ARG A 242 30.80 -9.23 29.01
C ARG A 242 30.79 -8.26 30.16
N ALA A 243 31.98 -7.88 30.61
CA ALA A 243 32.08 -6.99 31.75
C ALA A 243 31.16 -7.54 32.83
N SER A 244 30.18 -6.75 33.25
CA SER A 244 29.28 -7.19 34.30
C SER A 244 27.90 -7.62 33.82
N ALA A 245 27.65 -7.47 32.54
CA ALA A 245 26.35 -7.80 32.02
C ALA A 245 26.28 -9.19 31.43
N HIS A 246 25.08 -9.77 31.40
CA HIS A 246 24.80 -11.07 30.81
C HIS A 246 23.78 -10.74 29.72
N ILE A 247 24.15 -10.98 28.47
CA ILE A 247 23.26 -10.60 27.41
C ILE A 247 22.66 -11.78 26.69
N ILE A 248 21.33 -11.80 26.62
CA ILE A 248 20.61 -12.83 25.91
C ILE A 248 20.04 -12.17 24.67
N VAL A 249 20.22 -12.82 23.52
CA VAL A 249 19.73 -12.32 22.24
C VAL A 249 18.71 -13.29 21.72
N LEU A 250 17.52 -12.82 21.36
CA LEU A 250 16.49 -13.72 20.87
C LEU A 250 16.13 -13.44 19.40
N SER A 251 15.32 -14.30 18.79
CA SER A 251 14.94 -14.08 17.41
C SER A 251 13.43 -14.00 17.23
N SER A 252 12.89 -12.82 16.93
CA SER A 252 11.44 -12.62 16.78
C SER A 252 10.88 -13.39 15.58
N TYR A 253 11.73 -13.59 14.60
CA TYR A 253 11.28 -14.23 13.40
C TYR A 253 11.73 -15.67 13.26
N SER A 254 12.28 -16.21 14.33
CA SER A 254 12.67 -17.60 14.37
C SER A 254 11.47 -18.16 15.15
N ALA A 255 11.49 -19.39 15.64
CA ALA A 255 10.33 -19.90 16.38
C ALA A 255 10.50 -19.98 17.88
N TYR A 256 9.42 -19.71 18.62
CA TYR A 256 9.46 -19.77 20.08
C TYR A 256 8.41 -20.69 20.65
N GLY A 257 7.81 -21.54 19.82
CA GLY A 257 6.82 -22.45 20.32
C GLY A 257 7.35 -23.26 21.49
N ARG A 258 6.47 -23.80 22.28
CA ARG A 258 6.88 -24.54 23.44
C ARG A 258 7.50 -25.82 22.93
N GLY A 259 8.76 -26.03 23.26
CA GLY A 259 9.42 -27.24 22.83
C GLY A 259 10.35 -27.02 21.69
N THR A 260 10.12 -25.93 20.94
CA THR A 260 11.01 -25.60 19.82
C THR A 260 12.37 -25.26 20.41
N PRO A 261 13.41 -25.34 19.60
CA PRO A 261 14.75 -25.06 20.08
C PRO A 261 14.93 -23.68 20.70
N GLN A 262 14.45 -22.61 20.07
CA GLN A 262 14.68 -21.35 20.76
C GLN A 262 14.00 -21.38 22.12
N TYR A 263 12.77 -21.84 22.17
CA TYR A 263 12.06 -21.90 23.43
C TYR A 263 12.90 -22.70 24.45
N THR A 264 13.25 -23.92 24.10
CA THR A 264 14.02 -24.77 24.96
C THR A 264 15.28 -24.09 25.41
N TRP A 265 16.05 -23.51 24.51
CA TRP A 265 17.29 -22.84 24.92
C TRP A 265 17.04 -21.70 25.91
N LEU A 266 16.18 -20.71 25.59
CA LEU A 266 15.96 -19.59 26.49
C LEU A 266 15.63 -19.97 27.89
N LYS A 267 14.82 -21.01 28.06
CA LYS A 267 14.43 -21.43 29.38
C LYS A 267 15.66 -21.80 30.17
N LYS A 268 16.40 -22.78 29.68
CA LYS A 268 17.61 -23.28 30.31
C LYS A 268 18.62 -22.18 30.54
N GLU A 269 18.79 -21.35 29.54
CA GLU A 269 19.73 -20.28 29.63
C GLU A 269 19.41 -19.37 30.76
N LEU A 270 18.14 -19.03 30.93
CA LEU A 270 17.78 -18.13 32.01
C LEU A 270 18.20 -18.71 33.35
N ARG A 271 18.13 -20.03 33.48
CA ARG A 271 18.53 -20.68 34.72
C ARG A 271 20.06 -20.60 34.85
N LYS A 272 20.81 -20.43 33.77
CA LYS A 272 22.25 -20.39 33.91
C LYS A 272 22.81 -19.04 34.28
N VAL A 273 21.96 -18.04 34.42
CA VAL A 273 22.44 -16.69 34.74
C VAL A 273 22.85 -16.57 36.19
N LYS A 274 24.00 -15.98 36.47
CA LYS A 274 24.44 -15.81 37.87
C LYS A 274 24.57 -14.35 38.19
N ARG A 275 23.59 -13.78 38.87
CA ARG A 275 23.67 -12.35 39.16
C ARG A 275 24.81 -11.91 40.07
N SER A 276 25.34 -12.86 40.84
CA SER A 276 26.44 -12.59 41.75
C SER A 276 27.69 -12.40 40.92
N GLU A 277 27.65 -12.88 39.68
CA GLU A 277 28.77 -12.80 38.78
C GLU A 277 28.47 -11.73 37.78
N THR A 278 27.28 -11.71 37.20
CA THR A 278 26.94 -10.68 36.22
C THR A 278 25.67 -10.05 36.67
N PRO A 279 25.78 -8.98 37.46
CA PRO A 279 24.61 -8.27 37.99
C PRO A 279 23.58 -7.79 36.95
N TRP A 280 24.05 -7.31 35.80
CA TRP A 280 23.14 -6.80 34.78
C TRP A 280 22.65 -7.76 33.79
N LEU A 281 21.35 -8.00 33.77
CA LEU A 281 20.75 -8.95 32.83
C LEU A 281 19.98 -8.22 31.76
N ILE A 282 20.52 -8.21 30.53
CA ILE A 282 19.90 -7.53 29.39
C ILE A 282 19.43 -8.49 28.34
N VAL A 283 18.27 -8.21 27.76
CA VAL A 283 17.73 -9.04 26.69
C VAL A 283 17.55 -8.19 25.44
N LEU A 284 17.87 -8.78 24.28
CA LEU A 284 17.75 -8.10 22.98
C LEU A 284 16.77 -8.84 22.12
N MET A 285 16.05 -8.09 21.29
CA MET A 285 15.07 -8.63 20.34
C MET A 285 14.69 -7.49 19.38
N HIS A 286 14.16 -7.82 18.20
CA HIS A 286 13.82 -6.79 17.25
C HIS A 286 12.43 -6.21 17.49
N SER A 287 11.39 -7.04 17.39
CA SER A 287 9.99 -6.61 17.60
C SER A 287 9.79 -6.48 19.06
N PRO A 288 9.41 -5.28 19.51
CA PRO A 288 9.14 -4.92 20.91
C PRO A 288 7.84 -5.49 21.51
N LEU A 289 7.94 -6.00 22.75
CA LEU A 289 6.80 -6.58 23.48
C LEU A 289 5.79 -5.55 23.97
N TYR A 290 6.29 -4.37 24.42
CA TYR A 290 5.48 -3.22 24.87
C TYR A 290 5.77 -2.07 23.88
N ASN A 291 4.75 -1.63 23.14
CA ASN A 291 4.89 -0.57 22.12
C ASN A 291 3.62 0.26 21.97
N SER A 292 3.71 1.58 22.08
CA SER A 292 2.49 2.40 21.94
C SER A 292 2.39 3.19 20.66
N TYR A 293 3.21 2.89 19.66
CA TYR A 293 3.12 3.61 18.39
C TYR A 293 2.17 2.83 17.55
N ASN A 294 1.69 3.43 16.48
CA ASN A 294 0.73 2.73 15.64
C ASN A 294 1.42 1.70 14.79
N HIS A 295 2.58 2.07 14.25
CA HIS A 295 3.36 1.17 13.40
C HIS A 295 3.79 -0.07 14.16
N HIS A 296 3.41 -1.24 13.66
CA HIS A 296 3.72 -2.50 14.34
C HIS A 296 3.04 -2.63 15.69
N PHE A 297 2.03 -1.82 15.96
CA PHE A 297 1.36 -1.90 17.23
C PHE A 297 0.88 -3.32 17.44
N MET A 298 1.23 -3.90 18.60
CA MET A 298 0.86 -5.26 19.02
C MET A 298 1.44 -6.49 18.32
N GLU A 299 2.59 -6.37 17.65
CA GLU A 299 3.16 -7.52 16.97
C GLU A 299 3.85 -8.35 18.04
N GLY A 300 4.51 -7.69 18.99
CA GLY A 300 5.17 -8.43 20.06
C GLY A 300 4.25 -9.29 20.91
N GLU A 301 2.96 -9.13 20.75
CA GLU A 301 2.01 -9.90 21.52
C GLU A 301 2.34 -11.39 21.63
N ALA A 302 2.54 -12.06 20.50
CA ALA A 302 2.83 -13.49 20.53
C ALA A 302 4.05 -13.77 21.40
N MET A 303 5.23 -13.28 21.01
CA MET A 303 6.40 -13.56 21.84
C MET A 303 6.22 -13.12 23.27
N ARG A 304 5.33 -12.15 23.48
CA ARG A 304 5.07 -11.66 24.84
C ARG A 304 4.37 -12.73 25.60
N THR A 305 3.29 -13.28 25.02
CA THR A 305 2.52 -14.31 25.69
C THR A 305 3.40 -15.51 26.04
N LYS A 306 4.61 -15.55 25.49
CA LYS A 306 5.51 -16.66 25.72
C LYS A 306 6.65 -16.38 26.67
N PHE A 307 7.28 -15.22 26.58
CA PHE A 307 8.39 -15.00 27.46
C PHE A 307 8.29 -14.01 28.63
N GLU A 308 7.27 -13.14 28.65
CA GLU A 308 7.16 -12.14 29.70
C GLU A 308 7.34 -12.63 31.12
N ALA A 309 6.56 -13.62 31.50
CA ALA A 309 6.64 -14.20 32.83
C ALA A 309 8.08 -14.53 33.16
N TRP A 310 8.77 -15.20 32.24
CA TRP A 310 10.15 -15.56 32.47
C TRP A 310 10.97 -14.32 32.81
N PHE A 311 10.83 -13.27 32.00
CA PHE A 311 11.56 -12.06 32.25
C PHE A 311 11.27 -11.50 33.63
N VAL A 312 10.00 -11.48 34.01
CA VAL A 312 9.61 -10.94 35.32
C VAL A 312 10.17 -11.82 36.38
N LYS A 313 9.94 -13.10 36.20
CA LYS A 313 10.42 -14.08 37.12
C LYS A 313 11.92 -13.98 37.37
N TYR A 314 12.76 -13.76 36.35
CA TYR A 314 14.22 -13.68 36.54
C TYR A 314 14.74 -12.30 36.73
N LYS A 315 13.81 -11.39 36.80
CA LYS A 315 14.13 -10.01 37.03
C LYS A 315 15.09 -9.43 36.04
N VAL A 316 14.84 -9.61 34.76
CA VAL A 316 15.74 -9.02 33.80
C VAL A 316 15.61 -7.49 33.97
N ASP A 317 16.72 -6.78 33.86
CA ASP A 317 16.73 -5.32 34.00
C ASP A 317 16.14 -4.53 32.89
N VAL A 318 16.66 -4.68 31.68
CA VAL A 318 16.16 -3.95 30.51
C VAL A 318 15.90 -4.90 29.35
N VAL A 319 15.10 -4.46 28.39
CA VAL A 319 14.85 -5.23 27.18
C VAL A 319 14.88 -4.24 26.04
N PHE A 320 15.84 -4.36 25.15
CA PHE A 320 15.89 -3.40 24.06
C PHE A 320 15.35 -4.00 22.79
N ALA A 321 14.61 -3.23 22.01
CA ALA A 321 14.13 -3.72 20.73
C ALA A 321 14.30 -2.62 19.70
N GLY A 322 13.96 -2.91 18.44
CA GLY A 322 14.03 -1.92 17.40
C GLY A 322 12.68 -2.08 16.71
N HIS A 323 12.69 -2.15 15.39
CA HIS A 323 11.47 -2.36 14.65
C HIS A 323 10.52 -1.19 14.56
N VAL A 324 10.49 -0.31 15.54
CA VAL A 324 9.61 0.81 15.42
C VAL A 324 10.57 1.96 15.31
N HIS A 325 10.64 2.54 14.12
CA HIS A 325 11.56 3.67 13.86
C HIS A 325 11.16 4.90 14.65
N ALA A 326 11.49 4.88 15.95
CA ALA A 326 11.19 5.94 16.89
C ALA A 326 11.74 5.50 18.25
N TYR A 327 11.47 6.27 19.29
CA TYR A 327 11.97 5.94 20.60
C TYR A 327 10.82 5.85 21.60
N GLU A 328 10.98 5.01 22.62
CA GLU A 328 9.98 4.87 23.66
C GLU A 328 10.60 4.17 24.85
N ARG A 329 10.13 4.49 26.06
CA ARG A 329 10.64 3.94 27.31
C ARG A 329 9.43 3.60 28.15
N SER A 330 9.52 2.58 28.97
CA SER A 330 8.38 2.18 29.76
C SER A 330 8.57 2.12 31.22
N GLU A 331 7.47 1.89 31.91
CA GLU A 331 7.48 1.80 33.35
C GLU A 331 7.77 0.36 33.56
N ARG A 332 8.33 0.01 34.71
CA ARG A 332 8.58 -1.39 34.98
C ARG A 332 7.16 -1.87 35.13
N VAL A 333 6.74 -2.65 34.14
CA VAL A 333 5.40 -3.14 34.01
C VAL A 333 5.31 -4.60 33.57
N SER A 334 4.30 -5.28 34.10
CA SER A 334 4.04 -6.66 33.75
C SER A 334 2.58 -6.68 33.29
N ASN A 335 2.13 -7.84 32.82
CA ASN A 335 0.75 -8.03 32.39
C ASN A 335 0.68 -9.50 32.29
N ILE A 336 0.99 -10.14 33.39
CA ILE A 336 1.04 -11.55 33.34
C ILE A 336 -0.06 -12.19 34.13
N ALA A 337 -1.22 -11.52 34.19
CA ALA A 337 -2.29 -12.08 34.99
C ALA A 337 -3.45 -12.67 34.24
N TYR A 338 -3.59 -12.30 32.98
CA TYR A 338 -4.69 -12.78 32.18
C TYR A 338 -4.78 -14.27 32.07
N LYS A 339 -5.99 -14.77 32.20
CA LYS A 339 -6.28 -16.18 32.12
C LYS A 339 -7.58 -16.26 31.32
N ILE A 340 -7.64 -15.52 30.21
CA ILE A 340 -8.79 -15.48 29.32
C ILE A 340 -10.08 -14.83 29.85
N THR A 341 -10.83 -15.57 30.64
CA THR A 341 -12.07 -15.06 31.15
C THR A 341 -12.01 -14.20 32.39
N ASP A 342 -10.86 -14.12 33.03
CA ASP A 342 -10.80 -13.32 34.22
C ASP A 342 -10.60 -11.81 34.04
N GLY A 343 -10.68 -11.29 32.82
CA GLY A 343 -10.50 -9.85 32.64
C GLY A 343 -9.22 -9.11 33.11
N LEU A 344 -8.27 -9.80 33.72
CA LEU A 344 -7.04 -9.16 34.18
C LEU A 344 -6.03 -8.94 33.04
N CYS A 345 -6.50 -8.28 32.00
CA CYS A 345 -5.66 -8.04 30.89
C CYS A 345 -5.22 -6.62 30.77
N THR A 346 -4.74 -6.06 31.86
CA THR A 346 -4.25 -4.69 31.78
C THR A 346 -2.97 -4.55 32.57
N PRO A 347 -1.93 -3.99 31.92
CA PRO A 347 -0.60 -3.76 32.45
C PRO A 347 -0.67 -3.00 33.74
N VAL A 348 0.11 -3.49 34.70
CA VAL A 348 0.20 -2.90 36.03
C VAL A 348 1.67 -2.62 36.35
N LYS A 349 1.95 -1.68 37.23
CA LYS A 349 3.34 -1.48 37.55
C LYS A 349 3.76 -2.72 38.33
N ASP A 350 4.95 -3.19 38.09
CA ASP A 350 5.46 -4.39 38.75
C ASP A 350 6.95 -4.06 38.85
N GLN A 351 7.52 -4.09 40.03
CA GLN A 351 8.93 -3.75 40.13
C GLN A 351 9.91 -4.88 39.85
N SER A 352 9.41 -6.07 39.49
CA SER A 352 10.27 -7.19 39.13
C SER A 352 10.35 -7.22 37.63
N ALA A 353 9.51 -6.45 37.00
CA ALA A 353 9.50 -6.43 35.55
C ALA A 353 10.54 -5.48 35.10
N PRO A 354 11.11 -5.73 33.93
CA PRO A 354 12.14 -4.93 33.28
C PRO A 354 11.57 -3.70 32.66
N VAL A 355 12.44 -2.79 32.30
CA VAL A 355 12.04 -1.58 31.64
C VAL A 355 12.19 -1.93 30.14
N TYR A 356 11.11 -1.80 29.36
CA TYR A 356 11.20 -2.14 27.93
C TYR A 356 11.50 -0.86 27.18
N ILE A 357 12.65 -0.79 26.52
CA ILE A 357 13.03 0.40 25.75
C ILE A 357 13.05 -0.02 24.28
N THR A 358 12.71 0.89 23.37
CA THR A 358 12.75 0.53 21.96
C THR A 358 13.55 1.62 21.30
N ILE A 359 14.58 1.24 20.56
CA ILE A 359 15.43 2.21 19.89
C ILE A 359 15.61 1.95 18.40
N GLY A 360 14.55 1.62 17.70
CA GLY A 360 14.70 1.38 16.27
C GLY A 360 14.74 2.69 15.49
N ASP A 361 15.29 3.73 16.09
CA ASP A 361 15.32 5.02 15.41
C ASP A 361 16.71 5.47 14.98
N ALA A 362 17.59 4.56 14.57
CA ALA A 362 18.96 4.94 14.16
C ALA A 362 19.04 5.46 12.73
N GLY A 363 17.96 5.30 11.98
CA GLY A 363 17.99 5.84 10.63
C GLY A 363 17.20 5.17 9.53
N ASN A 364 17.31 3.85 9.44
CA ASN A 364 16.69 3.10 8.38
C ASN A 364 16.85 3.82 7.07
N TYR A 365 15.83 3.82 6.24
CA TYR A 365 15.96 4.49 4.97
C TYR A 365 15.52 5.94 5.09
N GLY A 366 15.81 6.51 6.26
CA GLY A 366 15.46 7.88 6.51
C GLY A 366 13.99 8.17 6.80
N VAL A 367 13.28 7.23 7.42
CA VAL A 367 11.89 7.50 7.71
C VAL A 367 11.58 7.19 9.16
N ILE A 368 10.93 8.16 9.83
CA ILE A 368 10.54 8.00 11.24
C ILE A 368 9.07 7.63 11.42
N ASP A 369 8.75 6.81 12.41
CA ASP A 369 7.36 6.46 12.69
C ASP A 369 6.96 7.47 13.72
N SER A 370 5.95 8.28 13.40
CA SER A 370 5.47 9.35 14.29
C SER A 370 4.06 9.12 14.79
N ASN A 371 3.26 8.36 14.04
CA ASN A 371 1.91 8.10 14.48
C ASN A 371 1.91 7.23 15.70
N MET A 372 1.40 7.80 16.76
CA MET A 372 1.35 7.06 17.97
C MET A 372 -0.02 7.10 18.52
N ILE A 373 -0.30 6.15 19.37
CA ILE A 373 -1.58 6.03 19.99
C ILE A 373 -1.88 7.15 20.98
N GLN A 374 -2.99 7.87 20.77
CA GLN A 374 -3.38 8.96 21.65
C GLN A 374 -4.49 8.48 22.52
N PRO A 375 -4.36 8.60 23.83
CA PRO A 375 -3.23 9.15 24.54
C PRO A 375 -2.22 8.12 25.06
N GLN A 376 -1.02 8.60 25.32
CA GLN A 376 0.07 7.79 25.82
C GLN A 376 -0.41 7.04 27.03
N PRO A 377 -0.48 5.73 26.93
CA PRO A 377 -0.92 4.88 28.03
C PRO A 377 -0.01 4.86 29.23
N GLU A 378 -0.58 4.46 30.36
CA GLU A 378 0.16 4.36 31.60
C GLU A 378 1.49 3.65 31.47
N TYR A 379 1.51 2.47 30.86
CA TYR A 379 2.75 1.73 30.77
C TYR A 379 3.90 2.50 30.12
N SER A 380 3.56 3.41 29.21
CA SER A 380 4.56 4.17 28.48
C SER A 380 5.13 5.30 29.31
N ALA A 381 6.41 5.26 29.60
CA ALA A 381 7.03 6.32 30.41
C ALA A 381 7.47 7.53 29.64
N PHE A 382 7.92 7.35 28.41
CA PHE A 382 8.40 8.47 27.63
C PHE A 382 8.53 8.06 26.17
N ARG A 383 8.02 8.84 25.24
CA ARG A 383 8.16 8.39 23.87
C ARG A 383 8.34 9.55 22.98
N GLU A 384 9.13 9.36 21.93
CA GLU A 384 9.39 10.41 20.95
C GLU A 384 9.84 9.87 19.60
N ALA A 385 9.35 10.51 18.56
CA ALA A 385 9.67 10.14 17.20
C ALA A 385 10.84 10.93 16.65
N SER A 386 12.06 10.63 17.09
CA SER A 386 13.24 11.31 16.57
C SER A 386 14.31 10.32 16.24
N PHE A 387 15.24 10.67 15.39
CA PHE A 387 16.31 9.73 15.11
C PHE A 387 17.36 9.88 16.21
N GLY A 388 17.98 8.77 16.59
CA GLY A 388 19.01 8.80 17.62
C GLY A 388 19.58 7.43 17.93
N HIS A 389 20.41 7.35 18.96
CA HIS A 389 21.00 6.09 19.42
C HIS A 389 20.92 6.16 20.92
N GLY A 390 21.41 5.14 21.64
CA GLY A 390 21.35 5.18 23.08
C GLY A 390 22.64 4.69 23.70
N MET A 391 22.78 4.88 25.02
CA MET A 391 23.98 4.42 25.70
C MET A 391 23.44 3.85 26.98
N PHE A 392 24.02 2.76 27.44
CA PHE A 392 23.59 2.14 28.69
C PHE A 392 24.88 1.95 29.44
N ASP A 393 25.17 2.93 30.28
CA ASP A 393 26.39 3.01 31.06
C ASP A 393 26.34 2.35 32.40
N ILE A 394 26.92 1.17 32.48
CA ILE A 394 26.94 0.47 33.72
C ILE A 394 27.97 1.06 34.67
N LYS A 395 27.54 1.35 35.89
CA LYS A 395 28.39 1.94 36.92
C LYS A 395 28.80 0.95 38.01
N ASN A 396 27.86 0.52 38.83
CA ASN A 396 28.17 -0.42 39.91
C ASN A 396 27.30 -1.61 39.58
N ARG A 397 27.11 -2.47 40.58
CA ARG A 397 26.23 -3.64 40.47
C ARG A 397 24.82 -3.17 40.79
N THR A 398 24.69 -1.89 41.17
CA THR A 398 23.42 -1.30 41.52
C THR A 398 23.00 -0.21 40.59
N HIS A 399 23.97 0.48 40.02
CA HIS A 399 23.63 1.57 39.10
C HIS A 399 24.10 1.42 37.69
N ALA A 400 23.25 1.88 36.79
CA ALA A 400 23.50 1.87 35.35
C ALA A 400 22.70 3.02 34.85
N HIS A 401 23.32 3.87 34.06
CA HIS A 401 22.61 5.02 33.58
C HIS A 401 22.30 5.06 32.06
N PHE A 402 21.04 4.88 31.70
CA PHE A 402 20.66 4.89 30.30
C PHE A 402 20.51 6.33 29.83
N SER A 403 20.72 6.59 28.56
CA SER A 403 20.64 7.95 28.01
C SER A 403 20.12 7.80 26.59
N TRP A 404 19.61 8.88 26.02
CA TRP A 404 19.09 8.82 24.65
C TRP A 404 19.42 10.11 23.95
N ASN A 405 20.39 10.08 23.04
CA ASN A 405 20.77 11.30 22.35
C ASN A 405 20.03 11.52 21.05
N ARG A 406 19.37 12.66 20.87
CA ARG A 406 18.66 12.86 19.60
C ARG A 406 19.59 13.35 18.57
N ASN A 407 19.29 13.04 17.33
CA ASN A 407 20.17 13.45 16.23
C ASN A 407 20.15 14.95 16.06
N GLN A 408 19.03 15.57 16.47
CA GLN A 408 18.86 17.01 16.38
C GLN A 408 19.78 17.73 17.39
N ASP A 409 19.92 17.13 18.56
CA ASP A 409 20.74 17.69 19.63
C ASP A 409 22.21 17.62 19.29
N GLY A 410 23.00 18.24 20.13
CA GLY A 410 24.42 18.20 19.91
C GLY A 410 24.83 16.90 20.55
N VAL A 411 25.97 16.42 20.12
CA VAL A 411 26.54 15.19 20.58
C VAL A 411 26.40 14.83 22.06
N ALA A 412 26.53 15.80 22.94
CA ALA A 412 26.45 15.49 24.37
C ALA A 412 25.10 15.76 25.07
N VAL A 413 24.08 16.07 24.30
CA VAL A 413 22.79 16.38 24.84
C VAL A 413 21.92 15.16 25.06
N GLU A 414 21.66 14.86 26.31
CA GLU A 414 20.83 13.71 26.58
C GLU A 414 19.31 13.98 26.49
N ALA A 415 18.71 13.93 25.30
CA ALA A 415 17.28 14.18 25.19
C ALA A 415 16.40 13.40 26.20
N ASP A 416 16.91 12.30 26.73
CA ASP A 416 16.19 11.53 27.74
C ASP A 416 17.29 10.88 28.54
N SER A 417 17.03 10.57 29.80
CA SER A 417 18.06 10.05 30.70
C SER A 417 17.38 9.36 31.87
N VAL A 418 17.93 8.22 32.30
CA VAL A 418 17.32 7.45 33.37
C VAL A 418 18.34 6.62 34.17
N TRP A 419 18.15 6.52 35.49
CA TRP A 419 19.06 5.73 36.27
C TRP A 419 18.39 4.43 36.48
N PHE A 420 19.13 3.36 36.30
CA PHE A 420 18.59 2.03 36.46
C PHE A 420 19.05 1.46 37.81
N PHE A 421 18.10 0.97 38.57
CA PHE A 421 18.42 0.36 39.83
C PHE A 421 18.34 -1.09 39.61
N ASN A 422 19.44 -1.77 39.92
CA ASN A 422 19.53 -3.21 39.67
C ASN A 422 18.42 -4.07 40.28
N ARG A 423 17.56 -4.62 39.43
CA ARG A 423 16.44 -5.45 39.91
C ARG A 423 16.88 -6.49 40.94
N HIS A 424 18.16 -6.83 40.96
CA HIS A 424 18.60 -7.81 41.90
C HIS A 424 19.31 -7.31 43.14
N TRP A 425 20.21 -6.36 42.96
CA TRP A 425 20.98 -5.86 44.08
C TRP A 425 20.35 -4.67 44.74
N TYR A 426 19.54 -3.95 43.99
CA TYR A 426 19.01 -2.75 44.57
C TYR A 426 17.71 -2.41 43.94
N PRO A 427 16.73 -3.25 44.15
CA PRO A 427 15.38 -3.15 43.63
C PRO A 427 14.53 -1.99 44.06
N VAL A 428 15.06 -0.78 44.09
CA VAL A 428 14.18 0.30 44.50
C VAL A 428 13.49 0.93 43.30
N ASP A 429 12.32 1.55 43.51
CA ASP A 429 11.57 2.16 42.42
C ASP A 429 12.35 3.25 41.68
N ASP A 430 12.83 2.93 40.47
CA ASP A 430 13.55 3.88 39.61
C ASP A 430 12.54 4.49 38.63
N SER A 431 11.27 4.14 38.84
CA SER A 431 10.20 4.57 37.98
C SER A 431 9.79 6.01 38.19
N THR A 432 9.36 6.60 37.07
CA THR A 432 8.91 7.99 36.97
C THR A 432 8.13 8.18 35.63
N ARG B 9 -52.13 16.68 -18.03
CA ARG B 9 -51.74 15.35 -17.45
C ARG B 9 -52.32 15.07 -16.05
N ASP B 10 -52.22 16.09 -15.18
CA ASP B 10 -52.74 15.98 -13.83
C ASP B 10 -54.22 16.06 -13.96
N MET B 11 -54.89 15.19 -13.24
CA MET B 11 -56.33 15.21 -13.25
C MET B 11 -56.75 16.65 -12.99
N PRO B 12 -57.66 17.14 -13.80
CA PRO B 12 -58.20 18.49 -13.73
C PRO B 12 -59.01 18.67 -12.43
N LEU B 13 -59.32 19.93 -12.10
CA LEU B 13 -60.05 20.27 -10.86
C LEU B 13 -61.42 19.67 -10.65
N ASP B 14 -62.17 19.50 -11.73
CA ASP B 14 -63.51 18.91 -11.64
C ASP B 14 -63.54 17.42 -11.27
N SER B 15 -62.45 16.74 -11.59
CA SER B 15 -62.29 15.31 -11.36
C SER B 15 -63.05 14.85 -10.14
N ASP B 16 -63.86 13.84 -10.36
CA ASP B 16 -64.68 13.27 -9.31
C ASP B 16 -63.94 12.98 -8.05
N VAL B 17 -62.66 12.74 -8.26
CA VAL B 17 -61.77 12.38 -7.19
C VAL B 17 -61.56 13.57 -6.24
N PHE B 18 -61.54 14.78 -6.82
CA PHE B 18 -61.35 16.01 -6.07
C PHE B 18 -62.64 16.62 -5.48
N ARG B 19 -63.76 15.90 -5.54
CA ARG B 19 -65.00 16.45 -5.00
C ARG B 19 -65.02 16.70 -3.50
N VAL B 20 -65.66 17.80 -3.11
CA VAL B 20 -65.79 18.19 -1.70
C VAL B 20 -67.03 17.65 -1.03
N PRO B 21 -66.83 16.92 0.05
CA PRO B 21 -67.92 16.34 0.81
C PRO B 21 -68.92 17.41 1.10
N PRO B 22 -70.17 17.10 0.83
CA PRO B 22 -71.34 17.96 1.03
C PRO B 22 -71.58 18.13 2.50
N GLY B 23 -72.07 19.31 2.85
CA GLY B 23 -72.36 19.64 4.25
C GLY B 23 -71.70 20.94 4.59
N TYR B 24 -72.32 21.73 5.47
CA TYR B 24 -71.72 23.00 5.81
C TYR B 24 -70.59 22.72 6.75
N ASN B 25 -69.40 23.15 6.33
CA ASN B 25 -68.18 23.01 7.11
C ASN B 25 -68.00 21.51 7.33
N ALA B 26 -67.92 20.84 6.19
CA ALA B 26 -67.77 19.40 6.17
C ALA B 26 -66.31 19.13 6.22
N PRO B 27 -65.88 18.38 7.25
CA PRO B 27 -64.47 18.05 7.40
C PRO B 27 -63.96 17.39 6.15
N GLN B 28 -63.01 18.01 5.50
CA GLN B 28 -62.48 17.41 4.31
C GLN B 28 -61.00 17.11 4.51
N GLN B 29 -60.42 16.47 3.50
CA GLN B 29 -59.00 16.09 3.48
C GLN B 29 -58.60 15.31 4.72
N VAL B 30 -59.52 14.53 5.30
CA VAL B 30 -59.23 13.71 6.49
C VAL B 30 -58.05 12.78 6.17
N HIS B 31 -57.14 12.61 7.13
CA HIS B 31 -55.95 11.76 6.95
C HIS B 31 -55.30 11.45 8.28
N ILE B 32 -54.96 10.19 8.50
CA ILE B 32 -54.37 9.77 9.77
C ILE B 32 -52.95 9.23 9.63
N THR B 33 -52.25 9.03 10.76
CA THR B 33 -50.85 8.48 10.85
C THR B 33 -50.61 7.99 12.25
N GLN B 34 -49.50 7.29 12.43
CA GLN B 34 -49.19 6.79 13.75
C GLN B 34 -48.87 7.93 14.69
N GLY B 35 -49.49 7.92 15.86
CA GLY B 35 -49.25 9.00 16.77
C GLY B 35 -48.18 8.78 17.80
N ASP B 36 -47.76 7.56 18.02
CA ASP B 36 -46.75 7.36 19.04
C ASP B 36 -45.63 6.53 18.48
N LEU B 37 -44.84 6.00 19.38
CA LEU B 37 -43.72 5.17 18.96
C LEU B 37 -44.03 3.72 18.64
N VAL B 38 -44.97 3.14 19.37
CA VAL B 38 -45.23 1.73 19.19
C VAL B 38 -46.59 1.24 18.66
N GLY B 39 -47.44 2.19 18.26
CA GLY B 39 -48.72 1.79 17.70
C GLY B 39 -50.03 2.12 18.38
N ARG B 40 -50.02 2.60 19.62
CA ARG B 40 -51.29 2.88 20.26
C ARG B 40 -51.69 4.35 20.32
N ALA B 41 -51.56 5.03 19.18
CA ALA B 41 -51.91 6.43 19.12
C ALA B 41 -52.03 6.75 17.65
N MET B 42 -52.98 7.61 17.31
CA MET B 42 -53.21 8.02 15.94
C MET B 42 -53.32 9.50 15.87
N ILE B 43 -52.93 10.08 14.76
CA ILE B 43 -53.06 11.49 14.64
C ILE B 43 -54.10 11.70 13.57
N ILE B 44 -55.23 12.25 13.95
CA ILE B 44 -56.26 12.51 12.99
C ILE B 44 -56.14 13.96 12.51
N SER B 45 -56.12 14.17 11.21
CA SER B 45 -55.97 15.52 10.72
C SER B 45 -57.02 15.79 9.66
N TRP B 46 -57.64 16.96 9.67
CA TRP B 46 -58.60 17.27 8.63
C TRP B 46 -58.67 18.75 8.41
N VAL B 47 -59.48 19.19 7.48
CA VAL B 47 -59.57 20.60 7.20
C VAL B 47 -61.01 21.01 7.12
N THR B 48 -61.37 22.15 7.68
CA THR B 48 -62.74 22.66 7.58
C THR B 48 -62.52 23.92 6.80
N MET B 49 -63.39 24.22 5.87
CA MET B 49 -63.22 25.40 5.04
C MET B 49 -64.14 26.59 5.28
N ASP B 50 -65.30 26.30 5.88
CA ASP B 50 -66.32 27.33 6.13
C ASP B 50 -66.03 28.19 7.31
N GLU B 51 -65.80 27.54 8.43
CA GLU B 51 -65.46 28.27 9.60
C GLU B 51 -64.64 27.29 10.44
N PRO B 52 -63.84 27.83 11.36
CA PRO B 52 -62.98 27.08 12.26
C PRO B 52 -63.45 25.71 12.67
N GLY B 53 -64.58 25.64 13.33
CA GLY B 53 -65.11 24.35 13.75
C GLY B 53 -64.45 23.79 15.00
N SER B 54 -64.86 22.61 15.44
CA SER B 54 -64.30 21.97 16.64
C SER B 54 -63.21 20.99 16.31
N SER B 55 -62.12 21.04 17.05
CA SER B 55 -61.04 20.12 16.80
C SER B 55 -61.18 18.87 17.64
N ALA B 56 -62.40 18.58 18.12
CA ALA B 56 -62.61 17.36 18.91
C ALA B 56 -62.85 16.19 17.96
N VAL B 57 -62.54 14.98 18.42
CA VAL B 57 -62.71 13.78 17.63
C VAL B 57 -63.42 12.78 18.50
N ARG B 58 -64.48 12.19 17.96
CA ARG B 58 -65.21 11.22 18.74
C ARG B 58 -64.78 9.87 18.27
N TYR B 59 -64.42 8.98 19.20
CA TYR B 59 -63.98 7.65 18.80
C TYR B 59 -64.36 6.61 19.82
N TRP B 60 -64.45 5.37 19.37
CA TRP B 60 -64.80 4.24 20.23
C TRP B 60 -64.39 2.96 19.51
N SER B 61 -64.29 1.87 20.27
CA SER B 61 -63.91 0.60 19.66
C SER B 61 -65.15 -0.13 19.23
N GLU B 62 -65.02 -1.00 18.25
CA GLU B 62 -66.18 -1.77 17.77
C GLU B 62 -66.85 -2.54 18.92
N LYS B 63 -66.05 -3.28 19.68
CA LYS B 63 -66.49 -4.09 20.83
C LYS B 63 -67.12 -3.24 21.94
N ASN B 64 -66.29 -2.51 22.66
CA ASN B 64 -66.75 -1.64 23.73
C ASN B 64 -67.07 -0.29 23.09
N GLY B 65 -68.32 -0.14 22.70
CA GLY B 65 -68.77 1.09 22.07
C GLY B 65 -68.82 2.32 22.97
N ARG B 66 -67.96 2.39 24.00
CA ARG B 66 -67.97 3.56 24.88
C ARG B 66 -67.33 4.68 24.08
N LYS B 67 -68.14 5.67 23.71
CA LYS B 67 -67.65 6.77 22.89
C LYS B 67 -66.90 7.75 23.74
N ARG B 68 -65.69 8.10 23.28
CA ARG B 68 -64.82 9.04 23.99
C ARG B 68 -64.46 10.21 23.07
N ILE B 69 -63.98 11.30 23.66
CA ILE B 69 -63.62 12.46 22.87
C ILE B 69 -62.21 12.93 23.09
N ALA B 70 -61.54 13.27 22.00
CA ALA B 70 -60.19 13.77 22.07
C ALA B 70 -60.20 15.14 21.47
N LYS B 71 -59.53 16.09 22.11
CA LYS B 71 -59.51 17.44 21.62
C LYS B 71 -58.16 17.78 21.01
N GLY B 72 -58.16 18.35 19.83
CA GLY B 72 -56.94 18.72 19.15
C GLY B 72 -56.68 20.22 19.08
N LYS B 73 -55.93 20.64 18.08
CA LYS B 73 -55.61 22.05 17.93
C LYS B 73 -55.84 22.47 16.47
N MET B 74 -56.19 23.73 16.24
CA MET B 74 -56.45 24.15 14.89
C MET B 74 -55.48 25.22 14.47
N SER B 75 -55.05 25.18 13.23
CA SER B 75 -54.09 26.16 12.76
C SER B 75 -54.36 26.55 11.34
N THR B 76 -53.68 27.57 10.86
CA THR B 76 -53.91 28.03 9.49
C THR B 76 -52.66 28.66 9.02
N TYR B 77 -52.47 28.77 7.71
CA TYR B 77 -51.27 29.41 7.17
C TYR B 77 -51.60 30.16 5.94
N ARG B 78 -50.68 30.97 5.49
CA ARG B 78 -50.91 31.72 4.29
C ARG B 78 -49.73 31.33 3.50
N PHE B 79 -49.90 31.09 2.19
CA PHE B 79 -48.75 30.77 1.39
C PHE B 79 -48.30 31.99 0.66
N PHE B 80 -48.95 32.36 -0.43
CA PHE B 80 -48.50 33.60 -1.04
C PHE B 80 -49.78 34.44 -1.05
N ASN B 81 -50.58 34.35 -2.10
CA ASN B 81 -51.82 35.04 -2.09
C ASN B 81 -52.85 33.94 -1.74
N TYR B 82 -52.36 32.87 -1.12
CA TYR B 82 -53.20 31.74 -0.69
C TYR B 82 -53.46 31.84 0.82
N SER B 83 -54.48 31.14 1.32
CA SER B 83 -54.88 31.13 2.74
C SER B 83 -55.59 29.85 3.03
N SER B 84 -55.01 29.07 3.91
CA SER B 84 -55.55 27.77 4.22
C SER B 84 -56.91 27.86 4.84
N GLY B 85 -57.56 26.73 4.93
CA GLY B 85 -58.84 26.70 5.60
C GLY B 85 -58.36 26.41 6.99
N PHE B 86 -59.23 25.93 7.83
CA PHE B 86 -58.80 25.66 9.18
C PHE B 86 -58.33 24.24 9.33
N ILE B 87 -57.05 24.11 9.60
CA ILE B 87 -56.43 22.81 9.71
C ILE B 87 -56.56 22.29 11.12
N HIS B 88 -56.83 21.01 11.25
CA HIS B 88 -57.00 20.44 12.58
C HIS B 88 -56.17 19.19 12.75
N HIS B 89 -55.58 19.01 13.92
CA HIS B 89 -54.78 17.85 14.21
C HIS B 89 -55.05 17.43 15.67
N THR B 90 -55.66 16.28 15.83
CA THR B 90 -55.95 15.76 17.15
C THR B 90 -55.26 14.43 17.26
N THR B 91 -54.83 14.10 18.47
CA THR B 91 -54.12 12.87 18.67
C THR B 91 -54.84 11.94 19.63
N ILE B 92 -55.35 10.84 19.12
CA ILE B 92 -56.03 9.90 19.99
C ILE B 92 -54.95 9.04 20.54
N ARG B 93 -54.99 8.76 21.82
CA ARG B 93 -53.96 7.92 22.36
C ARG B 93 -54.46 6.86 23.27
N LYS B 94 -53.55 6.01 23.71
CA LYS B 94 -53.87 4.89 24.58
C LYS B 94 -54.89 3.93 23.96
N LEU B 95 -54.79 3.69 22.66
CA LEU B 95 -55.69 2.78 21.99
C LEU B 95 -55.27 1.37 22.34
N LYS B 96 -56.16 0.41 22.15
CA LYS B 96 -55.83 -0.98 22.42
C LYS B 96 -55.26 -1.50 21.13
N TYR B 97 -54.33 -2.44 21.20
CA TYR B 97 -53.75 -2.97 19.97
C TYR B 97 -54.73 -3.84 19.23
N ASN B 98 -54.55 -3.91 17.93
CA ASN B 98 -55.40 -4.73 17.08
C ASN B 98 -56.88 -4.50 17.41
N THR B 99 -57.39 -3.34 17.08
CA THR B 99 -58.78 -3.06 17.35
C THR B 99 -59.31 -2.11 16.31
N LYS B 100 -60.54 -2.37 15.88
CA LYS B 100 -61.11 -1.48 14.91
C LYS B 100 -61.62 -0.34 15.74
N TYR B 101 -61.39 0.85 15.26
CA TYR B 101 -61.84 2.01 15.96
C TYR B 101 -62.67 2.86 15.04
N TYR B 102 -63.69 3.48 15.62
CA TYR B 102 -64.56 4.35 14.87
C TYR B 102 -64.35 5.74 15.37
N TYR B 103 -64.13 6.65 14.42
CA TYR B 103 -63.93 8.04 14.76
C TYR B 103 -64.76 8.93 13.84
N GLU B 104 -65.37 9.94 14.47
CA GLU B 104 -66.20 10.92 13.79
C GLU B 104 -65.49 12.23 13.98
N VAL B 105 -65.58 13.06 12.95
CA VAL B 105 -64.89 14.31 12.92
C VAL B 105 -65.82 15.36 12.31
N GLY B 106 -65.87 16.54 12.92
CA GLY B 106 -66.76 17.58 12.44
C GLY B 106 -68.03 17.59 13.28
N LEU B 107 -67.86 17.48 14.60
CA LEU B 107 -68.97 17.41 15.53
C LEU B 107 -69.93 18.56 15.56
N ARG B 108 -69.45 19.78 15.33
CA ARG B 108 -70.33 20.94 15.39
C ARG B 108 -71.34 21.02 14.27
N ASN B 109 -70.91 20.84 13.04
CA ASN B 109 -71.87 20.91 11.99
C ASN B 109 -72.10 19.62 11.24
N THR B 110 -71.28 19.29 10.26
CA THR B 110 -71.54 18.04 9.57
C THR B 110 -70.49 17.00 9.90
N THR B 111 -70.89 16.02 10.70
CA THR B 111 -70.02 14.95 11.16
C THR B 111 -69.73 13.84 10.15
N ARG B 112 -68.49 13.39 10.04
CA ARG B 112 -68.14 12.31 9.14
C ARG B 112 -67.47 11.22 9.94
N ARG B 113 -67.87 9.97 9.67
CA ARG B 113 -67.36 8.82 10.39
C ARG B 113 -66.34 8.04 9.58
N PHE B 114 -65.34 7.51 10.28
CA PHE B 114 -64.30 6.68 9.67
C PHE B 114 -63.89 5.61 10.67
N SER B 115 -62.97 4.75 10.23
CA SER B 115 -62.49 3.69 11.08
C SER B 115 -61.06 3.35 10.72
N PHE B 116 -60.30 2.93 11.73
CA PHE B 116 -58.92 2.52 11.55
C PHE B 116 -58.72 1.36 12.53
N ILE B 117 -57.69 0.55 12.29
CA ILE B 117 -57.46 -0.56 13.19
C ILE B 117 -56.08 -0.48 13.75
N THR B 118 -56.01 -0.45 15.07
CA THR B 118 -54.71 -0.39 15.71
C THR B 118 -53.95 -1.63 15.27
N PRO B 119 -52.62 -1.53 15.13
CA PRO B 119 -51.90 -2.72 14.71
C PRO B 119 -51.62 -3.62 15.90
N PRO B 120 -51.01 -4.77 15.62
CA PRO B 120 -50.68 -5.70 16.68
C PRO B 120 -49.53 -5.15 17.48
N GLN B 121 -49.39 -5.71 18.68
CA GLN B 121 -48.34 -5.34 19.59
C GLN B 121 -47.02 -5.74 18.98
N THR B 122 -46.01 -4.89 19.13
CA THR B 122 -44.66 -5.13 18.60
C THR B 122 -44.18 -6.55 18.90
N GLY B 123 -43.69 -7.22 17.89
CA GLY B 123 -43.24 -8.57 18.14
C GLY B 123 -42.28 -9.13 17.14
N LEU B 124 -41.61 -10.19 17.55
CA LEU B 124 -40.61 -10.86 16.76
C LEU B 124 -41.14 -11.47 15.49
N ASP B 125 -42.23 -12.22 15.62
CA ASP B 125 -42.84 -12.89 14.48
C ASP B 125 -44.20 -12.33 14.09
N VAL B 126 -44.46 -11.06 14.38
CA VAL B 126 -45.73 -10.44 14.04
C VAL B 126 -45.69 -10.00 12.57
N PRO B 127 -46.54 -10.58 11.70
CA PRO B 127 -46.58 -10.25 10.27
C PRO B 127 -47.35 -8.96 10.08
N TYR B 128 -47.08 -8.31 8.97
CA TYR B 128 -47.75 -7.07 8.68
C TYR B 128 -47.38 -6.80 7.25
N THR B 129 -48.21 -6.05 6.55
CA THR B 129 -47.91 -5.77 5.17
C THR B 129 -47.96 -4.27 4.86
N PHE B 130 -46.83 -3.75 4.42
CA PHE B 130 -46.71 -2.34 4.12
C PHE B 130 -46.80 -2.11 2.67
N GLY B 131 -47.44 -1.03 2.29
CA GLY B 131 -47.54 -0.72 0.88
C GLY B 131 -46.46 0.30 0.68
N LEU B 132 -45.84 0.32 -0.48
CA LEU B 132 -44.82 1.30 -0.75
C LEU B 132 -45.30 2.11 -1.90
N ILE B 133 -45.43 3.41 -1.70
CA ILE B 133 -45.86 4.33 -2.76
C ILE B 133 -44.98 5.50 -2.59
N GLY B 134 -44.54 6.08 -3.68
CA GLY B 134 -43.66 7.19 -3.51
C GLY B 134 -43.83 8.03 -4.72
N ASP B 135 -43.72 9.34 -4.56
CA ASP B 135 -43.83 10.25 -5.68
C ASP B 135 -45.19 10.19 -6.33
N LEU B 136 -46.24 10.07 -5.51
CA LEU B 136 -47.62 9.94 -5.99
C LEU B 136 -48.15 11.04 -6.90
N GLY B 137 -48.15 12.30 -6.45
CA GLY B 137 -48.67 13.38 -7.30
C GLY B 137 -50.17 13.26 -7.53
N GLN B 138 -50.68 13.97 -8.54
CA GLN B 138 -52.13 13.87 -8.84
C GLN B 138 -52.50 13.76 -10.34
N SER B 139 -51.69 13.01 -11.08
CA SER B 139 -51.96 12.78 -12.50
C SER B 139 -52.95 11.62 -12.51
N PHE B 140 -53.40 11.24 -13.70
CA PHE B 140 -54.35 10.12 -13.78
C PHE B 140 -53.67 8.84 -13.30
N ASP B 141 -52.42 8.72 -13.71
CA ASP B 141 -51.61 7.60 -13.37
C ASP B 141 -51.67 7.42 -11.89
N SER B 142 -51.52 8.51 -11.17
CA SER B 142 -51.53 8.48 -9.73
C SER B 142 -52.80 7.83 -9.29
N ASN B 143 -53.91 8.18 -9.95
CA ASN B 143 -55.20 7.65 -9.56
C ASN B 143 -55.13 6.16 -9.68
N THR B 144 -54.60 5.74 -10.81
CA THR B 144 -54.49 4.34 -11.10
C THR B 144 -53.71 3.58 -10.00
N THR B 145 -52.52 4.05 -9.68
CA THR B 145 -51.69 3.40 -8.66
C THR B 145 -52.49 3.26 -7.39
N LEU B 146 -53.00 4.37 -6.92
CA LEU B 146 -53.76 4.33 -5.70
C LEU B 146 -54.81 3.22 -5.75
N SER B 147 -55.44 3.05 -6.89
CA SER B 147 -56.46 2.01 -6.99
C SER B 147 -55.82 0.62 -7.00
N HIS B 148 -54.72 0.47 -7.73
CA HIS B 148 -54.06 -0.83 -7.75
C HIS B 148 -53.72 -1.23 -6.33
N TYR B 149 -53.20 -0.26 -5.56
CA TYR B 149 -52.82 -0.58 -4.20
C TYR B 149 -54.07 -0.89 -3.41
N GLU B 150 -55.12 -0.16 -3.72
CA GLU B 150 -56.37 -0.35 -3.01
C GLU B 150 -56.90 -1.74 -3.24
N LEU B 151 -56.39 -2.38 -4.28
CA LEU B 151 -56.88 -3.70 -4.62
C LEU B 151 -55.95 -4.88 -4.49
N SER B 152 -54.64 -4.64 -4.35
CA SER B 152 -53.70 -5.75 -4.20
C SER B 152 -54.36 -6.74 -3.26
N PRO B 153 -54.53 -7.99 -3.73
CA PRO B 153 -55.14 -9.07 -2.96
C PRO B 153 -54.51 -9.22 -1.56
N LYS B 154 -53.18 -9.20 -1.52
CA LYS B 154 -52.49 -9.19 -0.23
C LYS B 154 -52.82 -7.74 0.07
N LYS B 155 -53.62 -7.47 1.09
CA LYS B 155 -53.99 -6.07 1.36
C LYS B 155 -53.05 -5.27 2.26
N GLY B 156 -52.58 -4.13 1.76
CA GLY B 156 -51.68 -3.30 2.53
C GLY B 156 -52.39 -2.81 3.77
N GLN B 157 -51.65 -2.62 4.86
CA GLN B 157 -52.24 -2.16 6.12
C GLN B 157 -51.69 -0.82 6.59
N THR B 158 -50.65 -0.34 5.93
CA THR B 158 -50.01 0.93 6.22
C THR B 158 -49.22 1.22 4.98
N VAL B 159 -49.10 2.50 4.63
CA VAL B 159 -48.36 2.87 3.43
C VAL B 159 -47.13 3.58 3.82
N LEU B 160 -45.96 3.13 3.39
CA LEU B 160 -44.76 3.86 3.71
C LEU B 160 -44.64 4.83 2.55
N PHE B 161 -44.76 6.11 2.82
CA PHE B 161 -44.67 7.09 1.74
C PHE B 161 -43.27 7.71 1.62
N VAL B 162 -42.63 7.39 0.51
CA VAL B 162 -41.27 7.81 0.25
C VAL B 162 -40.98 9.25 -0.26
N GLY B 163 -41.95 10.15 -0.20
CA GLY B 163 -41.66 11.50 -0.67
C GLY B 163 -42.34 12.06 -1.93
N ASP B 164 -42.36 13.39 -2.10
CA ASP B 164 -43.06 14.08 -3.20
C ASP B 164 -44.54 13.70 -3.17
N LEU B 165 -45.34 14.48 -2.43
CA LEU B 165 -46.77 14.19 -2.28
C LEU B 165 -47.75 14.72 -3.32
N SER B 166 -47.62 15.97 -3.75
CA SER B 166 -48.65 16.50 -4.64
C SER B 166 -48.20 17.35 -5.77
N TYR B 167 -46.96 17.76 -5.76
CA TYR B 167 -46.46 18.55 -6.88
C TYR B 167 -47.16 19.84 -7.09
N ALA B 168 -47.79 20.34 -6.05
CA ALA B 168 -48.46 21.61 -6.14
C ALA B 168 -47.44 22.65 -6.54
N ASP B 169 -46.18 22.47 -6.17
CA ASP B 169 -45.21 23.47 -6.50
C ASP B 169 -44.92 23.60 -7.99
N ARG B 170 -45.59 22.79 -8.81
CA ARG B 170 -45.34 22.86 -10.24
C ARG B 170 -46.25 23.92 -10.79
N TYR B 171 -47.36 24.08 -10.10
CA TYR B 171 -48.32 25.08 -10.47
C TYR B 171 -47.71 26.43 -10.11
N PRO B 172 -48.28 27.51 -10.65
CA PRO B 172 -47.73 28.84 -10.35
C PRO B 172 -48.03 29.32 -8.92
N ASN B 173 -46.99 29.86 -8.30
CA ASN B 173 -47.07 30.35 -6.93
C ASN B 173 -47.44 29.15 -6.08
N HIS B 174 -47.03 27.98 -6.58
CA HIS B 174 -47.27 26.71 -5.92
C HIS B 174 -48.75 26.57 -5.56
N ASP B 175 -49.61 27.22 -6.33
CA ASP B 175 -51.03 27.21 -6.08
C ASP B 175 -51.49 26.19 -5.06
N ASN B 176 -51.38 26.54 -3.79
CA ASN B 176 -51.76 25.60 -2.76
C ASN B 176 -53.11 24.93 -2.85
N VAL B 177 -53.91 25.31 -3.84
CA VAL B 177 -55.17 24.63 -3.92
C VAL B 177 -54.82 23.19 -4.24
N ARG B 178 -53.80 23.03 -5.08
CA ARG B 178 -53.39 21.72 -5.49
C ARG B 178 -53.02 20.90 -4.29
N TRP B 179 -52.81 21.56 -3.15
CA TRP B 179 -52.50 20.83 -1.94
C TRP B 179 -53.81 20.36 -1.39
N ASP B 180 -54.84 21.20 -1.53
CA ASP B 180 -56.17 20.83 -1.06
C ASP B 180 -56.76 19.70 -1.89
N THR B 181 -56.61 19.77 -3.22
CA THR B 181 -57.14 18.72 -4.06
C THR B 181 -56.50 17.40 -3.71
N TRP B 182 -55.17 17.37 -3.64
CA TRP B 182 -54.43 16.16 -3.29
C TRP B 182 -54.89 15.59 -1.98
N GLY B 183 -55.17 16.45 -1.05
CA GLY B 183 -55.59 15.96 0.24
C GLY B 183 -56.88 15.23 0.14
N ARG B 184 -57.76 15.73 -0.73
CA ARG B 184 -59.09 15.15 -0.97
C ARG B 184 -58.95 13.85 -1.79
N PHE B 185 -58.09 13.91 -2.79
CA PHE B 185 -57.80 12.80 -3.66
C PHE B 185 -57.45 11.56 -2.86
N THR B 186 -56.40 11.67 -2.07
CA THR B 186 -55.92 10.55 -1.27
C THR B 186 -56.72 10.13 -0.02
N GLU B 187 -57.72 10.91 0.38
CA GLU B 187 -58.50 10.62 1.59
C GLU B 187 -59.04 9.22 1.63
N ARG B 188 -59.46 8.70 0.47
CA ARG B 188 -60.03 7.35 0.45
C ARG B 188 -59.12 6.29 1.03
N SER B 189 -57.83 6.56 1.01
CA SER B 189 -56.88 5.62 1.56
C SER B 189 -56.52 6.07 2.96
N VAL B 190 -55.88 7.22 3.05
CA VAL B 190 -55.45 7.78 4.33
C VAL B 190 -56.41 8.00 5.46
N ALA B 191 -57.69 8.14 5.19
CA ALA B 191 -58.59 8.37 6.30
C ALA B 191 -58.81 7.08 7.03
N TYR B 192 -58.37 5.98 6.41
CA TYR B 192 -58.57 4.67 7.00
C TYR B 192 -57.31 3.90 7.40
N GLN B 193 -56.20 4.18 6.74
CA GLN B 193 -54.97 3.50 7.12
C GLN B 193 -53.84 4.50 7.08
N PRO B 194 -52.97 4.50 8.12
CA PRO B 194 -51.86 5.43 8.18
C PRO B 194 -50.92 5.38 7.02
N TRP B 195 -50.34 6.53 6.73
CA TRP B 195 -49.34 6.65 5.69
C TRP B 195 -48.16 7.27 6.49
N ILE B 196 -46.96 6.69 6.41
CA ILE B 196 -45.83 7.22 7.15
C ILE B 196 -45.21 8.22 6.22
N TRP B 197 -45.11 9.47 6.67
CA TRP B 197 -44.62 10.53 5.80
C TRP B 197 -43.14 10.84 5.67
N THR B 198 -42.73 11.05 4.44
CA THR B 198 -41.35 11.35 4.21
C THR B 198 -41.21 12.60 3.38
N ALA B 199 -40.41 13.51 3.86
CA ALA B 199 -40.22 14.74 3.13
C ALA B 199 -39.54 14.54 1.79
N GLY B 200 -40.12 15.05 0.74
CA GLY B 200 -39.54 14.91 -0.58
C GLY B 200 -39.11 16.30 -1.01
N ASN B 201 -38.31 16.41 -2.08
CA ASN B 201 -37.85 17.72 -2.54
C ASN B 201 -38.97 18.63 -2.97
N HIS B 202 -40.02 18.06 -3.51
CA HIS B 202 -41.13 18.88 -3.94
C HIS B 202 -41.77 19.49 -2.73
N GLU B 203 -41.52 18.92 -1.55
CA GLU B 203 -42.07 19.45 -0.32
C GLU B 203 -41.33 20.69 0.18
N ILE B 204 -40.06 20.78 -0.16
CA ILE B 204 -39.27 21.91 0.30
C ILE B 204 -39.94 23.24 -0.01
N GLU B 205 -40.31 23.47 -1.27
CA GLU B 205 -40.95 24.72 -1.68
C GLU B 205 -40.25 26.00 -1.24
N PHE B 206 -38.99 26.11 -1.58
CA PHE B 206 -38.27 27.31 -1.21
C PHE B 206 -38.55 28.34 -2.31
N ALA B 207 -39.47 29.26 -2.05
CA ALA B 207 -39.84 30.24 -3.05
C ALA B 207 -39.55 31.68 -2.77
N PRO B 208 -38.28 32.06 -2.76
CA PRO B 208 -37.83 33.42 -2.51
C PRO B 208 -38.56 34.46 -3.36
N GLU B 209 -38.74 34.17 -4.64
CA GLU B 209 -39.43 35.08 -5.57
C GLU B 209 -40.78 35.57 -5.06
N ILE B 210 -41.56 34.67 -4.49
CA ILE B 210 -42.85 35.07 -3.99
C ILE B 210 -42.78 35.20 -2.51
N ASN B 211 -41.56 35.45 -2.06
CA ASN B 211 -41.29 35.70 -0.67
C ASN B 211 -41.64 34.61 0.33
N GLU B 212 -41.57 33.37 -0.14
CA GLU B 212 -41.80 32.21 0.70
C GLU B 212 -40.41 31.62 0.85
N THR B 213 -39.91 31.54 2.06
CA THR B 213 -38.55 31.06 2.24
C THR B 213 -38.34 30.13 3.40
N GLU B 214 -39.44 29.66 3.97
CA GLU B 214 -39.36 28.74 5.08
C GLU B 214 -39.65 27.35 4.49
N PRO B 215 -38.59 26.53 4.35
CA PRO B 215 -38.63 25.17 3.80
C PRO B 215 -39.70 24.34 4.42
N PHE B 216 -40.36 23.54 3.60
CA PHE B 216 -41.41 22.65 4.05
C PHE B 216 -42.63 23.28 4.73
N LYS B 217 -42.94 24.55 4.46
CA LYS B 217 -44.10 25.17 5.11
C LYS B 217 -45.48 24.51 4.85
N PRO B 218 -45.97 24.59 3.62
CA PRO B 218 -47.29 23.96 3.45
C PRO B 218 -47.28 22.53 3.90
N PHE B 219 -46.20 21.83 3.57
CA PHE B 219 -46.16 20.44 3.94
C PHE B 219 -46.32 20.24 5.44
N SER B 220 -45.50 20.96 6.19
CA SER B 220 -45.49 20.85 7.62
C SER B 220 -46.79 21.16 8.27
N TYR B 221 -47.55 22.10 7.71
CA TYR B 221 -48.83 22.44 8.34
C TYR B 221 -49.88 21.37 8.16
N ARG B 222 -49.86 20.76 6.99
CA ARG B 222 -50.83 19.77 6.65
C ARG B 222 -50.55 18.36 7.16
N TYR B 223 -49.29 17.98 7.11
CA TYR B 223 -48.86 16.66 7.53
C TYR B 223 -47.99 16.64 8.79
N HIS B 224 -48.50 15.99 9.84
CA HIS B 224 -47.76 15.94 11.11
C HIS B 224 -47.32 14.53 11.41
N VAL B 225 -46.21 14.39 12.13
CA VAL B 225 -45.66 13.08 12.49
C VAL B 225 -45.27 13.11 13.92
N PRO B 226 -45.27 11.96 14.59
CA PRO B 226 -44.92 11.81 16.00
C PRO B 226 -43.42 11.86 16.14
N TYR B 227 -42.81 12.92 15.67
CA TYR B 227 -41.38 12.93 15.74
C TYR B 227 -40.88 12.94 17.16
N GLU B 228 -41.58 13.63 18.02
CA GLU B 228 -41.16 13.65 19.40
C GLU B 228 -41.23 12.27 20.03
N ALA B 229 -41.90 11.30 19.41
CA ALA B 229 -41.99 9.96 20.02
C ALA B 229 -40.62 9.31 20.06
N SER B 230 -39.85 9.52 18.99
CA SER B 230 -38.44 9.08 18.89
C SER B 230 -37.91 10.30 19.62
N GLN B 231 -36.65 10.61 19.63
CA GLN B 231 -36.46 11.84 20.36
C GLN B 231 -36.02 12.87 19.39
N SER B 232 -36.71 12.90 18.26
CA SER B 232 -36.35 13.83 17.21
C SER B 232 -36.74 15.23 17.60
N THR B 233 -35.97 16.21 17.16
CA THR B 233 -36.27 17.59 17.45
C THR B 233 -36.85 18.21 16.19
N SER B 234 -37.28 17.38 15.24
CA SER B 234 -37.77 17.90 13.99
C SER B 234 -38.60 16.84 13.32
N PRO B 235 -39.71 17.22 12.71
CA PRO B 235 -40.62 16.30 12.03
C PRO B 235 -40.06 15.70 10.76
N PHE B 236 -38.93 16.22 10.33
CA PHE B 236 -38.35 15.71 9.12
C PHE B 236 -37.62 14.41 9.19
N TRP B 237 -37.49 13.87 10.39
CA TRP B 237 -36.83 12.62 10.60
C TRP B 237 -37.31 12.07 11.91
N TYR B 238 -37.65 10.80 11.93
CA TYR B 238 -38.13 10.23 13.16
C TYR B 238 -38.17 8.73 12.92
N SER B 239 -38.82 7.98 13.78
CA SER B 239 -38.92 6.56 13.58
C SER B 239 -40.13 6.10 14.27
N ILE B 240 -40.62 4.94 13.85
CA ILE B 240 -41.78 4.39 14.49
C ILE B 240 -41.55 2.92 14.48
N LYS B 241 -42.09 2.23 15.47
CA LYS B 241 -42.02 0.80 15.54
C LYS B 241 -43.47 0.45 15.25
N ARG B 242 -43.71 -0.60 14.50
CA ARG B 242 -45.07 -1.04 14.16
C ARG B 242 -44.99 -2.52 13.84
N ALA B 243 -45.87 -3.29 14.47
CA ALA B 243 -45.85 -4.73 14.27
C ALA B 243 -44.42 -5.23 14.59
N SER B 244 -43.73 -5.78 13.60
CA SER B 244 -42.41 -6.31 13.83
C SER B 244 -41.31 -5.46 13.22
N ALA B 245 -41.66 -4.43 12.49
CA ALA B 245 -40.63 -3.62 11.85
C ALA B 245 -40.29 -2.38 12.65
N HIS B 246 -39.08 -1.87 12.44
CA HIS B 246 -38.58 -0.66 13.09
C HIS B 246 -38.29 0.21 11.90
N ILE B 247 -38.98 1.33 11.82
CA ILE B 247 -38.82 2.19 10.68
C ILE B 247 -38.20 3.51 11.05
N ILE B 248 -37.15 3.85 10.30
CA ILE B 248 -36.41 5.10 10.47
C ILE B 248 -36.65 5.87 9.23
N VAL B 249 -37.06 7.12 9.39
CA VAL B 249 -37.32 8.01 8.28
C VAL B 249 -36.28 9.12 8.30
N LEU B 250 -35.56 9.33 7.20
CA LEU B 250 -34.57 10.37 7.14
C LEU B 250 -34.97 11.54 6.18
N SER B 251 -34.18 12.62 6.11
CA SER B 251 -34.52 13.72 5.25
C SER B 251 -33.35 14.08 4.39
N SER B 252 -33.46 13.77 3.10
CA SER B 252 -32.37 14.07 2.18
C SER B 252 -32.12 15.56 2.03
N TYR B 253 -33.16 16.33 2.26
CA TYR B 253 -33.01 17.74 2.04
C TYR B 253 -32.91 18.58 3.28
N SER B 254 -32.70 17.86 4.37
CA SER B 254 -32.47 18.47 5.67
C SER B 254 -30.95 18.30 5.75
N ALA B 255 -30.33 18.55 6.90
CA ALA B 255 -28.87 18.39 6.97
C ALA B 255 -28.43 17.13 7.70
N TYR B 256 -27.32 16.55 7.21
CA TYR B 256 -26.74 15.33 7.81
C TYR B 256 -25.29 15.50 8.15
N GLY B 257 -24.80 16.74 8.12
CA GLY B 257 -23.40 16.97 8.49
C GLY B 257 -23.12 16.29 9.83
N ARG B 258 -21.86 16.08 10.13
CA ARG B 258 -21.48 15.41 11.36
C ARG B 258 -21.69 16.40 12.45
N GLY B 259 -22.54 16.06 13.40
CA GLY B 259 -22.78 16.97 14.50
C GLY B 259 -24.12 17.64 14.41
N THR B 260 -24.67 17.71 13.20
CA THR B 260 -25.96 18.33 12.99
C THR B 260 -26.99 17.46 13.68
N PRO B 261 -28.15 18.02 13.95
CA PRO B 261 -29.20 17.26 14.62
C PRO B 261 -29.61 16.01 13.93
N GLN B 262 -29.81 16.04 12.61
CA GLN B 262 -30.22 14.77 12.00
C GLN B 262 -29.14 13.70 12.16
N TYR B 263 -27.90 14.07 11.85
CA TYR B 263 -26.78 13.18 12.00
C TYR B 263 -26.75 12.63 13.42
N THR B 264 -26.77 13.53 14.41
CA THR B 264 -26.76 13.13 15.81
C THR B 264 -27.88 12.17 16.13
N TRP B 265 -29.08 12.49 15.72
CA TRP B 265 -30.19 11.60 15.99
C TRP B 265 -30.04 10.22 15.35
N LEU B 266 -29.82 10.16 14.05
CA LEU B 266 -29.71 8.87 13.40
C LEU B 266 -28.73 7.93 14.08
N LYS B 267 -27.59 8.47 14.49
CA LYS B 267 -26.57 7.67 15.15
C LYS B 267 -27.15 7.00 16.37
N LYS B 268 -27.53 7.79 17.34
CA LYS B 268 -28.13 7.30 18.56
C LYS B 268 -29.32 6.36 18.31
N GLU B 269 -30.21 6.75 17.40
CA GLU B 269 -31.37 5.97 17.10
C GLU B 269 -30.98 4.58 16.66
N LEU B 270 -29.99 4.45 15.78
CA LEU B 270 -29.56 3.13 15.32
C LEU B 270 -29.20 2.23 16.47
N ARG B 271 -28.58 2.82 17.49
CA ARG B 271 -28.17 2.07 18.67
C ARG B 271 -29.41 1.66 19.46
N LYS B 272 -30.53 2.36 19.31
CA LYS B 272 -31.70 2.01 20.08
C LYS B 272 -32.52 0.89 19.46
N VAL B 273 -32.13 0.40 18.28
CA VAL B 273 -32.91 -0.65 17.62
C VAL B 273 -32.73 -1.99 18.29
N LYS B 274 -33.81 -2.72 18.59
CA LYS B 274 -33.68 -4.04 19.21
C LYS B 274 -34.24 -5.10 18.25
N ARG B 275 -33.37 -5.82 17.56
CA ARG B 275 -33.84 -6.84 16.63
C ARG B 275 -34.60 -8.01 17.24
N SER B 276 -34.39 -8.21 18.53
CA SER B 276 -35.05 -9.28 19.24
C SER B 276 -36.50 -8.90 19.43
N GLU B 277 -36.76 -7.61 19.28
CA GLU B 277 -38.09 -7.05 19.46
C GLU B 277 -38.68 -6.72 18.09
N THR B 278 -37.92 -6.05 17.25
CA THR B 278 -38.40 -5.72 15.93
C THR B 278 -37.41 -6.24 14.96
N PRO B 279 -37.60 -7.46 14.52
CA PRO B 279 -36.68 -8.08 13.58
C PRO B 279 -36.40 -7.28 12.31
N TRP B 280 -37.43 -6.67 11.77
CA TRP B 280 -37.26 -5.93 10.52
C TRP B 280 -36.88 -4.48 10.61
N LEU B 281 -35.71 -4.15 10.10
CA LEU B 281 -35.21 -2.79 10.15
C LEU B 281 -35.29 -2.12 8.80
N ILE B 282 -36.23 -1.20 8.61
CA ILE B 282 -36.41 -0.52 7.33
C ILE B 282 -36.04 0.95 7.41
N VAL B 283 -35.45 1.50 6.36
CA VAL B 283 -35.11 2.91 6.36
C VAL B 283 -35.81 3.56 5.17
N LEU B 284 -36.28 4.80 5.34
CA LEU B 284 -36.96 5.53 4.26
C LEU B 284 -36.22 6.81 3.98
N MET B 285 -36.23 7.23 2.73
CA MET B 285 -35.59 8.45 2.29
C MET B 285 -36.08 8.73 0.86
N HIS B 286 -35.93 9.96 0.40
CA HIS B 286 -36.41 10.29 -0.93
C HIS B 286 -35.38 10.01 -2.00
N SER B 287 -34.25 10.71 -1.97
CA SER B 287 -33.20 10.54 -2.98
C SER B 287 -32.49 9.25 -2.61
N PRO B 288 -32.41 8.33 -3.56
CA PRO B 288 -31.79 7.00 -3.46
C PRO B 288 -30.25 7.01 -3.52
N LEU B 289 -29.64 6.22 -2.62
CA LEU B 289 -28.18 6.08 -2.50
C LEU B 289 -27.53 5.32 -3.67
N TYR B 290 -28.22 4.26 -4.09
CA TYR B 290 -27.83 3.38 -5.22
C TYR B 290 -28.90 3.56 -6.31
N ASN B 291 -28.51 4.12 -7.46
CA ASN B 291 -29.44 4.41 -8.59
C ASN B 291 -28.71 4.34 -9.93
N SER B 292 -29.26 3.58 -10.87
CA SER B 292 -28.63 3.43 -12.17
C SER B 292 -29.34 4.13 -13.32
N TYR B 293 -30.30 4.99 -13.02
CA TYR B 293 -30.98 5.70 -14.09
C TYR B 293 -30.22 6.94 -14.29
N ASN B 294 -30.48 7.63 -15.39
CA ASN B 294 -29.73 8.87 -15.66
C ASN B 294 -30.27 10.02 -14.87
N HIS B 295 -31.58 10.02 -14.71
CA HIS B 295 -32.23 11.07 -13.96
C HIS B 295 -31.81 11.01 -12.51
N HIS B 296 -31.22 12.08 -12.00
CA HIS B 296 -30.76 12.13 -10.60
C HIS B 296 -29.62 11.15 -10.33
N PHE B 297 -28.97 10.70 -11.39
CA PHE B 297 -27.87 9.77 -11.20
C PHE B 297 -26.87 10.45 -10.26
N MET B 298 -26.48 9.70 -9.21
CA MET B 298 -25.47 10.14 -8.21
C MET B 298 -25.79 11.31 -7.26
N GLU B 299 -27.07 11.57 -6.99
CA GLU B 299 -27.38 12.63 -6.07
C GLU B 299 -27.19 12.06 -4.67
N GLY B 300 -27.55 10.79 -4.51
CA GLY B 300 -27.43 10.11 -3.22
C GLY B 300 -26.03 9.96 -2.69
N GLU B 301 -25.05 10.31 -3.50
CA GLU B 301 -23.65 10.21 -3.14
C GLU B 301 -23.36 10.81 -1.81
N ALA B 302 -23.65 12.10 -1.64
CA ALA B 302 -23.37 12.75 -0.35
C ALA B 302 -23.96 11.99 0.85
N MET B 303 -25.28 11.84 0.90
CA MET B 303 -25.83 11.12 2.03
C MET B 303 -25.27 9.73 2.10
N ARG B 304 -24.81 9.22 0.98
CA ARG B 304 -24.24 7.88 1.02
C ARG B 304 -22.93 7.91 1.80
N THR B 305 -22.05 8.84 1.45
CA THR B 305 -20.77 8.95 2.09
C THR B 305 -20.93 9.13 3.56
N LYS B 306 -22.13 9.43 4.01
CA LYS B 306 -22.36 9.63 5.43
C LYS B 306 -23.08 8.51 6.15
N PHE B 307 -24.04 7.86 5.52
CA PHE B 307 -24.73 6.84 6.27
C PHE B 307 -24.58 5.37 5.89
N GLU B 308 -23.99 5.09 4.72
CA GLU B 308 -23.89 3.70 4.27
C GLU B 308 -23.29 2.76 5.30
N ALA B 309 -22.11 3.12 5.76
CA ALA B 309 -21.46 2.31 6.76
C ALA B 309 -22.40 1.92 7.90
N TRP B 310 -23.09 2.90 8.46
CA TRP B 310 -24.00 2.63 9.55
C TRP B 310 -25.02 1.59 9.14
N PHE B 311 -25.57 1.72 7.93
CA PHE B 311 -26.58 0.79 7.46
C PHE B 311 -26.02 -0.62 7.40
N VAL B 312 -24.84 -0.73 6.82
CA VAL B 312 -24.20 -2.04 6.71
C VAL B 312 -23.94 -2.56 8.11
N LYS B 313 -23.31 -1.72 8.91
CA LYS B 313 -22.98 -2.06 10.28
C LYS B 313 -24.16 -2.55 11.11
N TYR B 314 -25.33 -1.93 10.96
CA TYR B 314 -26.50 -2.37 11.73
C TYR B 314 -27.38 -3.33 11.03
N LYS B 315 -26.92 -3.70 9.84
CA LYS B 315 -27.60 -4.66 9.03
C LYS B 315 -29.02 -4.29 8.72
N VAL B 316 -29.24 -3.08 8.23
CA VAL B 316 -30.63 -2.72 7.89
C VAL B 316 -31.07 -3.62 6.71
N ASP B 317 -32.29 -4.12 6.78
CA ASP B 317 -32.78 -4.98 5.74
C ASP B 317 -33.00 -4.32 4.39
N VAL B 318 -33.90 -3.35 4.35
CA VAL B 318 -34.22 -2.65 3.10
C VAL B 318 -34.09 -1.15 3.26
N VAL B 319 -34.03 -0.45 2.12
CA VAL B 319 -33.97 1.00 2.09
C VAL B 319 -34.81 1.43 0.90
N PHE B 320 -35.94 2.08 1.13
CA PHE B 320 -36.81 2.48 0.03
C PHE B 320 -36.60 3.93 -0.25
N ALA B 321 -36.66 4.33 -1.50
CA ALA B 321 -36.51 5.72 -1.88
C ALA B 321 -37.47 5.97 -3.02
N GLY B 322 -37.51 7.19 -3.52
CA GLY B 322 -38.38 7.55 -4.61
C GLY B 322 -37.47 8.42 -5.40
N HIS B 323 -37.96 9.57 -5.82
CA HIS B 323 -37.17 10.56 -6.53
C HIS B 323 -36.83 10.22 -7.96
N VAL B 324 -36.74 8.94 -8.27
CA VAL B 324 -36.50 8.56 -9.67
C VAL B 324 -37.83 7.87 -10.10
N HIS B 325 -38.57 8.56 -10.96
CA HIS B 325 -39.85 8.08 -11.43
C HIS B 325 -39.65 6.85 -12.27
N ALA B 326 -39.45 5.72 -11.61
CA ALA B 326 -39.21 4.42 -12.23
C ALA B 326 -38.95 3.40 -11.12
N TYR B 327 -38.54 2.20 -11.46
CA TYR B 327 -38.35 1.18 -10.44
C TYR B 327 -36.97 0.59 -10.57
N GLU B 328 -36.45 0.08 -9.47
CA GLU B 328 -35.13 -0.53 -9.47
C GLU B 328 -34.93 -1.28 -8.19
N ARG B 329 -34.18 -2.38 -8.27
CA ARG B 329 -33.89 -3.24 -7.13
C ARG B 329 -32.39 -3.54 -7.16
N SER B 330 -31.77 -3.74 -6.02
CA SER B 330 -30.35 -3.97 -6.03
C SER B 330 -29.92 -5.22 -5.33
N GLU B 331 -28.64 -5.52 -5.51
CA GLU B 331 -28.04 -6.67 -4.88
C GLU B 331 -27.61 -6.14 -3.52
N ARG B 332 -27.51 -7.01 -2.51
CA ARG B 332 -27.05 -6.55 -1.22
C ARG B 332 -25.63 -6.20 -1.57
N VAL B 333 -25.35 -4.92 -1.52
CA VAL B 333 -24.09 -4.36 -1.90
C VAL B 333 -23.62 -3.20 -0.99
N SER B 334 -22.32 -3.14 -0.79
CA SER B 334 -21.72 -2.06 0.00
C SER B 334 -20.67 -1.40 -0.90
N ASN B 335 -20.06 -0.33 -0.46
CA ASN B 335 -19.01 0.35 -1.23
C ASN B 335 -18.45 1.24 -0.17
N ILE B 336 -18.00 0.59 0.89
CA ILE B 336 -17.53 1.34 2.03
C ILE B 336 -16.06 1.20 2.23
N ALA B 337 -15.34 1.02 1.14
CA ALA B 337 -13.91 0.81 1.31
C ALA B 337 -13.01 1.93 0.85
N TYR B 338 -13.56 2.82 0.05
CA TYR B 338 -12.77 3.91 -0.50
C TYR B 338 -12.15 4.80 0.56
N LYS B 339 -10.88 5.12 0.35
CA LYS B 339 -10.12 5.95 1.25
C LYS B 339 -9.33 6.82 0.33
N ILE B 340 -10.00 7.38 -0.65
CA ILE B 340 -9.42 8.31 -1.62
C ILE B 340 -8.42 7.74 -2.60
N THR B 341 -7.21 7.57 -2.12
CA THR B 341 -6.16 7.11 -2.97
C THR B 341 -6.06 5.63 -3.13
N ASP B 342 -6.83 4.86 -2.36
CA ASP B 342 -6.70 3.43 -2.46
C ASP B 342 -7.49 2.73 -3.57
N GLY B 343 -8.08 3.51 -4.48
CA GLY B 343 -8.87 2.93 -5.58
C GLY B 343 -10.03 1.95 -5.32
N LEU B 344 -10.32 1.62 -4.07
CA LEU B 344 -11.40 0.67 -3.78
C LEU B 344 -12.80 1.33 -3.86
N CYS B 345 -13.03 1.97 -4.99
CA CYS B 345 -14.27 2.65 -5.15
C CYS B 345 -15.23 1.91 -6.03
N THR B 346 -15.43 0.64 -5.77
CA THR B 346 -16.38 -0.06 -6.59
C THR B 346 -17.18 -0.97 -5.74
N PRO B 347 -18.50 -0.88 -5.86
CA PRO B 347 -19.51 -1.65 -5.15
C PRO B 347 -19.24 -3.14 -5.28
N VAL B 348 -19.31 -3.84 -4.15
CA VAL B 348 -19.07 -5.29 -4.04
C VAL B 348 -20.26 -5.93 -3.37
N LYS B 349 -20.49 -7.21 -3.59
CA LYS B 349 -21.63 -7.79 -2.92
C LYS B 349 -21.22 -7.85 -1.47
N ASP B 350 -22.14 -7.53 -0.57
CA ASP B 350 -21.85 -7.55 0.85
C ASP B 350 -23.15 -8.08 1.41
N GLN B 351 -23.11 -9.12 2.23
CA GLN B 351 -24.38 -9.65 2.72
C GLN B 351 -24.90 -9.00 3.98
N SER B 352 -24.16 -8.02 4.49
CA SER B 352 -24.61 -7.29 5.66
C SER B 352 -25.27 -6.04 5.20
N ALA B 353 -25.10 -5.73 3.92
CA ALA B 353 -25.69 -4.53 3.33
C ALA B 353 -27.15 -4.80 2.98
N PRO B 354 -27.99 -3.76 3.09
CA PRO B 354 -29.42 -3.81 2.78
C PRO B 354 -29.65 -3.83 1.28
N VAL B 355 -30.86 -4.17 0.89
CA VAL B 355 -31.23 -4.17 -0.50
C VAL B 355 -31.81 -2.78 -0.74
N TYR B 356 -31.22 -2.01 -1.65
CA TYR B 356 -31.74 -0.66 -1.92
C TYR B 356 -32.77 -0.74 -3.05
N ILE B 357 -34.05 -0.45 -2.75
CA ILE B 357 -35.15 -0.46 -3.71
C ILE B 357 -35.57 0.98 -3.90
N THR B 358 -35.95 1.35 -5.12
CA THR B 358 -36.43 2.72 -5.36
C THR B 358 -37.81 2.62 -6.02
N ILE B 359 -38.83 3.24 -5.45
CA ILE B 359 -40.16 3.15 -5.99
C ILE B 359 -40.82 4.48 -6.26
N GLY B 360 -40.08 5.38 -6.89
CA GLY B 360 -40.63 6.68 -7.20
C GLY B 360 -41.43 6.68 -8.47
N ASP B 361 -42.13 5.57 -8.72
CA ASP B 361 -42.89 5.46 -9.94
C ASP B 361 -44.38 5.36 -9.67
N ALA B 362 -44.91 6.04 -8.65
CA ALA B 362 -46.33 5.94 -8.38
C ALA B 362 -47.18 6.84 -9.27
N GLY B 363 -46.55 7.73 -10.04
CA GLY B 363 -47.34 8.57 -10.94
C GLY B 363 -46.90 9.99 -11.24
N ASN B 364 -46.52 10.72 -10.18
CA ASN B 364 -46.13 12.11 -10.30
C ASN B 364 -47.04 12.84 -11.27
N TYR B 365 -46.50 13.68 -12.11
CA TYR B 365 -47.35 14.37 -13.04
C TYR B 365 -47.46 13.56 -14.31
N GLY B 366 -47.49 12.24 -14.14
CA GLY B 366 -47.61 11.34 -15.28
C GLY B 366 -46.40 11.20 -16.17
N VAL B 367 -45.20 11.33 -15.64
CA VAL B 367 -44.02 11.19 -16.48
C VAL B 367 -43.03 10.19 -15.88
N ILE B 368 -42.56 9.23 -16.70
CA ILE B 368 -41.63 8.19 -16.26
C ILE B 368 -40.24 8.47 -16.73
N ASP B 369 -39.25 8.15 -15.89
CA ASP B 369 -37.84 8.29 -16.21
C ASP B 369 -37.49 6.94 -16.80
N SER B 370 -37.08 6.96 -18.07
CA SER B 370 -36.75 5.73 -18.80
C SER B 370 -35.28 5.62 -19.19
N ASN B 371 -34.59 6.75 -19.26
CA ASN B 371 -33.19 6.71 -19.61
C ASN B 371 -32.38 5.93 -18.58
N MET B 372 -31.73 4.85 -18.99
CA MET B 372 -30.93 4.12 -18.04
C MET B 372 -29.48 4.25 -18.30
N ILE B 373 -28.69 3.82 -17.32
CA ILE B 373 -27.28 3.88 -17.52
C ILE B 373 -27.04 2.55 -18.21
N GLN B 374 -26.35 2.59 -19.33
CA GLN B 374 -26.11 1.36 -20.09
C GLN B 374 -24.63 0.98 -20.13
N PRO B 375 -24.34 -0.28 -19.79
CA PRO B 375 -25.26 -1.34 -19.38
C PRO B 375 -25.56 -1.40 -17.88
N GLN B 376 -26.66 -2.07 -17.55
CA GLN B 376 -27.07 -2.24 -16.17
C GLN B 376 -25.89 -2.79 -15.36
N PRO B 377 -25.35 -2.01 -14.41
CA PRO B 377 -24.21 -2.42 -13.59
C PRO B 377 -24.54 -3.55 -12.64
N GLU B 378 -23.46 -4.17 -12.18
CA GLU B 378 -23.54 -5.30 -11.26
C GLU B 378 -24.45 -5.04 -10.08
N TYR B 379 -24.22 -3.95 -9.38
CA TYR B 379 -25.05 -3.68 -8.22
C TYR B 379 -26.57 -3.72 -8.45
N SER B 380 -26.98 -3.36 -9.67
CA SER B 380 -28.38 -3.30 -10.04
C SER B 380 -28.95 -4.67 -10.32
N ALA B 381 -29.91 -5.08 -9.50
CA ALA B 381 -30.50 -6.40 -9.66
C ALA B 381 -31.64 -6.46 -10.64
N PHE B 382 -32.42 -5.40 -10.77
CA PHE B 382 -33.55 -5.44 -11.67
C PHE B 382 -34.08 -4.05 -11.80
N ARG B 383 -34.32 -3.55 -13.00
CA ARG B 383 -34.82 -2.20 -13.08
C ARG B 383 -35.79 -2.11 -14.17
N GLU B 384 -36.81 -1.28 -13.99
CA GLU B 384 -37.82 -1.07 -15.04
C GLU B 384 -38.52 0.28 -14.92
N ALA B 385 -38.74 0.91 -16.07
CA ALA B 385 -39.40 2.20 -16.13
C ALA B 385 -40.90 2.07 -16.32
N SER B 386 -41.61 1.67 -15.28
CA SER B 386 -43.05 1.56 -15.37
C SER B 386 -43.69 2.22 -14.15
N PHE B 387 -44.98 2.51 -14.21
CA PHE B 387 -45.61 3.11 -13.08
C PHE B 387 -46.08 1.95 -12.26
N GLY B 388 -46.05 2.12 -10.94
CA GLY B 388 -46.52 1.09 -10.02
C GLY B 388 -46.32 1.43 -8.55
N HIS B 389 -46.66 0.49 -7.69
CA HIS B 389 -46.49 0.64 -6.26
C HIS B 389 -45.82 -0.65 -5.80
N GLY B 390 -45.63 -0.85 -4.48
CA GLY B 390 -45.00 -2.06 -4.00
C GLY B 390 -45.62 -2.53 -2.73
N MET B 391 -45.31 -3.75 -2.32
CA MET B 391 -45.83 -4.30 -1.08
C MET B 391 -44.65 -5.00 -0.46
N PHE B 392 -44.51 -4.87 0.85
CA PHE B 392 -43.44 -5.51 1.57
C PHE B 392 -44.15 -6.31 2.68
N ASP B 393 -44.41 -7.57 2.38
CA ASP B 393 -45.16 -8.44 3.24
C ASP B 393 -44.36 -9.20 4.25
N ILE B 394 -44.40 -8.73 5.47
CA ILE B 394 -43.66 -9.40 6.50
C ILE B 394 -44.34 -10.66 6.95
N LYS B 395 -43.60 -11.76 6.90
CA LYS B 395 -44.10 -13.05 7.30
C LYS B 395 -43.65 -13.55 8.68
N ASN B 396 -42.37 -13.88 8.83
CA ASN B 396 -41.85 -14.36 10.12
C ASN B 396 -40.80 -13.31 10.46
N ARG B 397 -39.92 -13.67 11.39
CA ARG B 397 -38.80 -12.84 11.79
C ARG B 397 -37.67 -13.12 10.79
N THR B 398 -37.88 -14.09 9.91
CA THR B 398 -36.88 -14.47 8.94
C THR B 398 -37.30 -14.15 7.52
N HIS B 399 -38.62 -14.18 7.28
CA HIS B 399 -39.16 -13.94 5.95
C HIS B 399 -40.07 -12.77 5.79
N ALA B 400 -39.89 -12.14 4.64
CA ALA B 400 -40.68 -11.01 4.25
C ALA B 400 -40.60 -11.06 2.77
N HIS B 401 -41.74 -10.90 2.13
CA HIS B 401 -41.79 -10.94 0.70
C HIS B 401 -42.18 -9.61 0.01
N PHE B 402 -41.23 -9.04 -0.70
CA PHE B 402 -41.48 -7.81 -1.40
C PHE B 402 -42.08 -8.15 -2.74
N SER B 403 -42.82 -7.23 -3.34
CA SER B 403 -43.47 -7.44 -4.65
C SER B 403 -43.56 -6.09 -5.34
N TRP B 404 -43.70 -6.09 -6.65
CA TRP B 404 -43.82 -4.84 -7.39
C TRP B 404 -44.85 -4.99 -8.47
N ASN B 405 -46.04 -4.46 -8.25
CA ASN B 405 -47.11 -4.56 -9.26
C ASN B 405 -47.10 -3.45 -10.33
N ARG B 406 -46.98 -3.79 -11.60
CA ARG B 406 -47.02 -2.73 -12.59
C ARG B 406 -48.44 -2.26 -12.84
N ASN B 407 -48.55 -1.00 -13.26
CA ASN B 407 -49.84 -0.41 -13.53
C ASN B 407 -50.42 -1.05 -14.76
N GLN B 408 -49.56 -1.54 -15.65
CA GLN B 408 -50.00 -2.20 -16.88
C GLN B 408 -50.64 -3.54 -16.58
N ASP B 409 -50.07 -4.25 -15.62
CA ASP B 409 -50.56 -5.56 -15.25
C ASP B 409 -51.90 -5.45 -14.57
N GLY B 410 -52.46 -6.60 -14.27
CA GLY B 410 -53.73 -6.63 -13.57
C GLY B 410 -53.35 -6.57 -12.13
N VAL B 411 -54.30 -6.15 -11.33
CA VAL B 411 -54.15 -6.02 -9.88
C VAL B 411 -53.27 -7.00 -9.13
N ALA B 412 -53.41 -8.29 -9.46
CA ALA B 412 -52.64 -9.31 -8.76
C ALA B 412 -51.35 -9.80 -9.44
N VAL B 413 -50.94 -9.13 -10.50
CA VAL B 413 -49.73 -9.50 -11.21
C VAL B 413 -48.44 -8.89 -10.64
N GLU B 414 -47.60 -9.73 -10.05
CA GLU B 414 -46.35 -9.26 -9.47
C GLU B 414 -45.24 -9.11 -10.53
N ALA B 415 -45.20 -8.01 -11.25
CA ALA B 415 -44.15 -7.83 -12.25
C ALA B 415 -42.72 -8.17 -11.75
N ASP B 416 -42.50 -8.10 -10.45
CA ASP B 416 -41.22 -8.44 -9.85
C ASP B 416 -41.60 -8.98 -8.49
N SER B 417 -40.78 -9.87 -7.94
CA SER B 417 -41.06 -10.48 -6.64
C SER B 417 -39.74 -10.96 -6.03
N VAL B 418 -39.59 -10.88 -4.72
CA VAL B 418 -38.35 -11.26 -4.06
C VAL B 418 -38.57 -11.64 -2.61
N TRP B 419 -37.87 -12.66 -2.14
CA TRP B 419 -38.01 -13.02 -0.74
C TRP B 419 -36.87 -12.37 0.00
N PHE B 420 -37.16 -11.78 1.15
CA PHE B 420 -36.14 -11.14 1.93
C PHE B 420 -35.78 -12.02 3.13
N PHE B 421 -34.49 -12.30 3.28
CA PHE B 421 -34.00 -13.08 4.38
C PHE B 421 -33.48 -12.12 5.41
N ASN B 422 -34.06 -12.20 6.59
CA ASN B 422 -33.69 -11.26 7.61
C ASN B 422 -32.21 -11.18 7.87
N ARG B 423 -31.61 -10.03 7.57
CA ARG B 423 -30.18 -9.82 7.80
C ARG B 423 -29.73 -10.17 9.21
N HIS B 424 -30.66 -10.16 10.16
CA HIS B 424 -30.27 -10.50 11.51
C HIS B 424 -30.58 -11.89 11.91
N TRP B 425 -31.60 -12.53 11.34
CA TRP B 425 -31.95 -13.89 11.74
C TRP B 425 -31.92 -14.86 10.60
N TYR B 426 -31.27 -14.53 9.50
CA TYR B 426 -31.37 -15.44 8.41
C TYR B 426 -30.61 -14.87 7.28
N PRO B 427 -29.37 -14.51 7.53
CA PRO B 427 -28.57 -13.91 6.47
C PRO B 427 -28.11 -14.82 5.33
N VAL B 428 -28.94 -15.78 4.91
CA VAL B 428 -28.53 -16.63 3.79
C VAL B 428 -28.71 -15.73 2.58
N ASP B 429 -27.88 -15.93 1.58
CA ASP B 429 -27.93 -15.15 0.36
C ASP B 429 -29.31 -15.16 -0.30
N ASP B 430 -30.02 -14.04 -0.16
CA ASP B 430 -31.35 -13.81 -0.76
C ASP B 430 -31.22 -13.12 -2.13
N SER B 431 -30.06 -12.50 -2.35
CA SER B 431 -29.77 -11.84 -3.59
C SER B 431 -29.90 -12.86 -4.73
N THR B 432 -30.34 -12.40 -5.88
CA THR B 432 -30.48 -13.26 -7.04
C THR B 432 -29.12 -13.21 -7.77
N ARG C 9 -5.52 23.77 29.33
CA ARG C 9 -4.58 24.80 28.76
C ARG C 9 -5.30 26.10 28.50
N ASP C 10 -6.59 26.12 28.76
CA ASP C 10 -7.38 27.30 28.53
C ASP C 10 -6.93 28.45 29.45
N MET C 11 -6.87 29.66 28.93
CA MET C 11 -6.48 30.78 29.78
C MET C 11 -7.61 30.91 30.75
N PRO C 12 -7.30 30.96 32.01
CA PRO C 12 -8.25 31.09 33.13
C PRO C 12 -9.05 32.38 33.09
N LEU C 13 -10.08 32.48 33.91
CA LEU C 13 -10.93 33.67 33.93
C LEU C 13 -10.26 34.98 34.30
N ASP C 14 -9.35 34.94 35.26
CA ASP C 14 -8.65 36.16 35.66
C ASP C 14 -7.71 36.75 34.60
N SER C 15 -7.32 35.93 33.64
CA SER C 15 -6.41 36.32 32.59
C SER C 15 -6.58 37.76 32.17
N ASP C 16 -5.48 38.50 32.19
CA ASP C 16 -5.48 39.91 31.79
C ASP C 16 -6.20 40.19 30.49
N VAL C 17 -6.20 39.17 29.63
CA VAL C 17 -6.80 39.26 28.35
C VAL C 17 -8.33 39.36 28.48
N PHE C 18 -8.89 38.67 29.45
CA PHE C 18 -10.34 38.69 29.69
C PHE C 18 -10.85 39.85 30.55
N ARG C 19 -10.00 40.84 30.85
CA ARG C 19 -10.46 41.96 31.68
C ARG C 19 -11.58 42.85 31.14
N VAL C 20 -12.50 43.24 32.00
CA VAL C 20 -13.61 44.08 31.59
C VAL C 20 -13.31 45.56 31.69
N PRO C 21 -13.51 46.25 30.57
CA PRO C 21 -13.27 47.68 30.49
C PRO C 21 -14.01 48.33 31.60
N PRO C 22 -13.32 49.21 32.32
CA PRO C 22 -13.81 49.96 33.46
C PRO C 22 -14.80 51.00 33.00
N GLY C 23 -15.78 51.28 33.86
CA GLY C 23 -16.79 52.29 33.55
C GLY C 23 -18.16 51.66 33.71
N TYR C 24 -19.15 52.44 34.14
CA TYR C 24 -20.47 51.87 34.33
C TYR C 24 -21.09 51.67 32.99
N ASN C 25 -21.47 50.41 32.72
CA ASN C 25 -22.12 49.99 31.49
C ASN C 25 -21.16 50.37 30.38
N ALA C 26 -19.94 49.84 30.50
CA ALA C 26 -18.89 50.07 29.53
C ALA C 26 -19.05 49.05 28.42
N PRO C 27 -19.26 49.54 27.20
CA PRO C 27 -19.43 48.66 26.05
C PRO C 27 -18.24 47.72 26.00
N GLN C 28 -18.53 46.44 26.12
CA GLN C 28 -17.48 45.47 26.05
C GLN C 28 -17.75 44.56 24.86
N GLN C 29 -16.77 43.70 24.60
CA GLN C 29 -16.87 42.74 23.49
C GLN C 29 -17.10 43.39 22.12
N VAL C 30 -16.59 44.61 21.92
CA VAL C 30 -16.75 45.31 20.64
C VAL C 30 -16.11 44.49 19.50
N HIS C 31 -16.81 44.41 18.37
CA HIS C 31 -16.35 43.63 17.23
C HIS C 31 -17.11 44.01 15.96
N ILE C 32 -16.36 44.24 14.88
CA ILE C 32 -16.95 44.67 13.62
C ILE C 32 -16.79 43.67 12.50
N THR C 33 -17.53 43.88 11.38
CA THR C 33 -17.51 43.04 10.12
C THR C 33 -18.09 43.84 8.96
N GLN C 34 -17.85 43.34 7.77
CA GLN C 34 -18.35 44.04 6.63
C GLN C 34 -19.83 44.02 6.66
N GLY C 35 -20.42 45.19 6.51
CA GLY C 35 -21.88 45.28 6.51
C GLY C 35 -22.63 45.20 5.17
N ASP C 36 -21.93 45.29 4.04
CA ASP C 36 -22.60 45.24 2.77
C ASP C 36 -21.89 44.29 1.87
N LEU C 37 -22.20 44.36 0.58
CA LEU C 37 -21.57 43.48 -0.37
C LEU C 37 -20.22 43.90 -0.91
N VAL C 38 -19.99 45.20 -1.00
CA VAL C 38 -18.75 45.65 -1.60
C VAL C 38 -17.77 46.46 -0.80
N GLY C 39 -18.04 46.63 0.49
CA GLY C 39 -17.10 47.37 1.31
C GLY C 39 -17.43 48.70 1.97
N ARG C 40 -18.58 49.29 1.67
CA ARG C 40 -18.89 50.57 2.30
C ARG C 40 -19.94 50.53 3.38
N ALA C 41 -19.82 49.56 4.27
CA ALA C 41 -20.74 49.42 5.38
C ALA C 41 -20.03 48.52 6.39
N MET C 42 -20.26 48.76 7.67
CA MET C 42 -19.65 47.97 8.71
C MET C 42 -20.72 47.63 9.68
N ILE C 43 -20.54 46.54 10.38
CA ILE C 43 -21.54 46.22 11.37
C ILE C 43 -20.83 46.29 12.69
N ILE C 44 -21.25 47.21 13.54
CA ILE C 44 -20.56 47.33 14.82
C ILE C 44 -21.39 46.56 15.83
N SER C 45 -20.76 45.68 16.58
CA SER C 45 -21.50 44.91 17.58
C SER C 45 -20.80 45.00 18.93
N TRP C 46 -21.53 45.15 20.03
CA TRP C 46 -20.90 45.16 21.34
C TRP C 46 -21.90 44.68 22.35
N VAL C 47 -21.46 44.62 23.58
CA VAL C 47 -22.32 44.18 24.64
C VAL C 47 -22.24 45.14 25.81
N THR C 48 -23.38 45.42 26.45
CA THR C 48 -23.42 46.29 27.64
C THR C 48 -23.97 45.33 28.67
N MET C 49 -23.41 45.36 29.88
CA MET C 49 -23.82 44.43 30.91
C MET C 49 -24.65 44.97 32.04
N ASP C 50 -24.50 46.26 32.30
CA ASP C 50 -25.20 46.91 33.42
C ASP C 50 -26.64 47.17 33.15
N GLU C 51 -26.91 47.84 32.06
CA GLU C 51 -28.26 48.09 31.71
C GLU C 51 -28.22 48.22 30.20
N PRO C 52 -29.37 48.06 29.56
CA PRO C 52 -29.55 48.15 28.12
C PRO C 52 -28.61 49.09 27.37
N GLY C 53 -28.70 50.38 27.68
CA GLY C 53 -27.85 51.33 27.00
C GLY C 53 -28.37 51.76 25.62
N SER C 54 -27.65 52.67 24.95
CA SER C 54 -28.05 53.17 23.62
C SER C 54 -27.37 52.42 22.51
N SER C 55 -28.14 52.05 21.51
CA SER C 55 -27.59 51.33 20.40
C SER C 55 -27.10 52.28 19.33
N ALA C 56 -26.79 53.51 19.70
CA ALA C 56 -26.33 54.44 18.71
C ALA C 56 -24.85 54.35 18.60
N VAL C 57 -24.29 54.69 17.44
CA VAL C 57 -22.85 54.65 17.23
C VAL C 57 -22.45 55.99 16.66
N ARG C 58 -21.41 56.60 17.19
CA ARG C 58 -20.99 57.89 16.68
C ARG C 58 -19.79 57.65 15.81
N TYR C 59 -19.76 58.21 14.62
CA TYR C 59 -18.63 57.97 13.75
C TYR C 59 -18.36 59.14 12.85
N TRP C 60 -17.13 59.22 12.36
CA TRP C 60 -16.70 60.29 11.49
C TRP C 60 -15.40 59.91 10.84
N SER C 61 -15.06 60.56 9.73
CA SER C 61 -13.82 60.25 9.02
C SER C 61 -12.71 61.11 9.55
N GLU C 62 -11.47 60.66 9.43
CA GLU C 62 -10.34 61.41 9.93
C GLU C 62 -10.29 62.81 9.30
N LYS C 63 -10.39 62.84 7.97
CA LYS C 63 -10.38 64.08 7.20
C LYS C 63 -11.56 65.00 7.55
N ASN C 64 -12.76 64.64 7.10
CA ASN C 64 -13.97 65.43 7.38
C ASN C 64 -14.51 64.93 8.69
N GLY C 65 -14.07 65.58 9.77
CA GLY C 65 -14.51 65.21 11.10
C GLY C 65 -15.99 65.48 11.41
N ARG C 66 -16.87 65.45 10.41
CA ARG C 66 -18.29 65.67 10.67
C ARG C 66 -18.79 64.41 11.35
N LYS C 67 -19.14 64.51 12.63
CA LYS C 67 -19.60 63.38 13.42
C LYS C 67 -21.04 63.06 13.14
N ARG C 68 -21.30 61.81 12.83
CA ARG C 68 -22.64 61.36 12.50
C ARG C 68 -23.02 60.22 13.44
N ILE C 69 -24.31 59.93 13.49
CA ILE C 69 -24.82 58.89 14.36
C ILE C 69 -25.67 57.84 13.65
N ALA C 70 -25.40 56.57 13.96
CA ALA C 70 -26.13 55.45 13.38
C ALA C 70 -26.78 54.75 14.52
N LYS C 71 -28.04 54.39 14.35
CA LYS C 71 -28.77 53.74 15.42
C LYS C 71 -28.98 52.28 15.09
N GLY C 72 -28.73 51.41 16.06
CA GLY C 72 -28.88 49.99 15.86
C GLY C 72 -30.04 49.36 16.61
N LYS C 73 -29.89 48.08 16.96
CA LYS C 73 -30.95 47.38 17.64
C LYS C 73 -30.33 46.57 18.78
N MET C 74 -31.09 46.34 19.83
CA MET C 74 -30.56 45.63 20.97
C MET C 74 -31.32 44.36 21.26
N SER C 75 -30.60 43.30 21.60
CA SER C 75 -31.25 42.03 21.85
C SER C 75 -30.57 41.28 22.96
N THR C 76 -31.22 40.21 23.40
CA THR C 76 -30.68 39.42 24.48
C THR C 76 -31.20 38.03 24.35
N TYR C 77 -30.50 37.08 24.93
CA TYR C 77 -30.94 35.69 24.86
C TYR C 77 -30.61 34.99 26.15
N ARG C 78 -31.23 33.85 26.35
CA ARG C 78 -30.93 33.08 27.53
C ARG C 78 -30.43 31.79 26.96
N PHE C 79 -29.46 31.16 27.60
CA PHE C 79 -29.03 29.92 27.04
C PHE C 79 -29.59 28.82 27.86
N PHE C 80 -29.12 28.61 29.07
CA PHE C 80 -29.77 27.55 29.81
C PHE C 80 -30.10 28.29 31.08
N ASN C 81 -29.20 28.25 32.07
CA ASN C 81 -29.42 29.03 33.25
C ASN C 81 -28.58 30.29 33.03
N TYR C 82 -28.26 30.59 31.78
CA TYR C 82 -27.48 31.77 31.41
C TYR C 82 -28.40 32.83 30.87
N SER C 83 -27.93 34.08 30.86
CA SER C 83 -28.69 35.26 30.35
C SER C 83 -27.71 36.28 29.86
N SER C 84 -27.78 36.58 28.58
CA SER C 84 -26.84 37.50 27.99
C SER C 84 -26.97 38.85 28.56
N GLY C 85 -26.02 39.69 28.22
CA GLY C 85 -26.12 41.06 28.63
C GLY C 85 -26.93 41.66 27.49
N PHE C 86 -26.79 42.95 27.27
CA PHE C 86 -27.55 43.56 26.21
C PHE C 86 -26.65 43.63 25.00
N ILE C 87 -27.03 42.88 23.97
CA ILE C 87 -26.25 42.80 22.76
C ILE C 87 -26.66 43.85 21.79
N HIS C 88 -25.71 44.53 21.16
CA HIS C 88 -26.11 45.59 20.24
C HIS C 88 -25.50 45.37 18.91
N HIS C 89 -26.21 45.73 17.87
CA HIS C 89 -25.70 45.60 16.51
C HIS C 89 -26.20 46.79 15.68
N THR C 90 -25.27 47.63 15.25
CA THR C 90 -25.62 48.79 14.48
C THR C 90 -24.84 48.70 13.21
N THR C 91 -25.47 49.18 12.13
CA THR C 91 -24.80 49.14 10.82
C THR C 91 -24.52 50.51 10.25
N ILE C 92 -23.26 50.88 10.19
CA ILE C 92 -22.94 52.15 9.62
C ILE C 92 -22.85 51.89 8.14
N ARG C 93 -23.40 52.77 7.32
CA ARG C 93 -23.33 52.53 5.89
C ARG C 93 -22.94 53.73 5.08
N LYS C 94 -22.81 53.51 3.78
CA LYS C 94 -22.43 54.57 2.86
C LYS C 94 -21.10 55.18 3.25
N LEU C 95 -20.15 54.35 3.67
CA LEU C 95 -18.84 54.86 4.04
C LEU C 95 -18.09 55.14 2.75
N LYS C 96 -17.03 55.94 2.82
CA LYS C 96 -16.21 56.25 1.65
C LYS C 96 -15.15 55.18 1.66
N TYR C 97 -14.68 54.79 0.49
CA TYR C 97 -13.65 53.75 0.40
C TYR C 97 -12.31 54.26 0.85
N ASN C 98 -11.51 53.36 1.36
CA ASN C 98 -10.20 53.70 1.84
C ASN C 98 -10.21 54.93 2.72
N THR C 99 -10.81 54.82 3.90
CA THR C 99 -10.85 55.96 4.78
C THR C 99 -10.84 55.49 6.22
N LYS C 100 -10.06 56.17 7.04
CA LYS C 100 -10.01 55.76 8.43
C LYS C 100 -11.28 56.35 8.98
N TYR C 101 -11.93 55.60 9.83
CA TYR C 101 -13.14 56.06 10.47
C TYR C 101 -13.00 55.91 11.95
N TYR C 102 -13.57 56.86 12.68
CA TYR C 102 -13.53 56.82 14.12
C TYR C 102 -14.93 56.58 14.58
N TYR C 103 -15.10 55.61 15.45
CA TYR C 103 -16.41 55.34 15.99
C TYR C 103 -16.33 55.18 17.51
N GLU C 104 -17.35 55.71 18.17
CA GLU C 104 -17.46 55.67 19.60
C GLU C 104 -18.74 54.91 19.86
N VAL C 105 -18.73 54.14 20.94
CA VAL C 105 -19.83 53.29 21.29
C VAL C 105 -20.06 53.37 22.80
N GLY C 106 -21.31 53.50 23.23
CA GLY C 106 -21.56 53.60 24.65
C GLY C 106 -21.81 55.06 25.00
N LEU C 107 -22.57 55.73 24.15
CA LEU C 107 -22.86 57.15 24.31
C LEU C 107 -23.51 57.65 25.61
N ARG C 108 -24.44 56.86 26.14
CA ARG C 108 -25.13 57.24 27.37
C ARG C 108 -24.23 57.26 28.62
N ASN C 109 -23.47 56.21 28.89
CA ASN C 109 -22.64 56.28 30.07
C ASN C 109 -21.16 56.32 29.83
N THR C 110 -20.47 55.20 29.62
CA THR C 110 -19.05 55.31 29.36
C THR C 110 -18.72 55.00 27.89
N THR C 111 -18.36 56.04 27.13
CA THR C 111 -18.03 55.94 25.72
C THR C 111 -16.62 55.41 25.40
N ARG C 112 -16.52 54.50 24.43
CA ARG C 112 -15.22 53.96 23.98
C ARG C 112 -15.06 54.20 22.48
N ARG C 113 -13.87 54.66 22.11
CA ARG C 113 -13.56 55.04 20.75
C ARG C 113 -12.71 54.00 20.07
N PHE C 114 -12.97 53.82 18.79
CA PHE C 114 -12.23 52.87 17.96
C PHE C 114 -12.12 53.43 16.56
N SER C 115 -11.42 52.72 15.69
CA SER C 115 -11.25 53.14 14.32
C SER C 115 -11.16 51.96 13.40
N PHE C 116 -11.60 52.14 12.19
CA PHE C 116 -11.49 51.08 11.19
C PHE C 116 -11.27 51.79 9.88
N ILE C 117 -10.72 51.09 8.90
CA ILE C 117 -10.48 51.72 7.61
C ILE C 117 -11.24 51.02 6.52
N THR C 118 -12.06 51.78 5.80
CA THR C 118 -12.84 51.18 4.74
C THR C 118 -11.79 50.69 3.76
N PRO C 119 -12.07 49.59 3.06
CA PRO C 119 -11.08 49.08 2.10
C PRO C 119 -11.19 49.82 0.76
N PRO C 120 -10.30 49.48 -0.16
CA PRO C 120 -10.33 50.11 -1.47
C PRO C 120 -11.51 49.60 -2.23
N GLN C 121 -11.82 50.36 -3.27
CA GLN C 121 -12.92 50.04 -4.16
C GLN C 121 -12.56 48.78 -4.90
N THR C 122 -13.54 47.90 -5.06
CA THR C 122 -13.38 46.66 -5.79
C THR C 122 -12.61 46.85 -7.09
N GLY C 123 -11.59 46.03 -7.32
CA GLY C 123 -10.83 46.18 -8.54
C GLY C 123 -10.03 44.98 -8.97
N LEU C 124 -9.64 45.01 -10.22
CA LEU C 124 -8.87 43.98 -10.83
C LEU C 124 -7.50 43.80 -10.22
N ASP C 125 -6.76 44.89 -10.05
CA ASP C 125 -5.42 44.80 -9.50
C ASP C 125 -5.28 45.42 -8.13
N VAL C 126 -6.37 45.45 -7.36
CA VAL C 126 -6.32 46.02 -6.01
C VAL C 126 -5.75 44.99 -5.02
N PRO C 127 -4.58 45.28 -4.43
CA PRO C 127 -3.97 44.34 -3.48
C PRO C 127 -4.65 44.47 -2.13
N TYR C 128 -4.49 43.45 -1.32
CA TYR C 128 -5.12 43.45 -0.01
C TYR C 128 -4.52 42.26 0.63
N THR C 129 -4.49 42.21 1.94
CA THR C 129 -3.91 41.06 2.59
C THR C 129 -4.80 40.54 3.69
N PHE C 130 -5.25 39.31 3.53
CA PHE C 130 -6.14 38.68 4.49
C PHE C 130 -5.39 37.79 5.46
N GLY C 131 -5.79 37.79 6.72
CA GLY C 131 -5.13 36.91 7.64
C GLY C 131 -6.05 35.73 7.69
N LEU C 132 -5.51 34.53 7.87
CA LEU C 132 -6.37 33.34 7.98
C LEU C 132 -6.16 32.78 9.32
N ILE C 133 -7.24 32.61 10.04
CA ILE C 133 -7.16 32.07 11.37
C ILE C 133 -8.37 31.22 11.43
N GLY C 134 -8.22 30.04 12.01
CA GLY C 134 -9.37 29.19 12.08
C GLY C 134 -9.22 28.41 13.36
N ASP C 135 -10.33 28.06 13.98
CA ASP C 135 -10.28 27.26 15.18
C ASP C 135 -9.52 27.90 16.36
N LEU C 136 -9.72 29.22 16.55
CA LEU C 136 -9.03 30.00 17.58
C LEU C 136 -9.17 29.57 19.03
N GLY C 137 -10.39 29.49 19.53
CA GLY C 137 -10.56 29.08 20.91
C GLY C 137 -9.97 30.10 21.86
N GLN C 138 -9.74 29.69 23.12
CA GLN C 138 -9.16 30.62 24.10
C GLN C 138 -8.08 30.01 25.02
N SER C 139 -7.25 29.15 24.46
CA SER C 139 -6.17 28.55 25.22
C SER C 139 -5.05 29.56 25.16
N PHE C 140 -3.95 29.30 25.83
CA PHE C 140 -2.85 30.23 25.79
C PHE C 140 -2.31 30.34 24.39
N ASP C 141 -2.34 29.19 23.72
CA ASP C 141 -1.88 29.07 22.37
C ASP C 141 -2.62 30.09 21.50
N SER C 142 -3.92 30.15 21.70
CA SER C 142 -4.76 31.04 20.95
C SER C 142 -4.21 32.44 21.11
N ASN C 143 -3.85 32.79 22.34
CA ASN C 143 -3.31 34.12 22.64
C ASN C 143 -2.10 34.37 21.76
N THR C 144 -1.24 33.40 21.75
CA THR C 144 -0.05 33.51 20.98
C THR C 144 -0.31 33.75 19.48
N THR C 145 -1.18 32.94 18.86
CA THR C 145 -1.46 33.12 17.44
C THR C 145 -1.98 34.50 17.23
N LEU C 146 -2.97 34.90 18.00
CA LEU C 146 -3.52 36.22 17.81
C LEU C 146 -2.41 37.25 17.84
N SER C 147 -1.43 37.09 18.70
CA SER C 147 -0.34 38.08 18.73
C SER C 147 0.58 37.92 17.52
N HIS C 148 0.86 36.70 17.11
CA HIS C 148 1.70 36.54 15.95
C HIS C 148 1.07 37.25 14.77
N TYR C 149 -0.25 37.09 14.61
CA TYR C 149 -0.92 37.72 13.50
C TYR C 149 -0.87 39.20 13.69
N GLU C 150 -1.01 39.63 14.94
CA GLU C 150 -0.98 41.04 15.26
C GLU C 150 0.33 41.64 14.87
N LEU C 151 1.34 40.79 14.70
CA LEU C 151 2.66 41.29 14.40
C LEU C 151 3.26 40.96 13.04
N SER C 152 2.66 40.03 12.29
CA SER C 152 3.18 39.70 10.97
C SER C 152 3.50 41.01 10.30
N PRO C 153 4.78 41.20 9.92
CA PRO C 153 5.27 42.41 9.25
C PRO C 153 4.38 42.81 8.06
N LYS C 154 4.01 41.83 7.25
CA LYS C 154 3.05 42.10 6.18
C LYS C 154 1.83 42.17 7.11
N LYS C 155 1.19 43.32 7.24
CA LYS C 155 0.09 43.40 8.18
C LYS C 155 -1.23 43.03 7.60
N GLY C 156 -1.94 42.10 8.25
CA GLY C 156 -3.24 41.68 7.74
C GLY C 156 -4.24 42.81 7.82
N GLN C 157 -5.26 42.83 6.96
CA GLN C 157 -6.23 43.91 6.94
C GLN C 157 -7.64 43.45 7.20
N THR C 158 -7.81 42.15 7.19
CA THR C 158 -9.08 41.51 7.43
C THR C 158 -8.75 40.08 7.76
N VAL C 159 -9.50 39.49 8.65
CA VAL C 159 -9.23 38.11 9.00
C VAL C 159 -10.34 37.25 8.44
N LEU C 160 -9.99 36.20 7.72
CA LEU C 160 -11.04 35.33 7.22
C LEU C 160 -11.04 34.26 8.30
N PHE C 161 -12.16 34.15 9.00
CA PHE C 161 -12.28 33.20 10.08
C PHE C 161 -13.00 31.92 9.69
N VAL C 162 -12.22 30.87 9.68
CA VAL C 162 -12.68 29.60 9.23
C VAL C 162 -13.50 28.68 10.18
N GLY C 163 -14.15 29.23 11.21
CA GLY C 163 -14.91 28.35 12.12
C GLY C 163 -14.37 27.98 13.49
N ASP C 164 -15.24 27.56 14.39
CA ASP C 164 -14.92 27.22 15.78
C ASP C 164 -14.34 28.44 16.44
N LEU C 165 -15.22 29.25 17.06
CA LEU C 165 -14.77 30.45 17.68
C LEU C 165 -14.31 30.41 19.12
N SER C 166 -15.03 29.77 20.04
CA SER C 166 -14.57 29.89 21.43
C SER C 166 -14.61 28.64 22.24
N TYR C 167 -15.20 27.60 21.70
CA TYR C 167 -15.22 26.35 22.46
C TYR C 167 -15.93 26.44 23.79
N ALA C 168 -16.85 27.38 23.91
CA ALA C 168 -17.58 27.49 25.15
C ALA C 168 -18.38 26.24 25.38
N ASP C 169 -18.76 25.57 24.32
CA ASP C 169 -19.54 24.34 24.47
C ASP C 169 -18.79 23.18 25.07
N ARG C 170 -17.52 23.37 25.41
CA ARG C 170 -16.73 22.30 26.02
C ARG C 170 -17.02 22.42 27.48
N TYR C 171 -17.30 23.63 27.91
CA TYR C 171 -17.60 23.87 29.31
C TYR C 171 -18.97 23.30 29.59
N PRO C 172 -19.32 23.12 30.87
CA PRO C 172 -20.64 22.56 31.18
C PRO C 172 -21.79 23.50 30.92
N ASN C 173 -22.82 22.97 30.28
CA ASN C 173 -23.99 23.74 29.93
C ASN C 173 -23.49 24.83 29.01
N HIS C 174 -22.41 24.50 28.32
CA HIS C 174 -21.78 25.41 27.39
C HIS C 174 -21.54 26.76 28.05
N ASP C 175 -21.48 26.80 29.36
CA ASP C 175 -21.27 28.02 30.11
C ASP C 175 -21.00 29.23 29.22
N ASN C 176 -22.06 29.82 28.71
CA ASN C 176 -21.85 30.96 27.84
C ASN C 176 -20.95 32.09 28.31
N VAL C 177 -20.49 32.03 29.54
CA VAL C 177 -19.60 33.10 29.98
C VAL C 177 -18.41 33.03 29.09
N ARG C 178 -17.99 31.80 28.78
CA ARG C 178 -16.85 31.61 27.93
C ARG C 178 -17.08 32.24 26.59
N TRP C 179 -18.31 32.58 26.26
CA TRP C 179 -18.57 33.29 25.02
C TRP C 179 -18.23 34.73 25.29
N ASP C 180 -18.53 35.20 26.51
CA ASP C 180 -18.25 36.59 26.86
C ASP C 180 -16.76 36.80 26.95
N THR C 181 -16.04 35.87 27.60
CA THR C 181 -14.59 36.01 27.73
C THR C 181 -13.95 36.10 26.36
N TRP C 182 -14.30 35.15 25.48
CA TRP C 182 -13.74 35.13 24.13
C TRP C 182 -13.99 36.44 23.42
N GLY C 183 -15.15 37.00 23.65
CA GLY C 183 -15.48 38.22 22.97
C GLY C 183 -14.54 39.31 23.38
N ARG C 184 -14.23 39.30 24.65
CA ARG C 184 -13.35 40.27 25.25
C ARG C 184 -11.91 40.01 24.81
N PHE C 185 -11.55 38.73 24.75
CA PHE C 185 -10.23 38.32 24.37
C PHE C 185 -9.86 38.85 22.99
N THR C 186 -10.70 38.56 22.01
CA THR C 186 -10.42 38.92 20.63
C THR C 186 -10.67 40.40 20.24
N GLU C 187 -11.34 41.17 21.10
CA GLU C 187 -11.62 42.60 20.80
C GLU C 187 -10.44 43.38 20.29
N ARG C 188 -9.27 43.19 20.89
CA ARG C 188 -8.12 43.93 20.43
C ARG C 188 -7.85 43.85 18.95
N SER C 189 -8.39 42.84 18.29
CA SER C 189 -8.19 42.72 16.86
C SER C 189 -9.49 43.16 16.20
N VAL C 190 -10.56 42.44 16.49
CA VAL C 190 -11.84 42.71 15.87
C VAL C 190 -12.47 44.07 16.03
N ALA C 191 -12.10 44.82 17.05
CA ALA C 191 -12.74 46.12 17.19
C ALA C 191 -12.18 47.06 16.15
N TYR C 192 -11.06 46.64 15.56
CA TYR C 192 -10.39 47.46 14.58
C TYR C 192 -10.33 46.95 13.15
N GLN C 193 -10.49 45.67 12.93
CA GLN C 193 -10.49 45.21 11.56
C GLN C 193 -11.50 44.09 11.50
N PRO C 194 -12.30 44.04 10.45
CA PRO C 194 -13.30 42.99 10.33
C PRO C 194 -12.77 41.58 10.31
N TRP C 195 -13.61 40.68 10.74
CA TRP C 195 -13.29 39.27 10.71
C TRP C 195 -14.54 38.72 9.95
N ILE C 196 -14.29 37.91 8.92
CA ILE C 196 -15.41 37.34 8.16
C ILE C 196 -15.73 36.05 8.86
N TRP C 197 -16.96 35.92 9.30
CA TRP C 197 -17.33 34.75 10.10
C TRP C 197 -17.84 33.49 9.41
N THR C 198 -17.35 32.37 9.90
CA THR C 198 -17.77 31.10 9.37
C THR C 198 -18.23 30.17 10.48
N ALA C 199 -19.43 29.66 10.31
CA ALA C 199 -19.97 28.79 11.32
C ALA C 199 -19.18 27.49 11.39
N GLY C 200 -18.71 27.14 12.57
CA GLY C 200 -17.98 25.89 12.75
C GLY C 200 -18.88 24.92 13.52
N ASN C 201 -18.44 23.70 13.72
CA ASN C 201 -19.29 22.75 14.41
C ASN C 201 -19.41 23.08 15.83
N HIS C 202 -18.41 23.71 16.41
CA HIS C 202 -18.52 24.08 17.82
C HIS C 202 -19.54 25.14 18.01
N GLU C 203 -19.94 25.80 16.93
CA GLU C 203 -20.95 26.83 16.95
C GLU C 203 -22.39 26.26 16.96
N ILE C 204 -22.56 25.05 16.43
CA ILE C 204 -23.88 24.42 16.39
C ILE C 204 -24.56 24.42 17.71
N GLU C 205 -23.88 23.90 18.71
CA GLU C 205 -24.43 23.83 20.07
C GLU C 205 -25.78 23.22 20.22
N PHE C 206 -25.97 22.05 19.63
CA PHE C 206 -27.24 21.36 19.75
C PHE C 206 -27.29 20.65 21.15
N ALA C 207 -27.99 21.22 22.11
CA ALA C 207 -27.99 20.63 23.44
C ALA C 207 -29.31 20.21 24.01
N PRO C 208 -29.92 19.20 23.42
CA PRO C 208 -31.21 18.66 23.83
C PRO C 208 -31.31 18.42 25.33
N GLU C 209 -30.22 17.91 25.90
CA GLU C 209 -30.17 17.62 27.33
C GLU C 209 -30.54 18.80 28.20
N ILE C 210 -30.10 19.97 27.81
CA ILE C 210 -30.38 21.14 28.62
C ILE C 210 -31.43 21.93 27.92
N ASN C 211 -32.17 21.22 27.10
CA ASN C 211 -33.26 21.80 26.37
C ASN C 211 -32.95 22.94 25.45
N GLU C 212 -31.77 22.94 24.88
CA GLU C 212 -31.36 23.96 23.93
C GLU C 212 -31.30 23.19 22.68
N THR C 213 -32.11 23.55 21.69
CA THR C 213 -32.13 22.75 20.48
C THR C 213 -32.18 23.53 19.23
N GLU C 214 -31.88 24.81 19.33
CA GLU C 214 -31.89 25.65 18.15
C GLU C 214 -30.42 25.85 17.77
N PRO C 215 -29.98 25.17 16.71
CA PRO C 215 -28.61 25.20 16.19
C PRO C 215 -28.10 26.60 16.06
N PHE C 216 -26.86 26.82 16.43
CA PHE C 216 -26.21 28.11 16.32
C PHE C 216 -26.82 29.28 17.09
N LYS C 217 -27.58 29.03 18.15
CA LYS C 217 -28.17 30.18 18.89
C LYS C 217 -27.21 31.23 19.47
N PRO C 218 -26.39 30.84 20.46
CA PRO C 218 -25.51 31.87 20.98
C PRO C 218 -24.68 32.52 19.89
N PHE C 219 -24.27 31.71 18.93
CA PHE C 219 -23.41 32.24 17.90
C PHE C 219 -24.13 33.30 17.12
N SER C 220 -25.33 32.92 16.66
CA SER C 220 -26.14 33.85 15.87
C SER C 220 -26.46 35.15 16.56
N TYR C 221 -26.68 35.14 17.88
CA TYR C 221 -26.99 36.38 18.57
C TYR C 221 -25.81 37.29 18.66
N ARG C 222 -24.65 36.73 18.88
CA ARG C 222 -23.47 37.51 19.03
C ARG C 222 -22.78 37.94 17.77
N TYR C 223 -22.79 37.10 16.75
CA TYR C 223 -22.08 37.43 15.52
C TYR C 223 -23.03 37.53 14.33
N HIS C 224 -23.10 38.70 13.70
CA HIS C 224 -24.02 38.91 12.57
C HIS C 224 -23.26 39.11 11.28
N VAL C 225 -23.90 38.77 10.17
CA VAL C 225 -23.22 38.91 8.88
C VAL C 225 -24.19 39.52 7.90
N PRO C 226 -23.68 40.23 6.87
CA PRO C 226 -24.50 40.86 5.85
C PRO C 226 -24.94 39.78 4.91
N TYR C 227 -25.68 38.82 5.41
CA TYR C 227 -26.03 37.78 4.52
C TYR C 227 -26.99 38.23 3.49
N GLU C 228 -27.90 39.11 3.87
CA GLU C 228 -28.87 39.64 2.93
C GLU C 228 -28.21 40.44 1.79
N ALA C 229 -26.93 40.81 1.93
CA ALA C 229 -26.23 41.56 0.88
C ALA C 229 -26.10 40.71 -0.39
N SER C 230 -25.73 39.44 -0.23
CA SER C 230 -25.68 38.45 -1.32
C SER C 230 -27.18 38.18 -1.26
N GLN C 231 -27.70 37.12 -1.82
CA GLN C 231 -29.12 37.09 -1.58
C GLN C 231 -29.48 35.94 -0.73
N SER C 232 -28.65 35.75 0.27
CA SER C 232 -28.82 34.62 1.16
C SER C 232 -30.01 34.80 2.01
N THR C 233 -30.61 33.69 2.41
CA THR C 233 -31.76 33.72 3.26
C THR C 233 -31.36 33.25 4.63
N SER C 234 -30.05 33.20 4.87
CA SER C 234 -29.55 32.72 6.13
C SER C 234 -28.15 33.20 6.34
N PRO C 235 -27.83 33.59 7.57
CA PRO C 235 -26.48 34.08 7.90
C PRO C 235 -25.38 33.06 7.81
N PHE C 236 -25.77 31.81 7.64
CA PHE C 236 -24.79 30.76 7.61
C PHE C 236 -24.00 30.59 6.35
N TRP C 237 -24.46 31.22 5.30
CA TRP C 237 -23.77 31.20 4.01
C TRP C 237 -24.01 32.50 3.28
N TYR C 238 -22.94 33.11 2.80
CA TYR C 238 -23.12 34.38 2.17
C TYR C 238 -21.84 34.68 1.44
N SER C 239 -21.72 35.89 0.88
CA SER C 239 -20.48 36.28 0.19
C SER C 239 -20.28 37.74 0.36
N ILE C 240 -19.07 38.17 0.10
CA ILE C 240 -18.75 39.57 0.20
C ILE C 240 -17.67 39.77 -0.80
N LYS C 241 -17.63 40.96 -1.36
CA LYS C 241 -16.57 41.27 -2.29
C LYS C 241 -15.80 42.29 -1.46
N ARG C 242 -14.49 42.26 -1.57
CA ARG C 242 -13.67 43.19 -0.86
C ARG C 242 -12.39 43.29 -1.64
N ALA C 243 -11.93 44.52 -1.83
CA ALA C 243 -10.71 44.75 -2.59
C ALA C 243 -10.84 44.01 -3.93
N SER C 244 -9.97 43.05 -4.20
CA SER C 244 -10.04 42.34 -5.45
C SER C 244 -10.57 40.94 -5.34
N ALA C 245 -10.87 40.49 -4.14
CA ALA C 245 -11.34 39.12 -3.99
C ALA C 245 -12.82 39.03 -3.87
N HIS C 246 -13.37 37.89 -4.26
CA HIS C 246 -14.81 37.63 -4.12
C HIS C 246 -14.82 36.43 -3.15
N ILE C 247 -15.49 36.56 -2.01
CA ILE C 247 -15.45 35.51 -1.02
C ILE C 247 -16.77 34.90 -0.80
N ILE C 248 -16.81 33.60 -0.87
CA ILE C 248 -18.03 32.86 -0.65
C ILE C 248 -17.80 32.09 0.61
N VAL C 249 -18.77 32.16 1.50
CA VAL C 249 -18.70 31.47 2.78
C VAL C 249 -19.81 30.43 2.80
N LEU C 250 -19.46 29.17 3.07
CA LEU C 250 -20.45 28.09 3.12
C LEU C 250 -20.63 27.50 4.54
N SER C 251 -21.61 26.62 4.73
CA SER C 251 -21.83 26.05 6.05
C SER C 251 -21.86 24.53 6.00
N SER C 252 -20.81 23.90 6.50
CA SER C 252 -20.70 22.45 6.46
C SER C 252 -21.76 21.78 7.27
N TYR C 253 -22.27 22.49 8.26
CA TYR C 253 -23.25 21.91 9.16
C TYR C 253 -24.68 22.38 8.95
N SER C 254 -24.85 23.09 7.85
CA SER C 254 -26.16 23.53 7.43
C SER C 254 -26.43 22.49 6.34
N ALA C 255 -27.49 22.63 5.55
CA ALA C 255 -27.72 21.64 4.49
C ALA C 255 -27.29 22.08 3.07
N TYR C 256 -26.85 21.10 2.26
CA TYR C 256 -26.42 21.36 0.88
C TYR C 256 -27.11 20.44 -0.10
N GLY C 257 -28.18 19.77 0.34
CA GLY C 257 -28.88 18.87 -0.55
C GLY C 257 -29.26 19.62 -1.82
N ARG C 258 -29.55 18.89 -2.88
CA ARG C 258 -29.91 19.50 -4.12
C ARG C 258 -31.27 20.07 -3.95
N GLY C 259 -31.40 21.36 -4.14
CA GLY C 259 -32.70 21.97 -3.99
C GLY C 259 -32.84 22.72 -2.66
N THR C 260 -31.97 22.40 -1.70
CA THR C 260 -32.01 23.08 -0.41
C THR C 260 -31.53 24.49 -0.66
N PRO C 261 -31.84 25.39 0.26
CA PRO C 261 -31.44 26.77 0.09
C PRO C 261 -29.98 26.98 -0.07
N GLN C 262 -29.15 26.33 0.72
CA GLN C 262 -27.73 26.61 0.54
C GLN C 262 -27.30 26.17 -0.84
N TYR C 263 -27.71 24.98 -1.21
CA TYR C 263 -27.37 24.46 -2.51
C TYR C 263 -27.80 25.48 -3.58
N THR C 264 -29.08 25.83 -3.55
CA THR C 264 -29.63 26.78 -4.50
C THR C 264 -28.83 28.05 -4.55
N TRP C 265 -28.57 28.63 -3.40
CA TRP C 265 -27.83 29.87 -3.37
C TRP C 265 -26.44 29.76 -3.96
N LEU C 266 -25.63 28.82 -3.50
CA LEU C 266 -24.25 28.69 -4.00
C LEU C 266 -24.17 28.58 -5.51
N LYS C 267 -25.14 27.88 -6.10
CA LYS C 267 -25.15 27.70 -7.54
C LYS C 267 -25.23 29.07 -8.19
N LYS C 268 -26.36 29.72 -7.98
CA LYS C 268 -26.61 31.02 -8.52
C LYS C 268 -25.46 31.98 -8.24
N GLU C 269 -24.98 31.96 -7.01
CA GLU C 269 -23.92 32.86 -6.61
C GLU C 269 -22.69 32.68 -7.45
N LEU C 270 -22.32 31.42 -7.72
CA LEU C 270 -21.13 31.15 -8.51
C LEU C 270 -21.24 31.81 -9.87
N ARG C 271 -22.46 31.82 -10.40
CA ARG C 271 -22.71 32.43 -11.69
C ARG C 271 -22.60 33.94 -11.57
N LYS C 272 -22.76 34.49 -10.37
CA LYS C 272 -22.70 35.95 -10.26
C LYS C 272 -21.27 36.50 -10.12
N VAL C 273 -20.28 35.63 -10.09
CA VAL C 273 -18.91 36.10 -9.91
C VAL C 273 -18.36 36.73 -11.17
N LYS C 274 -17.71 37.89 -11.07
CA LYS C 274 -17.13 38.52 -12.26
C LYS C 274 -15.64 38.64 -12.08
N ARG C 275 -14.87 37.76 -12.73
CA ARG C 275 -13.41 37.79 -12.55
C ARG C 275 -12.68 39.00 -13.08
N SER C 276 -13.36 39.70 -13.99
CA SER C 276 -12.86 40.93 -14.58
C SER C 276 -12.93 42.04 -13.55
N GLU C 277 -13.77 41.84 -12.53
CA GLU C 277 -13.98 42.78 -11.45
C GLU C 277 -13.21 42.30 -10.23
N THR C 278 -13.43 41.06 -9.86
CA THR C 278 -12.77 40.47 -8.71
C THR C 278 -12.01 39.28 -9.16
N PRO C 279 -10.76 39.49 -9.55
CA PRO C 279 -9.93 38.38 -10.00
C PRO C 279 -9.84 37.18 -9.04
N TRP C 280 -9.68 37.45 -7.73
CA TRP C 280 -9.52 36.36 -6.77
C TRP C 280 -10.75 35.78 -6.20
N LEU C 281 -10.98 34.50 -6.44
CA LEU C 281 -12.19 33.85 -5.96
C LEU C 281 -11.84 32.90 -4.82
N ILE C 282 -12.22 33.22 -3.58
CA ILE C 282 -11.89 32.41 -2.41
C ILE C 282 -13.12 31.80 -1.81
N VAL C 283 -13.02 30.60 -1.29
CA VAL C 283 -14.17 29.98 -0.66
C VAL C 283 -13.77 29.60 0.75
N LEU C 284 -14.70 29.75 1.70
CA LEU C 284 -14.45 29.41 3.09
C LEU C 284 -15.42 28.38 3.57
N MET C 285 -14.95 27.52 4.47
CA MET C 285 -15.75 26.44 5.06
C MET C 285 -15.00 25.89 6.26
N HIS C 286 -15.69 25.12 7.08
CA HIS C 286 -15.02 24.58 8.23
C HIS C 286 -14.36 23.23 7.97
N SER C 287 -15.18 22.22 7.66
CA SER C 287 -14.68 20.87 7.42
C SER C 287 -14.10 20.91 6.04
N PRO C 288 -12.84 20.53 5.91
CA PRO C 288 -12.05 20.48 4.70
C PRO C 288 -12.37 19.28 3.78
N LEU C 289 -12.52 19.57 2.48
CA LEU C 289 -12.82 18.57 1.46
C LEU C 289 -11.63 17.60 1.16
N TYR C 290 -10.41 18.14 1.21
CA TYR C 290 -9.18 17.39 0.99
C TYR C 290 -8.39 17.43 2.30
N ASN C 291 -8.26 16.27 2.98
CA ASN C 291 -7.56 16.19 4.27
C ASN C 291 -6.83 14.86 4.47
N SER C 292 -5.55 14.91 4.84
CA SER C 292 -4.76 13.69 5.01
C SER C 292 -4.40 13.37 6.44
N TYR C 293 -5.03 14.05 7.38
CA TYR C 293 -4.81 13.74 8.77
C TYR C 293 -5.82 12.71 9.17
N ASN C 294 -5.55 12.02 10.27
CA ASN C 294 -6.46 10.99 10.71
C ASN C 294 -7.69 11.62 11.30
N HIS C 295 -7.50 12.66 12.08
CA HIS C 295 -8.62 13.32 12.73
C HIS C 295 -9.55 13.89 11.68
N HIS C 296 -10.81 13.50 11.71
CA HIS C 296 -11.81 13.98 10.75
C HIS C 296 -11.49 13.54 9.33
N PHE C 297 -10.66 12.53 9.20
CA PHE C 297 -10.32 12.07 7.87
C PHE C 297 -11.59 11.69 7.17
N MET C 298 -11.77 12.27 5.97
CA MET C 298 -12.92 12.00 5.08
C MET C 298 -14.32 12.49 5.46
N GLU C 299 -14.39 13.54 6.30
CA GLU C 299 -15.72 14.08 6.67
C GLU C 299 -16.24 14.94 5.52
N GLY C 300 -15.31 15.64 4.89
CA GLY C 300 -15.63 16.50 3.75
C GLY C 300 -16.17 15.79 2.50
N GLU C 301 -16.10 14.47 2.53
CA GLU C 301 -16.59 13.65 1.44
C GLU C 301 -17.94 14.10 0.94
N ALA C 302 -18.95 14.04 1.80
CA ALA C 302 -20.28 14.46 1.41
C ALA C 302 -20.26 15.84 0.72
N MET C 303 -19.93 16.94 1.42
CA MET C 303 -19.93 18.25 0.73
C MET C 303 -19.04 18.24 -0.50
N ARG C 304 -18.07 17.33 -0.55
CA ARG C 304 -17.20 17.24 -1.72
C ARG C 304 -17.99 16.73 -2.92
N THR C 305 -18.61 15.57 -2.75
CA THR C 305 -19.43 15.00 -3.80
C THR C 305 -20.44 16.00 -4.35
N LYS C 306 -20.72 17.08 -3.62
CA LYS C 306 -21.68 18.07 -4.05
C LYS C 306 -21.10 19.36 -4.65
N PHE C 307 -19.98 19.85 -4.17
CA PHE C 307 -19.55 21.12 -4.73
C PHE C 307 -18.27 21.19 -5.49
N GLU C 308 -17.46 20.12 -5.40
CA GLU C 308 -16.15 20.11 -6.07
C GLU C 308 -16.19 20.53 -7.53
N ALA C 309 -17.03 19.84 -8.30
CA ALA C 309 -17.17 20.14 -9.69
C ALA C 309 -17.36 21.63 -9.91
N TRP C 310 -18.28 22.22 -9.16
CA TRP C 310 -18.54 23.63 -9.30
C TRP C 310 -17.25 24.41 -9.11
N PHE C 311 -16.53 24.08 -8.05
CA PHE C 311 -15.27 24.76 -7.77
C PHE C 311 -14.32 24.66 -8.93
N VAL C 312 -14.16 23.45 -9.47
CA VAL C 312 -13.22 23.26 -10.57
C VAL C 312 -13.76 24.04 -11.75
N LYS C 313 -15.04 23.85 -12.01
CA LYS C 313 -15.71 24.53 -13.10
C LYS C 313 -15.56 26.05 -13.11
N TYR C 314 -15.65 26.70 -11.94
CA TYR C 314 -15.52 28.15 -11.90
C TYR C 314 -14.13 28.64 -11.62
N LYS C 315 -13.23 27.68 -11.52
CA LYS C 315 -11.84 27.93 -11.27
C LYS C 315 -11.58 28.68 -9.98
N VAL C 316 -12.18 28.26 -8.86
CA VAL C 316 -11.93 28.98 -7.63
C VAL C 316 -10.42 28.81 -7.31
N ASP C 317 -9.78 29.89 -6.88
CA ASP C 317 -8.37 29.85 -6.56
C ASP C 317 -8.00 29.02 -5.34
N VAL C 318 -8.49 29.39 -4.15
CA VAL C 318 -8.18 28.68 -2.91
C VAL C 318 -9.44 28.29 -2.17
N VAL C 319 -9.29 27.39 -1.22
CA VAL C 319 -10.40 27.00 -0.39
C VAL C 319 -9.77 26.76 0.97
N PHE C 320 -10.15 27.61 1.94
CA PHE C 320 -9.64 27.49 3.29
C PHE C 320 -10.62 26.81 4.22
N ALA C 321 -10.11 25.94 5.09
CA ALA C 321 -10.97 25.28 6.05
C ALA C 321 -10.24 25.20 7.36
N GLY C 322 -10.92 24.73 8.40
CA GLY C 322 -10.27 24.57 9.68
C GLY C 322 -10.64 23.15 10.05
N HIS C 323 -11.16 22.96 11.26
CA HIS C 323 -11.61 21.66 11.71
C HIS C 323 -10.50 20.66 12.01
N VAL C 324 -9.37 20.77 11.36
CA VAL C 324 -8.32 19.84 11.70
C VAL C 324 -7.24 20.71 12.32
N HIS C 325 -7.10 20.60 13.62
CA HIS C 325 -6.13 21.37 14.35
C HIS C 325 -4.73 21.05 13.93
N ALA C 326 -4.37 21.54 12.75
CA ALA C 326 -3.06 21.34 12.17
C ALA C 326 -3.02 22.10 10.82
N TYR C 327 -1.97 21.95 10.04
CA TYR C 327 -1.85 22.66 8.79
C TYR C 327 -1.60 21.70 7.66
N GLU C 328 -2.05 22.07 6.47
CA GLU C 328 -1.87 21.25 5.28
C GLU C 328 -2.17 22.09 4.05
N ARG C 329 -1.49 21.79 2.95
CA ARG C 329 -1.63 22.48 1.68
C ARG C 329 -1.71 21.41 0.60
N SER C 330 -2.42 21.66 -0.49
CA SER C 330 -2.54 20.65 -1.50
C SER C 330 -2.11 21.06 -2.84
N GLU C 331 -2.06 20.07 -3.73
CA GLU C 331 -1.74 20.28 -5.12
C GLU C 331 -3.07 20.66 -5.78
N ARG C 332 -3.03 21.42 -6.87
CA ARG C 332 -4.26 21.75 -7.50
C ARG C 332 -4.67 20.39 -7.98
N VAL C 333 -5.77 19.90 -7.44
CA VAL C 333 -6.22 18.57 -7.71
C VAL C 333 -7.73 18.46 -7.78
N SER C 334 -8.22 17.56 -8.62
CA SER C 334 -9.65 17.31 -8.73
C SER C 334 -9.84 15.81 -8.53
N ASN C 335 -11.07 15.35 -8.48
CA ASN C 335 -11.35 13.93 -8.33
C ASN C 335 -12.80 13.94 -8.68
N ILE C 336 -13.07 14.40 -9.89
CA ILE C 336 -14.44 14.54 -10.31
C ILE C 336 -14.79 13.60 -11.42
N ALA C 337 -14.16 12.44 -11.43
CA ALA C 337 -14.44 11.52 -12.50
C ALA C 337 -15.23 10.28 -12.15
N TYR C 338 -15.27 9.96 -10.85
CA TYR C 338 -15.97 8.77 -10.43
C TYR C 338 -17.43 8.73 -10.84
N LYS C 339 -17.83 7.57 -11.31
CA LYS C 339 -19.20 7.34 -11.72
C LYS C 339 -19.52 5.95 -11.21
N ILE C 340 -19.18 5.71 -9.96
CA ILE C 340 -19.43 4.45 -9.27
C ILE C 340 -18.62 3.23 -9.74
N THR C 341 -19.08 2.66 -10.83
CA THR C 341 -18.47 1.46 -11.36
C THR C 341 -17.23 1.69 -12.25
N ASP C 342 -16.95 2.92 -12.63
CA ASP C 342 -15.82 3.14 -13.50
C ASP C 342 -14.44 3.25 -12.87
N GLY C 343 -14.34 2.98 -11.56
CA GLY C 343 -13.05 3.02 -10.86
C GLY C 343 -12.16 4.27 -10.90
N LEU C 344 -12.64 5.33 -11.53
CA LEU C 344 -11.87 6.57 -11.58
C LEU C 344 -12.02 7.39 -10.28
N CYS C 345 -11.72 6.73 -9.16
CA CYS C 345 -11.87 7.39 -7.90
C CYS C 345 -10.53 7.76 -7.29
N THR C 346 -9.68 8.38 -8.08
CA THR C 346 -8.42 8.78 -7.53
C THR C 346 -8.02 10.15 -8.01
N PRO C 347 -7.72 11.04 -7.05
CA PRO C 347 -7.32 12.42 -7.26
C PRO C 347 -6.19 12.53 -8.25
N VAL C 348 -6.36 13.44 -9.20
CA VAL C 348 -5.37 13.69 -10.25
C VAL C 348 -5.03 15.17 -10.23
N LYS C 349 -3.84 15.54 -10.69
CA LYS C 349 -3.55 16.96 -10.71
C LYS C 349 -4.49 17.55 -11.76
N ASP C 350 -5.08 18.71 -11.48
CA ASP C 350 -6.00 19.38 -12.40
C ASP C 350 -5.65 20.84 -12.20
N GLN C 351 -5.34 21.56 -13.26
CA GLN C 351 -4.96 22.98 -13.07
C GLN C 351 -6.13 23.97 -13.00
N SER C 352 -7.35 23.45 -13.09
CA SER C 352 -8.50 24.32 -12.96
C SER C 352 -8.99 24.19 -11.54
N ALA C 353 -8.48 23.20 -10.82
CA ALA C 353 -8.89 23.00 -9.45
C ALA C 353 -8.14 23.95 -8.54
N PRO C 354 -8.78 24.35 -7.46
CA PRO C 354 -8.23 25.25 -6.46
C PRO C 354 -7.24 24.50 -5.58
N VAL C 355 -6.47 25.26 -4.84
CA VAL C 355 -5.55 24.69 -3.90
C VAL C 355 -6.37 24.64 -2.59
N TYR C 356 -6.49 23.46 -1.98
CA TYR C 356 -7.23 23.34 -0.72
C TYR C 356 -6.26 23.47 0.44
N ILE C 357 -6.40 24.50 1.28
CA ILE C 357 -5.52 24.73 2.43
C ILE C 357 -6.36 24.58 3.67
N THR C 358 -5.82 24.02 4.74
CA THR C 358 -6.59 23.89 5.96
C THR C 358 -5.78 24.50 7.07
N ILE C 359 -6.35 25.47 7.78
CA ILE C 359 -5.65 26.17 8.86
C ILE C 359 -6.33 26.16 10.20
N GLY C 360 -6.88 25.01 10.57
CA GLY C 360 -7.53 24.90 11.86
C GLY C 360 -6.50 24.78 12.99
N ASP C 361 -5.35 25.40 12.85
CA ASP C 361 -4.36 25.26 13.88
C ASP C 361 -4.08 26.54 14.61
N ALA C 362 -5.07 27.39 14.85
CA ALA C 362 -4.80 28.64 15.55
C ALA C 362 -4.77 28.50 17.07
N GLY C 363 -5.19 27.35 17.61
CA GLY C 363 -5.10 27.20 19.07
C GLY C 363 -6.04 26.29 19.78
N ASN C 364 -7.32 26.46 19.47
CA ASN C 364 -8.41 25.72 20.10
C ASN C 364 -8.15 25.63 21.57
N TYR C 365 -8.43 24.49 22.20
CA TYR C 365 -8.16 24.39 23.62
C TYR C 365 -6.71 23.90 23.89
N GLY C 366 -5.82 24.28 22.96
CA GLY C 366 -4.41 23.93 23.05
C GLY C 366 -4.01 22.53 22.68
N VAL C 367 -4.69 21.93 21.71
CA VAL C 367 -4.37 20.57 21.32
C VAL C 367 -4.22 20.48 19.83
N ILE C 368 -3.11 19.89 19.40
CA ILE C 368 -2.82 19.75 17.98
C ILE C 368 -3.08 18.34 17.51
N ASP C 369 -3.60 18.21 16.29
CA ASP C 369 -3.83 16.91 15.66
C ASP C 369 -2.52 16.59 14.93
N SER C 370 -1.84 15.55 15.38
CA SER C 370 -0.56 15.17 14.79
C SER C 370 -0.56 13.87 14.02
N ASN C 371 -1.43 12.94 14.39
CA ASN C 371 -1.41 11.67 13.69
C ASN C 371 -1.93 11.80 12.25
N MET C 372 -1.09 11.56 11.25
CA MET C 372 -1.60 11.66 9.89
C MET C 372 -1.66 10.39 9.07
N ILE C 373 -2.26 10.53 7.89
CA ILE C 373 -2.37 9.40 6.99
C ILE C 373 -0.97 9.19 6.54
N GLN C 374 -0.54 7.94 6.50
CA GLN C 374 0.84 7.64 6.09
C GLN C 374 0.93 6.57 5.01
N PRO C 375 1.71 6.84 3.97
CA PRO C 375 2.48 8.05 3.66
C PRO C 375 1.67 9.19 3.07
N GLN C 376 2.25 10.38 3.14
CA GLN C 376 1.61 11.57 2.64
C GLN C 376 1.22 11.34 1.20
N PRO C 377 -0.07 11.32 0.89
CA PRO C 377 -0.54 11.10 -0.48
C PRO C 377 -0.17 12.15 -1.45
N GLU C 378 -0.26 11.78 -2.72
CA GLU C 378 0.08 12.66 -3.84
C GLU C 378 -0.61 13.99 -3.73
N TYR C 379 -1.93 13.99 -3.52
CA TYR C 379 -2.65 15.25 -3.44
C TYR C 379 -2.10 16.28 -2.41
N SER C 380 -1.55 15.73 -1.34
CA SER C 380 -1.02 16.54 -0.27
C SER C 380 0.29 17.17 -0.61
N ALA C 381 0.35 18.48 -0.64
CA ALA C 381 1.58 19.18 -0.99
C ALA C 381 2.50 19.44 0.17
N PHE C 382 1.94 19.70 1.33
CA PHE C 382 2.79 19.99 2.46
C PHE C 382 1.93 19.95 3.69
N ARG C 383 2.36 19.29 4.74
CA ARG C 383 1.49 19.26 5.91
C ARG C 383 2.32 19.28 7.13
N GLU C 384 1.82 19.94 8.18
CA GLU C 384 2.54 19.97 9.44
C GLU C 384 1.61 20.20 10.60
N ALA C 385 1.92 19.54 11.71
CA ALA C 385 1.12 19.67 12.90
C ALA C 385 1.69 20.73 13.88
N SER C 386 1.51 22.00 13.58
CA SER C 386 2.00 23.06 14.46
C SER C 386 0.93 24.09 14.62
N PHE C 387 1.05 24.92 15.66
CA PHE C 387 0.06 25.96 15.82
C PHE C 387 0.52 27.17 15.00
N GLY C 388 -0.40 27.88 14.37
CA GLY C 388 -0.06 29.05 13.59
C GLY C 388 -1.26 29.71 12.92
N HIS C 389 -1.00 30.70 12.09
CA HIS C 389 -2.05 31.39 11.37
C HIS C 389 -1.52 31.55 9.95
N GLY C 390 -2.28 32.17 9.04
CA GLY C 390 -1.78 32.33 7.69
C GLY C 390 -2.05 33.71 7.15
N MET C 391 -1.43 34.05 6.03
CA MET C 391 -1.65 35.34 5.41
C MET C 391 -1.80 35.06 3.95
N PHE C 392 -2.74 35.69 3.28
CA PHE C 392 -2.92 35.47 1.86
C PHE C 392 -2.83 36.88 1.27
N ASP C 393 -1.62 37.25 0.85
CA ASP C 393 -1.33 38.57 0.33
C ASP C 393 -1.54 38.77 -1.14
N ILE C 394 -2.64 39.37 -1.51
CA ILE C 394 -2.94 39.58 -2.90
C ILE C 394 -2.11 40.72 -3.44
N LYS C 395 -1.47 40.45 -4.58
CA LYS C 395 -0.61 41.42 -5.23
C LYS C 395 -1.19 42.02 -6.50
N ASN C 396 -1.30 41.22 -7.55
CA ASN C 396 -1.84 41.73 -8.80
C ASN C 396 -3.07 40.91 -9.01
N ARG C 397 -3.58 40.91 -10.23
CA ARG C 397 -4.74 40.11 -10.59
C ARG C 397 -4.18 38.74 -10.95
N THR C 398 -2.85 38.63 -10.91
CA THR C 398 -2.19 37.39 -11.27
C THR C 398 -1.45 36.76 -10.14
N HIS C 399 -0.98 37.60 -9.24
CA HIS C 399 -0.23 37.11 -8.10
C HIS C 399 -0.80 37.38 -6.73
N ALA C 400 -0.69 36.36 -5.89
CA ALA C 400 -1.12 36.40 -4.51
C ALA C 400 -0.17 35.47 -3.82
N HIS C 401 0.36 35.89 -2.69
CA HIS C 401 1.31 35.07 -2.01
C HIS C 401 0.85 34.61 -0.64
N PHE C 402 0.58 33.32 -0.53
CA PHE C 402 0.17 32.73 0.71
C PHE C 402 1.39 32.40 1.56
N SER C 403 1.23 32.42 2.89
CA SER C 403 2.31 32.17 3.83
C SER C 403 1.71 31.48 5.05
N TRP C 404 2.55 30.79 5.83
CA TRP C 404 2.09 30.11 7.03
C TRP C 404 3.14 30.28 8.11
N ASN C 405 2.86 31.10 9.09
CA ASN C 405 3.84 31.34 10.17
C ASN C 405 3.62 30.42 11.35
N ARG C 406 4.66 29.69 11.74
CA ARG C 406 4.47 28.83 12.90
C ARG C 406 4.58 29.59 14.20
N ASN C 407 3.86 29.14 15.21
CA ASN C 407 3.91 29.78 16.51
C ASN C 407 5.28 29.60 17.12
N GLN C 408 5.99 28.54 16.72
CA GLN C 408 7.34 28.31 17.24
C GLN C 408 8.35 29.33 16.69
N ASP C 409 8.18 29.68 15.42
CA ASP C 409 9.06 30.60 14.72
C ASP C 409 8.88 32.00 15.25
N GLY C 410 9.71 32.89 14.77
CA GLY C 410 9.60 34.28 15.15
C GLY C 410 8.53 34.85 14.25
N VAL C 411 8.00 35.98 14.65
CA VAL C 411 6.96 36.66 13.93
C VAL C 411 7.03 36.72 12.42
N ALA C 412 8.23 36.94 11.91
CA ALA C 412 8.39 37.07 10.47
C ALA C 412 8.88 35.84 9.72
N VAL C 413 8.89 34.70 10.38
CA VAL C 413 9.36 33.45 9.78
C VAL C 413 8.27 32.66 9.08
N GLU C 414 8.36 32.58 7.76
CA GLU C 414 7.35 31.88 6.97
C GLU C 414 7.62 30.38 6.89
N ALA C 415 7.19 29.62 7.87
CA ALA C 415 7.42 28.18 7.85
C ALA C 415 7.03 27.50 6.54
N ASP C 416 6.13 28.12 5.78
CA ASP C 416 5.73 27.61 4.46
C ASP C 416 5.37 28.87 3.69
N SER C 417 5.48 28.83 2.37
CA SER C 417 5.20 30.00 1.57
C SER C 417 4.94 29.49 0.17
N VAL C 418 4.04 30.16 -0.55
CA VAL C 418 3.63 29.73 -1.88
C VAL C 418 3.07 30.88 -2.74
N TRP C 419 3.43 30.94 -4.02
CA TRP C 419 2.88 31.98 -4.87
C TRP C 419 1.67 31.42 -5.55
N PHE C 420 0.59 32.17 -5.60
CA PHE C 420 -0.62 31.70 -6.24
C PHE C 420 -0.78 32.36 -7.61
N PHE C 421 -0.95 31.55 -8.65
CA PHE C 421 -1.16 32.03 -9.99
C PHE C 421 -2.64 32.03 -10.25
N ASN C 422 -3.16 33.20 -10.57
CA ASN C 422 -4.58 33.32 -10.73
C ASN C 422 -5.17 32.36 -11.71
N ARG C 423 -5.99 31.44 -11.23
CA ARG C 423 -6.63 30.44 -12.11
C ARG C 423 -7.31 31.03 -13.32
N HIS C 424 -7.62 32.32 -13.27
CA HIS C 424 -8.24 32.94 -14.43
C HIS C 424 -7.28 33.73 -15.31
N TRP C 425 -6.59 34.73 -14.79
CA TRP C 425 -5.67 35.50 -15.61
C TRP C 425 -4.31 34.88 -15.80
N TYR C 426 -3.93 33.93 -14.97
CA TYR C 426 -2.58 33.41 -15.10
C TYR C 426 -2.46 31.96 -14.69
N PRO C 427 -3.33 31.09 -15.22
CA PRO C 427 -3.42 29.65 -14.98
C PRO C 427 -2.21 28.86 -15.37
N VAL C 428 -1.10 29.17 -14.73
CA VAL C 428 0.15 28.49 -14.98
C VAL C 428 0.31 27.49 -13.83
N ASP C 429 1.20 26.53 -13.98
CA ASP C 429 1.40 25.59 -12.89
C ASP C 429 2.19 26.24 -11.73
N ASP C 430 1.47 26.54 -10.66
CA ASP C 430 2.06 27.12 -9.47
C ASP C 430 2.39 26.01 -8.51
N SER C 431 1.58 24.95 -8.61
CA SER C 431 1.69 23.75 -7.78
C SER C 431 3.14 23.45 -7.48
N THR C 432 3.45 23.36 -6.20
CA THR C 432 4.80 23.09 -5.70
C THR C 432 4.66 22.12 -4.50
N ARG D 9 48.43 -15.85 -30.71
CA ARG D 9 47.84 -16.17 -32.06
C ARG D 9 46.33 -16.36 -31.98
N ASP D 10 45.82 -16.29 -30.75
CA ASP D 10 44.40 -16.46 -30.44
C ASP D 10 43.55 -15.21 -30.76
N MET D 11 42.50 -15.41 -31.55
CA MET D 11 41.62 -14.32 -31.92
C MET D 11 41.35 -13.59 -30.64
N PRO D 12 41.54 -12.30 -30.68
CA PRO D 12 41.33 -11.40 -29.54
C PRO D 12 39.85 -11.35 -29.14
N LEU D 13 39.59 -10.82 -27.95
CA LEU D 13 38.24 -10.77 -27.45
C LEU D 13 37.20 -10.03 -28.25
N ASP D 14 37.61 -8.97 -28.94
CA ASP D 14 36.65 -8.18 -29.73
C ASP D 14 36.14 -8.90 -30.96
N SER D 15 36.94 -9.86 -31.42
CA SER D 15 36.65 -10.65 -32.60
C SER D 15 35.16 -10.86 -32.79
N ASP D 16 34.70 -10.53 -33.99
CA ASP D 16 33.29 -10.65 -34.37
C ASP D 16 32.70 -11.99 -34.03
N VAL D 17 33.59 -12.96 -34.01
CA VAL D 17 33.22 -14.31 -33.78
C VAL D 17 32.75 -14.46 -32.34
N PHE D 18 33.39 -13.74 -31.43
CA PHE D 18 33.07 -13.78 -30.00
C PHE D 18 31.91 -12.86 -29.55
N ARG D 19 31.20 -12.26 -30.49
CA ARG D 19 30.12 -11.37 -30.12
C ARG D 19 28.95 -11.99 -29.37
N VAL D 20 28.43 -11.27 -28.38
CA VAL D 20 27.29 -11.73 -27.58
C VAL D 20 25.94 -11.31 -28.15
N PRO D 21 25.10 -12.29 -28.40
CA PRO D 21 23.77 -12.05 -28.95
C PRO D 21 23.09 -11.02 -28.12
N PRO D 22 22.50 -10.05 -28.80
CA PRO D 22 21.77 -8.92 -28.25
C PRO D 22 20.46 -9.39 -27.63
N GLY D 23 20.09 -8.72 -26.54
CA GLY D 23 18.86 -9.05 -25.85
C GLY D 23 19.17 -9.25 -24.38
N TYR D 24 18.22 -8.89 -23.53
CA TYR D 24 18.46 -9.06 -22.12
C TYR D 24 18.34 -10.51 -21.79
N ASN D 25 19.45 -11.06 -21.27
CA ASN D 25 19.56 -12.45 -20.82
C ASN D 25 19.28 -13.28 -22.05
N ALA D 26 20.08 -13.01 -23.07
CA ALA D 26 19.99 -13.69 -24.35
C ALA D 26 20.77 -14.95 -24.23
N PRO D 27 20.11 -16.09 -24.46
CA PRO D 27 20.79 -17.38 -24.37
C PRO D 27 22.00 -17.39 -25.26
N GLN D 28 23.17 -17.60 -24.69
CA GLN D 28 24.34 -17.62 -25.50
C GLN D 28 25.02 -18.96 -25.33
N GLN D 29 26.08 -19.15 -26.09
CA GLN D 29 26.84 -20.38 -26.08
C GLN D 29 25.98 -21.63 -26.34
N VAL D 30 24.91 -21.52 -27.12
CA VAL D 30 24.05 -22.67 -27.39
C VAL D 30 24.85 -23.75 -28.03
N HIS D 31 24.59 -25.00 -27.66
CA HIS D 31 25.31 -26.15 -28.19
C HIS D 31 24.60 -27.47 -27.87
N ILE D 32 24.42 -28.33 -28.87
CA ILE D 32 23.69 -29.60 -28.66
C ILE D 32 24.56 -30.83 -28.86
N THR D 33 24.06 -32.01 -28.44
CA THR D 33 24.74 -33.32 -28.63
C THR D 33 23.68 -34.40 -28.55
N GLN D 34 24.06 -35.61 -28.91
CA GLN D 34 23.12 -36.71 -28.86
C GLN D 34 22.78 -36.96 -27.40
N GLY D 35 21.48 -37.10 -27.15
CA GLY D 35 21.02 -37.30 -25.80
C GLY D 35 20.81 -38.73 -25.42
N ASP D 36 20.81 -39.66 -26.35
CA ASP D 36 20.56 -41.04 -26.00
C ASP D 36 21.56 -41.94 -26.65
N LEU D 37 21.26 -43.23 -26.64
CA LEU D 37 22.15 -44.18 -27.25
C LEU D 37 21.96 -44.38 -28.75
N VAL D 38 20.76 -44.21 -29.25
CA VAL D 38 20.51 -44.48 -30.66
C VAL D 38 20.06 -43.38 -31.58
N GLY D 39 20.00 -42.16 -31.05
CA GLY D 39 19.64 -41.05 -31.91
C GLY D 39 18.38 -40.26 -31.73
N ARG D 40 17.48 -40.71 -30.86
CA ARG D 40 16.28 -39.92 -30.72
C ARG D 40 16.18 -39.04 -29.49
N ALA D 41 17.27 -38.34 -29.18
CA ALA D 41 17.33 -37.48 -28.02
C ALA D 41 18.45 -36.52 -28.25
N MET D 42 18.27 -35.30 -27.79
CA MET D 42 19.27 -34.28 -27.94
C MET D 42 19.46 -33.62 -26.62
N ILE D 43 20.65 -33.09 -26.42
CA ILE D 43 20.89 -32.38 -25.19
C ILE D 43 21.17 -30.95 -25.60
N ILE D 44 20.29 -30.04 -25.21
CA ILE D 44 20.45 -28.65 -25.53
C ILE D 44 21.10 -27.97 -24.36
N SER D 45 22.19 -27.27 -24.60
CA SER D 45 22.86 -26.61 -23.52
C SER D 45 23.10 -25.18 -23.90
N TRP D 46 22.86 -24.24 -22.99
CA TRP D 46 23.16 -22.83 -23.25
C TRP D 46 23.52 -22.12 -21.97
N VAL D 47 23.84 -20.84 -22.07
CA VAL D 47 24.21 -20.06 -20.91
C VAL D 47 23.48 -18.74 -20.93
N THR D 48 22.97 -18.32 -19.78
CA THR D 48 22.31 -17.03 -19.67
C THR D 48 23.23 -16.33 -18.72
N MET D 49 23.52 -15.06 -18.98
CA MET D 49 24.42 -14.32 -18.13
C MET D 49 23.79 -13.27 -17.20
N ASP D 50 22.62 -12.76 -17.55
CA ASP D 50 21.98 -11.72 -16.77
C ASP D 50 21.31 -12.20 -15.53
N GLU D 51 20.54 -13.24 -15.67
CA GLU D 51 19.89 -13.78 -14.53
C GLU D 51 19.56 -15.18 -14.94
N PRO D 52 19.39 -16.06 -13.97
CA PRO D 52 19.10 -17.46 -14.15
C PRO D 52 18.29 -17.82 -15.37
N GLY D 53 17.08 -17.31 -15.50
CA GLY D 53 16.26 -17.64 -16.65
C GLY D 53 15.58 -19.00 -16.58
N SER D 54 14.80 -19.38 -17.61
CA SER D 54 14.06 -20.66 -17.65
C SER D 54 14.85 -21.71 -18.39
N SER D 55 14.94 -22.91 -17.82
CA SER D 55 15.65 -23.97 -18.49
C SER D 55 14.71 -24.77 -19.36
N ALA D 56 13.58 -24.19 -19.79
CA ALA D 56 12.66 -24.91 -20.67
C ALA D 56 13.12 -24.69 -22.10
N VAL D 57 12.75 -25.63 -22.96
CA VAL D 57 13.11 -25.58 -24.37
C VAL D 57 11.84 -25.86 -25.16
N ARG D 58 11.56 -25.01 -26.14
CA ARG D 58 10.39 -25.19 -26.95
C ARG D 58 10.86 -25.80 -28.24
N TYR D 59 10.21 -26.89 -28.64
CA TYR D 59 10.58 -27.57 -29.89
C TYR D 59 9.37 -28.17 -30.60
N TRP D 60 9.52 -28.32 -31.90
CA TRP D 60 8.47 -28.90 -32.74
C TRP D 60 9.10 -29.33 -34.05
N SER D 61 8.44 -30.27 -34.75
CA SER D 61 8.96 -30.78 -36.01
C SER D 61 8.44 -29.92 -37.14
N GLU D 62 9.17 -29.90 -38.24
CA GLU D 62 8.78 -29.06 -39.37
C GLU D 62 7.39 -29.40 -39.85
N LYS D 63 7.15 -30.69 -40.08
CA LYS D 63 5.87 -31.24 -40.53
C LYS D 63 4.73 -30.96 -39.54
N ASN D 64 4.75 -31.66 -38.41
CA ASN D 64 3.75 -31.50 -37.36
C ASN D 64 4.26 -30.40 -36.41
N GLY D 65 3.85 -29.16 -36.70
CA GLY D 65 4.26 -28.03 -35.91
C GLY D 65 3.71 -27.98 -34.50
N ARG D 66 3.38 -29.13 -33.90
CA ARG D 66 2.85 -29.12 -32.54
C ARG D 66 4.02 -28.77 -31.64
N LYS D 67 3.98 -27.58 -31.06
CA LYS D 67 5.07 -27.12 -30.21
C LYS D 67 4.97 -27.74 -28.84
N ARG D 68 6.08 -28.32 -28.38
CA ARG D 68 6.15 -28.97 -27.08
C ARG D 68 7.25 -28.34 -26.25
N ILE D 69 7.24 -28.56 -24.93
CA ILE D 69 8.25 -27.98 -24.07
C ILE D 69 8.97 -28.99 -23.23
N ALA D 70 10.29 -28.84 -23.13
CA ALA D 70 11.11 -29.74 -22.32
C ALA D 70 11.74 -28.91 -21.25
N LYS D 71 11.76 -29.40 -20.03
CA LYS D 71 12.35 -28.62 -18.96
C LYS D 71 13.67 -29.20 -18.50
N GLY D 72 14.68 -28.35 -18.38
CA GLY D 72 15.99 -28.82 -17.99
C GLY D 72 16.38 -28.43 -16.59
N LYS D 73 17.68 -28.27 -16.37
CA LYS D 73 18.17 -27.93 -15.07
C LYS D 73 19.23 -26.86 -15.24
N MET D 74 19.43 -26.04 -14.23
CA MET D 74 20.40 -24.98 -14.36
C MET D 74 21.44 -25.09 -13.30
N SER D 75 22.69 -24.80 -13.65
CA SER D 75 23.78 -24.91 -12.69
C SER D 75 24.81 -23.83 -12.88
N THR D 76 25.69 -23.67 -11.91
CA THR D 76 26.72 -22.64 -12.01
C THR D 76 27.94 -23.14 -11.28
N TYR D 77 29.12 -22.62 -11.60
CA TYR D 77 30.33 -23.04 -10.91
C TYR D 77 31.23 -21.86 -10.74
N ARG D 78 32.20 -21.99 -9.86
CA ARG D 78 33.15 -20.92 -9.67
C ARG D 78 34.43 -21.58 -10.03
N PHE D 79 35.32 -20.89 -10.72
CA PHE D 79 36.59 -21.50 -11.00
C PHE D 79 37.61 -20.99 -10.02
N PHE D 80 38.14 -19.79 -10.17
CA PHE D 80 39.08 -19.36 -9.12
C PHE D 80 38.48 -18.07 -8.65
N ASN D 81 38.84 -16.97 -9.29
CA ASN D 81 38.17 -15.75 -8.96
C ASN D 81 37.12 -15.58 -10.08
N TYR D 82 36.77 -16.69 -10.78
CA TYR D 82 35.76 -16.70 -11.87
C TYR D 82 34.42 -17.20 -11.34
N SER D 83 33.33 -16.86 -12.04
CA SER D 83 31.97 -17.29 -11.68
C SER D 83 31.13 -17.44 -12.94
N SER D 84 30.64 -18.64 -13.18
CA SER D 84 29.94 -18.89 -14.39
C SER D 84 28.69 -18.13 -14.45
N GLY D 85 28.08 -18.18 -15.61
CA GLY D 85 26.80 -17.55 -15.79
C GLY D 85 25.90 -18.72 -15.44
N PHE D 86 24.64 -18.63 -15.81
CA PHE D 86 23.78 -19.71 -15.46
C PHE D 86 23.77 -20.68 -16.59
N ILE D 87 24.29 -21.86 -16.34
CA ILE D 87 24.36 -22.89 -17.34
C ILE D 87 23.10 -23.69 -17.38
N HIS D 88 22.62 -24.04 -18.54
CA HIS D 88 21.40 -24.83 -18.62
C HIS D 88 21.58 -26.06 -19.48
N HIS D 89 20.98 -27.18 -19.10
CA HIS D 89 21.07 -28.37 -19.89
C HIS D 89 19.71 -29.07 -19.85
N THR D 90 19.05 -29.15 -21.00
CA THR D 90 17.74 -29.77 -21.12
C THR D 90 17.85 -30.88 -22.13
N THR D 91 17.16 -31.98 -21.91
CA THR D 91 17.26 -33.08 -22.83
C THR D 91 15.93 -33.37 -23.50
N ILE D 92 15.81 -33.11 -24.78
CA ILE D 92 14.57 -33.38 -25.49
C ILE D 92 14.69 -34.83 -25.85
N ARG D 93 13.62 -35.56 -25.73
CA ARG D 93 13.72 -36.96 -26.07
C ARG D 93 12.55 -37.45 -26.88
N LYS D 94 12.61 -38.72 -27.27
CA LYS D 94 11.56 -39.34 -28.06
C LYS D 94 11.32 -38.58 -29.36
N LEU D 95 12.39 -38.14 -29.99
CA LEU D 95 12.25 -37.44 -31.26
C LEU D 95 12.03 -38.50 -32.33
N LYS D 96 11.55 -38.08 -33.49
CA LYS D 96 11.31 -38.98 -34.61
C LYS D 96 12.60 -38.99 -35.40
N TYR D 97 12.94 -40.11 -36.02
CA TYR D 97 14.20 -40.16 -36.76
C TYR D 97 14.11 -39.36 -38.01
N ASN D 98 15.25 -38.87 -38.45
CA ASN D 98 15.32 -38.10 -39.68
C ASN D 98 14.23 -37.05 -39.73
N THR D 99 14.35 -36.04 -38.91
CA THR D 99 13.33 -35.02 -38.93
C THR D 99 13.96 -33.72 -38.52
N LYS D 100 13.55 -32.66 -39.21
CA LYS D 100 14.08 -31.35 -38.85
C LYS D 100 13.27 -30.92 -37.66
N TYR D 101 13.95 -30.36 -36.67
CA TYR D 101 13.32 -29.91 -35.47
C TYR D 101 13.68 -28.49 -35.22
N TYR D 102 12.74 -27.77 -34.67
CA TYR D 102 12.97 -26.40 -34.37
C TYR D 102 12.87 -26.27 -32.88
N TYR D 103 13.86 -25.61 -32.31
CA TYR D 103 13.85 -25.41 -30.88
C TYR D 103 14.20 -23.97 -30.59
N GLU D 104 13.51 -23.41 -29.60
CA GLU D 104 13.71 -22.05 -29.18
C GLU D 104 14.20 -22.18 -27.74
N VAL D 105 15.07 -21.28 -27.34
CA VAL D 105 15.66 -21.33 -26.03
C VAL D 105 15.70 -19.89 -25.50
N GLY D 106 15.31 -19.70 -24.24
CA GLY D 106 15.33 -18.35 -23.68
C GLY D 106 13.94 -17.80 -23.71
N LEU D 107 13.02 -18.63 -23.27
CA LEU D 107 11.62 -18.28 -23.31
C LEU D 107 11.18 -17.07 -22.50
N ARG D 108 11.81 -16.84 -21.34
CA ARG D 108 11.40 -15.74 -20.46
C ARG D 108 11.73 -14.39 -20.98
N ASN D 109 12.93 -14.21 -21.50
CA ASN D 109 13.20 -12.89 -21.99
C ASN D 109 13.46 -12.82 -23.46
N THR D 110 14.68 -13.10 -23.90
CA THR D 110 14.90 -13.04 -25.33
C THR D 110 15.12 -14.44 -25.92
N THR D 111 14.13 -14.89 -26.66
CA THR D 111 14.13 -16.21 -27.25
C THR D 111 14.92 -16.31 -28.54
N ARG D 112 15.68 -17.39 -28.68
CA ARG D 112 16.45 -17.65 -29.89
C ARG D 112 16.06 -19.00 -30.46
N ARG D 113 15.86 -19.04 -31.78
CA ARG D 113 15.43 -20.23 -32.49
C ARG D 113 16.54 -20.94 -33.22
N PHE D 114 16.49 -22.26 -33.23
CA PHE D 114 17.49 -23.07 -33.93
C PHE D 114 16.78 -24.31 -34.50
N SER D 115 17.56 -25.14 -35.17
CA SER D 115 17.04 -26.36 -35.74
C SER D 115 18.11 -27.42 -35.83
N PHE D 116 17.69 -28.67 -35.73
CA PHE D 116 18.61 -29.79 -35.83
C PHE D 116 17.80 -30.87 -36.49
N ILE D 117 18.48 -31.85 -37.04
CA ILE D 117 17.76 -32.95 -37.69
C ILE D 117 18.10 -34.26 -37.08
N THR D 118 17.09 -34.99 -36.65
CA THR D 118 17.37 -36.28 -36.03
C THR D 118 17.99 -37.11 -37.13
N PRO D 119 18.88 -38.03 -36.77
CA PRO D 119 19.49 -38.82 -37.83
C PRO D 119 18.59 -39.97 -38.18
N PRO D 120 19.03 -40.76 -39.17
CA PRO D 120 18.26 -41.91 -39.59
C PRO D 120 18.37 -43.00 -38.53
N GLN D 121 17.44 -43.93 -38.63
CA GLN D 121 17.41 -45.04 -37.72
C GLN D 121 18.61 -45.92 -37.95
N THR D 122 19.21 -46.41 -36.88
CA THR D 122 20.37 -47.30 -36.96
C THR D 122 20.18 -48.36 -38.04
N GLY D 123 21.19 -48.54 -38.88
CA GLY D 123 21.07 -49.51 -39.94
C GLY D 123 22.37 -49.97 -40.55
N LEU D 124 22.28 -51.10 -41.22
CA LEU D 124 23.41 -51.74 -41.86
C LEU D 124 24.03 -50.93 -42.97
N ASP D 125 23.20 -50.42 -43.87
CA ASP D 125 23.70 -49.64 -45.01
C ASP D 125 23.26 -48.17 -44.94
N VAL D 126 23.07 -47.65 -43.74
CA VAL D 126 22.66 -46.26 -43.59
C VAL D 126 23.90 -45.37 -43.68
N PRO D 127 23.98 -44.50 -44.69
CA PRO D 127 25.13 -43.60 -44.87
C PRO D 127 25.01 -42.40 -43.97
N TYR D 128 26.15 -41.81 -43.64
CA TYR D 128 26.16 -40.67 -42.76
C TYR D 128 27.55 -40.16 -42.92
N THR D 129 27.74 -38.87 -42.70
CA THR D 129 29.08 -38.32 -42.86
C THR D 129 29.49 -37.54 -41.61
N PHE D 130 30.56 -38.00 -40.99
CA PHE D 130 31.04 -37.35 -39.78
C PHE D 130 32.19 -36.45 -40.07
N GLY D 131 32.23 -35.32 -39.38
CA GLY D 131 33.35 -34.42 -39.55
C GLY D 131 34.32 -34.77 -38.43
N LEU D 132 35.61 -34.70 -38.70
CA LEU D 132 36.53 -34.96 -37.63
C LEU D 132 37.26 -33.68 -37.39
N ILE D 133 37.19 -33.20 -36.17
CA ILE D 133 37.90 -32.00 -35.77
C ILE D 133 38.47 -32.33 -34.43
N GLY D 134 39.72 -31.94 -34.23
CA GLY D 134 40.33 -32.23 -32.96
C GLY D 134 41.29 -31.12 -32.62
N ASP D 135 41.40 -30.79 -31.35
CA ASP D 135 42.32 -29.77 -30.96
C ASP D 135 41.99 -28.38 -31.55
N LEU D 136 40.72 -28.03 -31.63
CA LEU D 136 40.27 -26.77 -32.19
C LEU D 136 40.85 -25.47 -31.59
N GLY D 137 40.66 -25.22 -30.29
CA GLY D 137 41.18 -23.99 -29.71
C GLY D 137 40.48 -22.75 -30.29
N GLN D 138 41.08 -21.57 -30.11
CA GLN D 138 40.46 -20.36 -30.63
C GLN D 138 41.40 -19.37 -31.34
N SER D 139 42.38 -19.90 -32.10
CA SER D 139 43.29 -19.08 -32.87
C SER D 139 42.55 -18.74 -34.18
N PHE D 140 43.19 -17.95 -35.02
CA PHE D 140 42.54 -17.59 -36.28
C PHE D 140 42.39 -18.82 -37.11
N ASP D 141 43.41 -19.65 -37.03
CA ASP D 141 43.47 -20.88 -37.73
C ASP D 141 42.22 -21.66 -37.43
N SER D 142 41.92 -21.74 -36.14
CA SER D 142 40.75 -22.45 -35.71
C SER D 142 39.55 -21.92 -36.46
N ASN D 143 39.44 -20.60 -36.57
CA ASN D 143 38.32 -20.01 -37.27
C ASN D 143 38.26 -20.57 -38.67
N THR D 144 39.42 -20.61 -39.30
CA THR D 144 39.52 -21.11 -40.65
C THR D 144 39.03 -22.55 -40.80
N THR D 145 39.59 -23.47 -40.01
CA THR D 145 39.16 -24.87 -40.05
C THR D 145 37.65 -24.96 -39.95
N LEU D 146 37.08 -24.42 -38.87
CA LEU D 146 35.64 -24.42 -38.68
C LEU D 146 34.90 -23.97 -39.98
N SER D 147 35.42 -22.98 -40.70
CA SER D 147 34.75 -22.55 -41.92
C SER D 147 34.97 -23.55 -43.04
N HIS D 148 36.16 -24.11 -43.13
CA HIS D 148 36.38 -25.10 -44.16
C HIS D 148 35.40 -26.25 -43.98
N TYR D 149 35.25 -26.69 -42.75
CA TYR D 149 34.32 -27.78 -42.47
C TYR D 149 32.91 -27.34 -42.77
N GLU D 150 32.63 -26.09 -42.44
CA GLU D 150 31.31 -25.54 -42.68
C GLU D 150 30.99 -25.54 -44.18
N LEU D 151 32.03 -25.69 -45.00
CA LEU D 151 31.81 -25.62 -46.41
C LEU D 151 32.08 -26.87 -47.18
N SER D 152 32.78 -27.85 -46.59
CA SER D 152 33.05 -29.08 -47.31
C SER D 152 31.78 -29.45 -48.07
N PRO D 153 31.88 -29.55 -49.41
CA PRO D 153 30.78 -29.89 -50.29
C PRO D 153 30.08 -31.14 -49.80
N LYS D 154 30.83 -32.17 -49.45
CA LYS D 154 30.20 -33.34 -48.87
C LYS D 154 29.95 -32.67 -47.55
N LYS D 155 28.70 -32.49 -47.14
CA LYS D 155 28.45 -31.80 -45.87
C LYS D 155 28.38 -32.68 -44.63
N GLY D 156 29.21 -32.35 -43.64
CA GLY D 156 29.25 -33.11 -42.39
C GLY D 156 27.93 -33.01 -41.68
N GLN D 157 27.55 -34.07 -40.97
CA GLN D 157 26.28 -34.08 -40.25
C GLN D 157 26.40 -34.19 -38.72
N THR D 158 27.61 -34.49 -38.28
CA THR D 158 27.92 -34.63 -36.88
C THR D 158 29.45 -34.51 -36.82
N VAL D 159 29.96 -33.84 -35.79
CA VAL D 159 31.39 -33.68 -35.67
C VAL D 159 31.88 -34.56 -34.58
N LEU D 160 32.82 -35.42 -34.87
CA LEU D 160 33.38 -36.21 -33.78
C LEU D 160 34.54 -35.34 -33.28
N PHE D 161 34.47 -34.90 -32.03
CA PHE D 161 35.50 -34.03 -31.49
C PHE D 161 36.51 -34.80 -30.66
N VAL D 162 37.71 -34.82 -31.16
CA VAL D 162 38.75 -35.58 -30.55
C VAL D 162 39.56 -35.01 -29.35
N GLY D 163 39.05 -34.00 -28.65
CA GLY D 163 39.80 -33.48 -27.50
C GLY D 163 40.45 -32.10 -27.59
N ASP D 164 40.75 -31.49 -26.45
CA ASP D 164 41.30 -30.11 -26.39
C ASP D 164 40.31 -29.13 -27.08
N LEU D 165 39.41 -28.54 -26.31
CA LEU D 165 38.42 -27.66 -26.84
C LEU D 165 38.75 -26.20 -26.90
N SER D 166 39.30 -25.62 -25.85
CA SER D 166 39.48 -24.17 -25.93
C SER D 166 40.78 -23.61 -25.45
N TYR D 167 41.55 -24.42 -24.76
CA TYR D 167 42.85 -23.93 -24.33
C TYR D 167 42.77 -22.75 -23.40
N ALA D 168 41.64 -22.61 -22.75
CA ALA D 168 41.51 -21.52 -21.82
C ALA D 168 42.57 -21.69 -20.73
N ASP D 169 42.99 -22.91 -20.48
CA ASP D 169 43.98 -23.08 -19.43
C ASP D 169 45.35 -22.56 -19.78
N ARG D 170 45.51 -21.99 -20.95
CA ARG D 170 46.82 -21.43 -21.29
C ARG D 170 46.83 -20.04 -20.70
N TYR D 171 45.65 -19.45 -20.58
CA TYR D 171 45.51 -18.12 -20.03
C TYR D 171 45.76 -18.21 -18.53
N PRO D 172 46.04 -17.08 -17.87
CA PRO D 172 46.29 -17.14 -16.42
C PRO D 172 45.07 -17.46 -15.57
N ASN D 173 45.25 -18.36 -14.63
CA ASN D 173 44.16 -18.81 -13.77
C ASN D 173 43.10 -19.39 -14.67
N HIS D 174 43.57 -19.90 -15.78
CA HIS D 174 42.73 -20.54 -16.79
C HIS D 174 41.57 -19.64 -17.13
N ASP D 175 41.76 -18.32 -17.01
CA ASP D 175 40.73 -17.35 -17.27
C ASP D 175 39.50 -17.93 -17.97
N ASN D 176 38.60 -18.53 -17.20
CA ASN D 176 37.43 -19.14 -17.81
C ASN D 176 36.62 -18.31 -18.80
N VAL D 177 36.97 -17.03 -18.97
CA VAL D 177 36.20 -16.27 -19.93
C VAL D 177 36.45 -16.94 -21.25
N ARG D 178 37.70 -17.39 -21.45
CA ARG D 178 38.08 -18.02 -22.71
C ARG D 178 37.25 -19.24 -22.99
N TRP D 179 36.56 -19.74 -21.96
CA TRP D 179 35.67 -20.88 -22.13
C TRP D 179 34.40 -20.29 -22.68
N ASP D 180 34.00 -19.13 -22.17
CA ASP D 180 32.79 -18.47 -22.67
C ASP D 180 32.98 -18.05 -24.15
N THR D 181 34.13 -17.45 -24.47
CA THR D 181 34.34 -17.01 -25.83
C THR D 181 34.23 -18.19 -26.74
N TRP D 182 34.96 -19.26 -26.43
CA TRP D 182 34.94 -20.44 -27.25
C TRP D 182 33.53 -20.93 -27.48
N GLY D 183 32.79 -20.95 -26.40
CA GLY D 183 31.45 -21.44 -26.51
C GLY D 183 30.68 -20.65 -27.52
N ARG D 184 30.94 -19.35 -27.58
CA ARG D 184 30.28 -18.42 -28.49
C ARG D 184 30.82 -18.60 -29.91
N PHE D 185 32.13 -18.83 -29.98
CA PHE D 185 32.81 -19.01 -31.24
C PHE D 185 32.20 -20.15 -32.01
N THR D 186 32.20 -21.32 -31.40
CA THR D 186 31.71 -22.50 -32.06
C THR D 186 30.20 -22.64 -32.23
N GLU D 187 29.41 -21.82 -31.57
CA GLU D 187 27.94 -21.95 -31.66
C GLU D 187 27.38 -22.13 -33.06
N ARG D 188 27.95 -21.43 -34.02
CA ARG D 188 27.43 -21.48 -35.38
C ARG D 188 27.35 -22.86 -35.92
N SER D 189 28.18 -23.74 -35.38
CA SER D 189 28.18 -25.12 -35.84
C SER D 189 27.33 -25.93 -34.87
N VAL D 190 27.82 -26.05 -33.64
CA VAL D 190 27.14 -26.80 -32.58
C VAL D 190 25.69 -26.51 -32.21
N ALA D 191 25.17 -25.32 -32.48
CA ALA D 191 23.79 -25.11 -32.11
C ALA D 191 22.92 -25.82 -33.10
N TYR D 192 23.52 -26.25 -34.22
CA TYR D 192 22.77 -26.92 -35.27
C TYR D 192 23.09 -28.37 -35.57
N GLN D 193 24.25 -28.85 -35.18
CA GLN D 193 24.56 -30.25 -35.41
C GLN D 193 25.42 -30.72 -34.25
N PRO D 194 25.12 -31.89 -33.71
CA PRO D 194 25.87 -32.43 -32.59
C PRO D 194 27.34 -32.59 -32.78
N TRP D 195 28.07 -32.42 -31.70
CA TRP D 195 29.50 -32.62 -31.70
C TRP D 195 29.65 -33.67 -30.61
N ILE D 196 30.38 -34.76 -30.88
CA ILE D 196 30.52 -35.80 -29.86
C ILE D 196 31.74 -35.42 -29.09
N TRP D 197 31.61 -35.26 -27.76
CA TRP D 197 32.75 -34.79 -26.96
C TRP D 197 33.74 -35.78 -26.39
N THR D 198 35.00 -35.42 -26.50
CA THR D 198 36.06 -36.23 -25.98
C THR D 198 36.98 -35.40 -25.12
N ALA D 199 37.19 -35.89 -23.91
CA ALA D 199 38.03 -35.17 -22.96
C ALA D 199 39.47 -35.14 -23.41
N GLY D 200 40.02 -33.93 -23.49
CA GLY D 200 41.43 -33.75 -23.87
C GLY D 200 42.26 -33.38 -22.64
N ASN D 201 43.59 -33.39 -22.75
CA ASN D 201 44.39 -33.05 -21.59
C ASN D 201 44.21 -31.63 -21.21
N HIS D 202 43.98 -30.76 -22.16
CA HIS D 202 43.73 -29.36 -21.79
C HIS D 202 42.46 -29.20 -21.00
N GLU D 203 41.57 -30.21 -21.04
CA GLU D 203 40.34 -30.20 -20.28
C GLU D 203 40.55 -30.53 -18.81
N ILE D 204 41.60 -31.29 -18.51
CA ILE D 204 41.88 -31.70 -17.13
C ILE D 204 41.89 -30.57 -16.18
N GLU D 205 42.69 -29.55 -16.48
CA GLU D 205 42.76 -28.37 -15.63
C GLU D 205 43.01 -28.59 -14.18
N PHE D 206 44.06 -29.35 -13.88
CA PHE D 206 44.41 -29.63 -12.49
C PHE D 206 45.27 -28.46 -11.99
N ALA D 207 44.67 -27.52 -11.29
CA ALA D 207 45.41 -26.33 -10.85
C ALA D 207 45.53 -26.13 -9.38
N PRO D 208 46.30 -26.97 -8.73
CA PRO D 208 46.55 -26.94 -7.29
C PRO D 208 46.94 -25.55 -6.78
N GLU D 209 47.80 -24.89 -7.55
CA GLU D 209 48.25 -23.56 -7.20
C GLU D 209 47.12 -22.57 -6.90
N ILE D 210 46.07 -22.62 -7.71
CA ILE D 210 44.97 -21.73 -7.49
C ILE D 210 43.86 -22.48 -6.80
N ASN D 211 44.26 -23.53 -6.14
CA ASN D 211 43.34 -24.33 -5.40
C ASN D 211 42.21 -24.97 -6.17
N GLU D 212 42.43 -25.25 -7.44
CA GLU D 212 41.45 -25.95 -8.27
C GLU D 212 42.04 -27.32 -8.41
N THR D 213 41.36 -28.36 -7.92
CA THR D 213 41.98 -29.66 -7.98
C THR D 213 41.06 -30.76 -8.39
N GLU D 214 39.91 -30.37 -8.95
CA GLU D 214 38.96 -31.36 -9.40
C GLU D 214 39.09 -31.40 -10.91
N PRO D 215 39.69 -32.47 -11.43
CA PRO D 215 39.91 -32.69 -12.86
C PRO D 215 38.67 -32.49 -13.65
N PHE D 216 38.82 -31.87 -14.80
CA PHE D 216 37.72 -31.61 -15.73
C PHE D 216 36.53 -30.78 -15.22
N LYS D 217 36.73 -29.97 -14.20
CA LYS D 217 35.61 -29.17 -13.72
C LYS D 217 34.89 -28.25 -14.74
N PRO D 218 35.56 -27.21 -15.20
CA PRO D 218 34.85 -26.36 -16.15
C PRO D 218 34.29 -27.14 -17.34
N PHE D 219 35.09 -28.11 -17.79
CA PHE D 219 34.64 -28.84 -18.94
C PHE D 219 33.34 -29.56 -18.64
N SER D 220 33.37 -30.25 -17.52
CA SER D 220 32.23 -31.02 -17.14
C SER D 220 31.02 -30.21 -16.95
N TYR D 221 31.12 -28.98 -16.49
CA TYR D 221 29.91 -28.19 -16.28
C TYR D 221 29.32 -27.73 -17.56
N ARG D 222 30.19 -27.45 -18.52
CA ARG D 222 29.70 -26.91 -19.73
C ARG D 222 29.24 -27.92 -20.74
N TYR D 223 29.98 -28.99 -20.83
CA TYR D 223 29.67 -29.99 -21.82
C TYR D 223 29.20 -31.29 -21.22
N HIS D 224 27.99 -31.71 -21.57
CA HIS D 224 27.45 -32.94 -21.03
C HIS D 224 27.30 -34.00 -22.11
N VAL D 225 27.31 -35.27 -21.74
CA VAL D 225 27.15 -36.36 -22.68
C VAL D 225 26.25 -37.39 -22.08
N PRO D 226 25.55 -38.18 -22.92
CA PRO D 226 24.64 -39.23 -22.48
C PRO D 226 25.48 -40.42 -22.04
N TYR D 227 26.28 -40.25 -21.01
CA TYR D 227 27.10 -41.36 -20.66
C TYR D 227 26.27 -42.45 -20.07
N GLU D 228 25.23 -42.06 -19.39
CA GLU D 228 24.38 -43.06 -18.79
C GLU D 228 23.64 -43.91 -19.84
N ALA D 229 23.56 -43.44 -21.08
CA ALA D 229 22.88 -44.21 -22.14
C ALA D 229 23.61 -45.56 -22.35
N SER D 230 24.95 -45.51 -22.36
CA SER D 230 25.81 -46.71 -22.42
C SER D 230 25.73 -47.00 -20.93
N GLN D 231 26.48 -47.88 -20.36
CA GLN D 231 26.19 -47.92 -18.96
C GLN D 231 27.34 -47.34 -18.24
N SER D 232 27.86 -46.26 -18.75
CA SER D 232 29.00 -45.64 -18.14
C SER D 232 28.63 -44.99 -16.85
N THR D 233 29.60 -44.95 -15.95
CA THR D 233 29.41 -44.33 -14.64
C THR D 233 30.15 -43.02 -14.60
N SER D 234 30.53 -42.54 -15.77
CA SER D 234 31.27 -41.30 -15.86
C SER D 234 31.18 -40.75 -17.26
N PRO D 235 31.02 -39.44 -17.38
CA PRO D 235 30.89 -38.76 -18.67
C PRO D 235 32.18 -38.79 -19.52
N PHE D 236 33.27 -39.25 -18.93
CA PHE D 236 34.52 -39.28 -19.64
C PHE D 236 34.71 -40.38 -20.62
N TRP D 237 33.81 -41.35 -20.60
CA TRP D 237 33.87 -42.46 -21.55
C TRP D 237 32.48 -42.95 -21.76
N TYR D 238 32.10 -43.20 -23.00
CA TYR D 238 30.75 -43.63 -23.28
C TYR D 238 30.70 -44.02 -24.73
N SER D 239 29.50 -44.28 -25.25
CA SER D 239 29.38 -44.65 -26.65
C SER D 239 28.03 -44.24 -27.12
N ILE D 240 27.89 -44.12 -28.42
CA ILE D 240 26.62 -43.76 -28.99
C ILE D 240 26.56 -44.47 -30.28
N LYS D 241 25.37 -44.82 -30.70
CA LYS D 241 25.21 -45.48 -31.96
C LYS D 241 24.55 -44.38 -32.73
N ARG D 242 24.91 -44.21 -33.98
CA ARG D 242 24.28 -43.19 -34.80
C ARG D 242 24.36 -43.66 -36.24
N ALA D 243 23.25 -43.56 -36.99
CA ALA D 243 23.23 -44.02 -38.39
C ALA D 243 23.69 -45.46 -38.42
N SER D 244 24.79 -45.72 -39.10
CA SER D 244 25.30 -47.06 -39.16
C SER D 244 26.56 -47.30 -38.32
N ALA D 245 27.07 -46.26 -37.66
CA ALA D 245 28.30 -46.41 -36.87
C ALA D 245 28.05 -46.59 -35.42
N HIS D 246 28.97 -47.28 -34.74
CA HIS D 246 28.90 -47.50 -33.30
C HIS D 246 30.15 -46.77 -32.82
N ILE D 247 29.97 -45.76 -31.98
CA ILE D 247 31.11 -44.99 -31.52
C ILE D 247 31.44 -45.15 -30.07
N ILE D 248 32.69 -45.47 -29.80
CA ILE D 248 33.11 -45.62 -28.45
C ILE D 248 34.04 -44.45 -28.21
N VAL D 249 33.86 -43.75 -27.09
CA VAL D 249 34.70 -42.63 -26.71
C VAL D 249 35.48 -43.00 -25.42
N LEU D 250 36.80 -42.95 -25.42
CA LEU D 250 37.56 -43.28 -24.22
C LEU D 250 38.23 -42.01 -23.62
N SER D 251 38.90 -42.14 -22.47
CA SER D 251 39.56 -40.99 -21.86
C SER D 251 40.99 -41.31 -21.53
N SER D 252 41.91 -40.65 -22.23
CA SER D 252 43.35 -40.95 -22.05
C SER D 252 43.85 -40.51 -20.69
N TYR D 253 43.15 -39.54 -20.12
CA TYR D 253 43.60 -38.98 -18.86
C TYR D 253 42.78 -39.40 -17.68
N SER D 254 41.91 -40.37 -17.95
CA SER D 254 41.10 -40.99 -16.90
C SER D 254 41.92 -42.29 -16.65
N ALA D 255 41.42 -43.24 -15.88
CA ALA D 255 42.21 -44.45 -15.67
C ALA D 255 41.74 -45.65 -16.48
N TYR D 256 42.69 -46.50 -16.88
CA TYR D 256 42.37 -47.71 -17.63
C TYR D 256 42.95 -48.92 -17.01
N GLY D 257 43.44 -48.82 -15.78
CA GLY D 257 44.00 -50.00 -15.15
C GLY D 257 43.03 -51.18 -15.26
N ARG D 258 43.52 -52.36 -15.01
CA ARG D 258 42.69 -53.52 -15.10
C ARG D 258 41.84 -53.50 -13.86
N GLY D 259 40.52 -53.51 -14.06
CA GLY D 259 39.62 -53.51 -12.93
C GLY D 259 39.02 -52.13 -12.68
N THR D 260 39.67 -51.10 -13.20
CA THR D 260 39.15 -49.77 -13.02
C THR D 260 37.88 -49.67 -13.83
N PRO D 261 37.05 -48.69 -13.50
CA PRO D 261 35.81 -48.53 -14.22
C PRO D 261 35.95 -48.35 -15.67
N GLN D 262 36.88 -47.53 -16.12
CA GLN D 262 36.94 -47.38 -17.57
C GLN D 262 37.32 -48.72 -18.21
N TYR D 263 38.30 -49.38 -17.61
CA TYR D 263 38.74 -50.64 -18.14
C TYR D 263 37.51 -51.56 -18.19
N THR D 264 36.88 -51.75 -17.04
CA THR D 264 35.68 -52.56 -16.96
C THR D 264 34.64 -52.22 -18.01
N TRP D 265 34.28 -50.97 -18.14
CA TRP D 265 33.29 -50.62 -19.11
C TRP D 265 33.67 -50.96 -20.55
N LEU D 266 34.84 -50.52 -21.01
CA LEU D 266 35.25 -50.80 -22.40
C LEU D 266 35.18 -52.23 -22.79
N LYS D 267 35.58 -53.10 -21.88
CA LYS D 267 35.55 -54.53 -22.14
C LYS D 267 34.15 -54.95 -22.47
N LYS D 268 33.27 -54.86 -21.49
CA LYS D 268 31.85 -55.19 -21.68
C LYS D 268 31.25 -54.50 -22.93
N GLU D 269 31.54 -53.21 -23.08
CA GLU D 269 30.99 -52.48 -24.18
C GLU D 269 31.36 -53.07 -25.51
N LEU D 270 32.62 -53.49 -25.65
CA LEU D 270 33.08 -54.08 -26.90
C LEU D 270 32.26 -55.30 -27.23
N ARG D 271 31.94 -56.07 -26.21
CA ARG D 271 31.08 -57.23 -26.39
C ARG D 271 29.66 -56.82 -26.81
N LYS D 272 29.22 -55.62 -26.50
CA LYS D 272 27.85 -55.27 -26.86
C LYS D 272 27.67 -54.76 -28.29
N VAL D 273 28.76 -54.66 -29.02
CA VAL D 273 28.67 -54.14 -30.38
C VAL D 273 28.06 -55.13 -31.36
N LYS D 274 27.11 -54.72 -32.18
CA LYS D 274 26.51 -55.64 -33.13
C LYS D 274 26.80 -55.15 -34.52
N ARG D 275 27.75 -55.76 -35.20
CA ARG D 275 28.09 -55.31 -36.55
C ARG D 275 27.00 -55.49 -37.60
N SER D 276 26.07 -56.38 -37.32
CA SER D 276 24.96 -56.64 -38.21
C SER D 276 24.00 -55.48 -38.14
N GLU D 277 24.13 -54.70 -37.08
CA GLU D 277 23.27 -53.56 -36.86
C GLU D 277 24.05 -52.31 -37.20
N THR D 278 25.25 -52.20 -36.65
CA THR D 278 26.10 -51.06 -36.89
C THR D 278 27.40 -51.57 -37.44
N PRO D 279 27.50 -51.63 -38.75
CA PRO D 279 28.71 -52.11 -39.40
C PRO D 279 30.01 -51.38 -39.02
N TRP D 280 29.95 -50.06 -38.94
CA TRP D 280 31.12 -49.24 -38.64
C TRP D 280 31.45 -49.02 -37.22
N LEU D 281 32.56 -49.55 -36.79
CA LEU D 281 32.97 -49.42 -35.42
C LEU D 281 34.09 -48.41 -35.31
N ILE D 282 33.83 -47.24 -34.73
CA ILE D 282 34.83 -46.18 -34.58
C ILE D 282 35.21 -45.93 -33.16
N VAL D 283 36.47 -45.65 -32.88
CA VAL D 283 36.90 -45.36 -31.51
C VAL D 283 37.49 -43.95 -31.47
N LEU D 284 37.24 -43.22 -30.39
CA LEU D 284 37.78 -41.87 -30.20
C LEU D 284 38.65 -41.81 -28.95
N MET D 285 39.69 -41.01 -28.99
CA MET D 285 40.59 -40.80 -27.85
C MET D 285 41.45 -39.59 -28.19
N HIS D 286 42.13 -39.04 -27.20
CA HIS D 286 42.93 -37.85 -27.47
C HIS D 286 44.35 -38.19 -27.87
N SER D 287 45.06 -38.84 -26.95
CA SER D 287 46.45 -39.19 -27.20
C SER D 287 46.39 -40.40 -28.08
N PRO D 288 47.07 -40.35 -29.22
CA PRO D 288 47.17 -41.39 -30.24
C PRO D 288 48.13 -42.55 -29.89
N LEU D 289 47.69 -43.78 -30.15
CA LEU D 289 48.45 -45.00 -29.86
C LEU D 289 49.65 -45.21 -30.78
N TYR D 290 49.43 -44.88 -32.07
CA TYR D 290 50.43 -44.97 -33.14
C TYR D 290 50.70 -43.52 -33.58
N ASN D 291 51.93 -43.02 -33.34
CA ASN D 291 52.31 -41.65 -33.68
C ASN D 291 53.80 -41.56 -34.07
N SER D 292 54.10 -41.01 -35.25
CA SER D 292 55.49 -40.88 -35.67
C SER D 292 56.07 -39.48 -35.58
N TYR D 293 55.40 -38.55 -34.89
CA TYR D 293 55.95 -37.21 -34.74
C TYR D 293 56.73 -37.21 -33.47
N ASN D 294 57.56 -36.20 -33.29
CA ASN D 294 58.40 -36.13 -32.09
C ASN D 294 57.59 -35.67 -30.91
N HIS D 295 56.72 -34.71 -31.17
CA HIS D 295 55.86 -34.18 -30.13
C HIS D 295 54.94 -35.28 -29.60
N HIS D 296 55.03 -35.56 -28.31
CA HIS D 296 54.19 -36.60 -27.68
C HIS D 296 54.54 -37.97 -28.19
N PHE D 297 55.71 -38.11 -28.79
CA PHE D 297 56.08 -39.41 -29.32
C PHE D 297 56.04 -40.38 -28.17
N MET D 298 55.34 -41.49 -28.38
CA MET D 298 55.17 -42.62 -27.44
C MET D 298 54.37 -42.42 -26.12
N GLU D 299 53.46 -41.47 -26.11
CA GLU D 299 52.66 -41.28 -24.90
C GLU D 299 51.58 -42.35 -24.89
N GLY D 300 50.98 -42.61 -26.07
CA GLY D 300 49.95 -43.63 -26.24
C GLY D 300 50.39 -45.04 -25.87
N GLU D 301 51.67 -45.22 -25.53
CA GLU D 301 52.21 -46.50 -25.17
C GLU D 301 51.42 -47.17 -24.12
N ALA D 302 51.27 -46.51 -22.99
CA ALA D 302 50.48 -47.12 -21.92
C ALA D 302 49.07 -47.60 -22.36
N MET D 303 48.21 -46.69 -22.76
CA MET D 303 46.88 -47.13 -23.19
C MET D 303 46.94 -48.16 -24.29
N ARG D 304 48.02 -48.17 -25.04
CA ARG D 304 48.19 -49.15 -26.13
C ARG D 304 48.36 -50.51 -25.51
N THR D 305 49.34 -50.63 -24.61
CA THR D 305 49.58 -51.91 -23.94
C THR D 305 48.32 -52.45 -23.31
N LYS D 306 47.29 -51.63 -23.19
CA LYS D 306 46.07 -52.08 -22.58
C LYS D 306 44.93 -52.36 -23.53
N PHE D 307 44.78 -51.55 -24.57
CA PHE D 307 43.63 -51.77 -25.42
C PHE D 307 43.82 -52.27 -26.83
N GLU D 308 45.05 -52.29 -27.31
CA GLU D 308 45.25 -52.68 -28.71
C GLU D 308 44.65 -54.03 -29.11
N ALA D 309 45.05 -55.04 -28.37
CA ALA D 309 44.53 -56.36 -28.65
C ALA D 309 43.01 -56.35 -28.86
N TRP D 310 42.29 -55.71 -27.94
CA TRP D 310 40.84 -55.64 -27.99
C TRP D 310 40.41 -55.03 -29.31
N PHE D 311 41.10 -54.00 -29.74
CA PHE D 311 40.72 -53.33 -30.96
C PHE D 311 40.91 -54.28 -32.13
N VAL D 312 42.02 -55.00 -32.08
CA VAL D 312 42.32 -55.91 -33.16
C VAL D 312 41.28 -56.96 -33.09
N LYS D 313 41.21 -57.58 -31.93
CA LYS D 313 40.24 -58.61 -31.71
C LYS D 313 38.80 -58.31 -32.18
N TYR D 314 38.29 -57.10 -31.99
CA TYR D 314 36.93 -56.79 -32.43
C TYR D 314 36.84 -56.13 -33.75
N LYS D 315 38.00 -56.01 -34.36
CA LYS D 315 38.09 -55.45 -35.66
C LYS D 315 37.54 -54.06 -35.78
N VAL D 316 37.99 -53.19 -34.90
CA VAL D 316 37.49 -51.82 -35.00
C VAL D 316 38.03 -51.24 -36.32
N ASP D 317 37.20 -50.50 -37.03
CA ASP D 317 37.62 -49.90 -38.28
C ASP D 317 38.66 -48.80 -38.19
N VAL D 318 38.31 -47.69 -37.56
CA VAL D 318 39.23 -46.56 -37.40
C VAL D 318 39.43 -46.18 -35.94
N VAL D 319 40.45 -45.39 -35.68
CA VAL D 319 40.66 -44.87 -34.34
C VAL D 319 41.17 -43.47 -34.57
N PHE D 320 40.38 -42.48 -34.19
CA PHE D 320 40.81 -41.10 -34.39
C PHE D 320 41.37 -40.48 -33.11
N ALA D 321 42.44 -39.70 -33.18
CA ALA D 321 42.98 -39.04 -31.98
C ALA D 321 43.37 -37.63 -32.35
N GLY D 322 43.84 -36.88 -31.38
CA GLY D 322 44.26 -35.53 -31.67
C GLY D 322 45.55 -35.50 -30.94
N HIS D 323 45.78 -34.44 -30.16
CA HIS D 323 46.96 -34.33 -29.33
C HIS D 323 48.22 -34.00 -30.07
N VAL D 324 48.33 -34.40 -31.31
CA VAL D 324 49.51 -34.01 -32.02
C VAL D 324 48.99 -33.05 -33.08
N HIS D 325 49.38 -31.79 -32.94
CA HIS D 325 48.93 -30.74 -33.84
C HIS D 325 49.58 -30.95 -35.21
N ALA D 326 49.02 -31.87 -35.99
CA ALA D 326 49.49 -32.25 -37.31
C ALA D 326 48.59 -33.37 -37.81
N TYR D 327 48.91 -33.99 -38.92
CA TYR D 327 48.08 -35.07 -39.46
C TYR D 327 48.89 -36.28 -39.72
N GLU D 328 48.26 -37.44 -39.67
CA GLU D 328 48.97 -38.68 -39.91
C GLU D 328 47.95 -39.82 -40.12
N ARG D 329 48.30 -40.77 -40.97
CA ARG D 329 47.43 -41.91 -41.27
C ARG D 329 48.31 -43.16 -41.20
N SER D 330 47.73 -44.31 -40.85
CA SER D 330 48.54 -45.49 -40.73
C SER D 330 48.07 -46.64 -41.53
N GLU D 331 48.92 -47.67 -41.54
CA GLU D 331 48.63 -48.91 -42.23
C GLU D 331 47.87 -49.71 -41.19
N ARG D 332 47.01 -50.62 -41.63
CA ARG D 332 46.31 -51.41 -40.67
C ARG D 332 47.46 -52.20 -40.11
N VAL D 333 47.75 -51.93 -38.85
CA VAL D 333 48.88 -52.51 -38.17
C VAL D 333 48.64 -52.88 -36.71
N SER D 334 49.26 -53.95 -36.27
CA SER D 334 49.17 -54.38 -34.89
C SER D 334 50.59 -54.46 -34.35
N ASN D 335 50.73 -54.80 -33.08
CA ASN D 335 52.04 -54.94 -32.49
C ASN D 335 51.65 -55.57 -31.18
N ILE D 336 50.96 -56.68 -31.29
CA ILE D 336 50.46 -57.32 -30.10
C ILE D 336 51.17 -58.62 -29.80
N ALA D 337 52.44 -58.71 -30.18
CA ALA D 337 53.14 -59.96 -29.99
C ALA D 337 54.18 -59.98 -28.92
N TYR D 338 54.64 -58.81 -28.54
CA TYR D 338 55.66 -58.75 -27.54
C TYR D 338 55.30 -59.44 -26.23
N LYS D 339 56.28 -60.14 -25.69
CA LYS D 339 56.13 -60.87 -24.46
C LYS D 339 57.42 -60.68 -23.72
N ILE D 340 57.90 -59.45 -23.72
CA ILE D 340 59.12 -59.05 -23.02
C ILE D 340 60.45 -59.53 -23.63
N THR D 341 60.78 -60.76 -23.29
CA THR D 341 62.00 -61.32 -23.76
C THR D 341 61.96 -61.88 -25.17
N ASP D 342 60.80 -61.99 -25.77
CA ASP D 342 60.73 -62.58 -27.10
C ASP D 342 61.07 -61.67 -28.30
N GLY D 343 61.52 -60.46 -28.05
CA GLY D 343 61.88 -59.58 -29.14
C GLY D 343 60.84 -59.24 -30.20
N LEU D 344 59.63 -59.76 -30.10
CA LEU D 344 58.62 -59.45 -31.13
C LEU D 344 57.97 -58.08 -30.87
N CYS D 345 58.80 -57.06 -30.81
CA CYS D 345 58.29 -55.75 -30.53
C CYS D 345 58.33 -54.84 -31.71
N THR D 346 57.85 -55.32 -32.84
CA THR D 346 57.82 -54.46 -33.99
C THR D 346 56.52 -54.62 -34.76
N PRO D 347 55.88 -53.48 -35.04
CA PRO D 347 54.60 -53.36 -35.76
C PRO D 347 54.67 -54.10 -37.09
N VAL D 348 53.63 -54.88 -37.33
CA VAL D 348 53.50 -55.67 -38.54
C VAL D 348 52.17 -55.34 -39.19
N LYS D 349 52.04 -55.51 -40.50
CA LYS D 349 50.73 -55.22 -41.09
C LYS D 349 49.81 -56.32 -40.57
N ASP D 350 48.60 -55.93 -40.19
CA ASP D 350 47.61 -56.86 -39.66
C ASP D 350 46.32 -56.35 -40.26
N GLN D 351 45.57 -57.19 -40.95
CA GLN D 351 44.35 -56.68 -41.57
C GLN D 351 43.14 -56.64 -40.66
N SER D 352 43.32 -57.10 -39.43
CA SER D 352 42.23 -57.06 -38.50
C SER D 352 42.38 -55.81 -37.68
N ALA D 353 43.56 -55.21 -37.77
CA ALA D 353 43.80 -54.01 -37.02
C ALA D 353 43.21 -52.84 -37.73
N PRO D 354 42.78 -51.84 -36.97
CA PRO D 354 42.17 -50.60 -37.45
C PRO D 354 43.24 -49.66 -38.04
N VAL D 355 42.79 -48.66 -38.77
CA VAL D 355 43.68 -47.67 -39.33
C VAL D 355 43.69 -46.55 -38.26
N TYR D 356 44.86 -46.24 -37.69
CA TYR D 356 44.93 -45.19 -36.66
C TYR D 356 45.16 -43.85 -37.36
N ILE D 357 44.23 -42.92 -37.24
CA ILE D 357 44.36 -41.59 -37.88
C ILE D 357 44.47 -40.59 -36.74
N THR D 358 45.29 -39.55 -36.90
CA THR D 358 45.39 -38.53 -35.86
C THR D 358 45.11 -37.20 -36.53
N ILE D 359 44.13 -36.46 -36.01
CA ILE D 359 43.74 -35.16 -36.59
C ILE D 359 43.74 -33.98 -35.59
N GLY D 360 44.79 -33.91 -34.78
CA GLY D 360 44.90 -32.82 -33.82
C GLY D 360 45.41 -31.55 -34.48
N ASP D 361 45.08 -31.37 -35.75
CA ASP D 361 45.56 -30.21 -36.47
C ASP D 361 44.46 -29.21 -36.84
N ALA D 362 43.45 -29.06 -35.99
CA ALA D 362 42.38 -28.11 -36.33
C ALA D 362 42.72 -26.66 -36.01
N GLY D 363 43.79 -26.41 -35.23
CA GLY D 363 44.15 -25.04 -34.98
C GLY D 363 44.84 -24.67 -33.71
N ASN D 364 44.35 -25.20 -32.62
CA ASN D 364 44.89 -24.87 -31.32
C ASN D 364 45.23 -23.42 -31.20
N TYR D 365 46.32 -23.09 -30.57
CA TYR D 365 46.64 -21.69 -30.44
C TYR D 365 47.48 -21.28 -31.60
N GLY D 366 47.17 -21.86 -32.76
CA GLY D 366 47.89 -21.54 -33.99
C GLY D 366 49.30 -22.07 -34.17
N VAL D 367 49.62 -23.22 -33.59
CA VAL D 367 50.94 -23.79 -33.72
C VAL D 367 50.89 -25.23 -34.19
N ILE D 368 51.64 -25.53 -35.25
CA ILE D 368 51.71 -26.88 -35.80
C ILE D 368 52.97 -27.62 -35.34
N ASP D 369 52.83 -28.92 -35.11
CA ASP D 369 53.98 -29.79 -34.73
C ASP D 369 54.47 -30.29 -36.07
N SER D 370 55.70 -29.93 -36.42
CA SER D 370 56.30 -30.30 -37.72
C SER D 370 57.46 -31.24 -37.60
N ASN D 371 58.04 -31.26 -36.41
CA ASN D 371 59.16 -32.10 -36.16
C ASN D 371 58.67 -33.52 -36.09
N MET D 372 58.76 -34.23 -37.21
CA MET D 372 58.36 -35.62 -37.27
C MET D 372 59.57 -36.45 -37.39
N ILE D 373 59.54 -37.59 -36.73
CA ILE D 373 60.64 -38.55 -36.71
C ILE D 373 60.95 -38.93 -38.12
N GLN D 374 62.22 -39.23 -38.38
CA GLN D 374 62.63 -39.63 -39.71
C GLN D 374 63.61 -40.79 -39.57
N PRO D 375 63.54 -41.73 -40.50
CA PRO D 375 62.55 -41.64 -41.57
C PRO D 375 61.21 -42.22 -41.20
N GLN D 376 60.20 -41.79 -41.95
CA GLN D 376 58.83 -42.23 -41.77
C GLN D 376 58.81 -43.75 -41.70
N PRO D 377 58.46 -44.33 -40.54
CA PRO D 377 58.41 -45.77 -40.37
C PRO D 377 57.31 -46.45 -41.17
N GLU D 378 57.50 -47.75 -41.35
CA GLU D 378 56.58 -48.60 -42.10
C GLU D 378 55.16 -48.38 -41.70
N TYR D 379 54.86 -48.50 -40.41
CA TYR D 379 53.49 -48.34 -39.98
C TYR D 379 52.78 -47.08 -40.47
N SER D 380 53.55 -46.00 -40.60
CA SER D 380 52.99 -44.73 -41.01
C SER D 380 52.70 -44.72 -42.49
N ALA D 381 51.45 -44.54 -42.85
CA ALA D 381 51.08 -44.51 -44.25
C ALA D 381 51.16 -43.16 -44.91
N PHE D 382 50.95 -42.07 -44.17
CA PHE D 382 50.98 -40.74 -44.77
C PHE D 382 50.95 -39.72 -43.66
N ARG D 383 51.84 -38.75 -43.68
CA ARG D 383 51.81 -37.78 -42.60
C ARG D 383 52.13 -36.43 -43.06
N GLU D 384 51.50 -35.42 -42.47
CA GLU D 384 51.79 -34.06 -42.87
C GLU D 384 51.46 -33.09 -41.78
N ALA D 385 52.32 -32.09 -41.67
CA ALA D 385 52.12 -31.07 -40.68
C ALA D 385 51.34 -29.86 -41.22
N SER D 386 50.03 -29.98 -41.43
CA SER D 386 49.25 -28.84 -41.89
C SER D 386 48.02 -28.69 -41.07
N PHE D 387 47.34 -27.55 -41.13
CA PHE D 387 46.14 -27.39 -40.34
C PHE D 387 45.03 -27.87 -41.22
N GLY D 388 44.05 -28.52 -40.63
CA GLY D 388 42.91 -28.98 -41.40
C GLY D 388 41.93 -29.75 -40.54
N HIS D 389 40.88 -30.30 -41.17
CA HIS D 389 39.86 -31.13 -40.51
C HIS D 389 39.67 -32.39 -41.36
N GLY D 390 38.75 -33.27 -41.01
CA GLY D 390 38.58 -34.47 -41.81
C GLY D 390 37.12 -34.79 -42.00
N MET D 391 36.83 -35.74 -42.87
CA MET D 391 35.46 -36.14 -43.09
C MET D 391 35.56 -37.65 -43.25
N PHE D 392 34.63 -38.37 -42.65
CA PHE D 392 34.59 -39.83 -42.75
C PHE D 392 33.18 -40.14 -43.24
N ASP D 393 33.08 -40.24 -44.56
CA ASP D 393 31.82 -40.44 -45.24
C ASP D 393 31.39 -41.88 -45.44
N ILE D 394 30.47 -42.30 -44.60
CA ILE D 394 29.99 -43.66 -44.66
C ILE D 394 29.04 -43.85 -45.81
N LYS D 395 29.37 -44.83 -46.66
CA LYS D 395 28.58 -45.16 -47.85
C LYS D 395 27.68 -46.40 -47.72
N ASN D 396 28.28 -47.59 -47.68
CA ASN D 396 27.50 -48.82 -47.56
C ASN D 396 28.01 -49.42 -46.25
N ARG D 397 27.73 -50.69 -46.04
CA ARG D 397 28.18 -51.39 -44.87
C ARG D 397 29.59 -51.89 -45.20
N THR D 398 30.03 -51.61 -46.42
CA THR D 398 31.36 -52.04 -46.89
C THR D 398 32.30 -50.89 -47.18
N HIS D 399 31.71 -49.76 -47.59
CA HIS D 399 32.50 -48.60 -47.95
C HIS D 399 32.27 -47.36 -47.14
N ALA D 400 33.37 -46.69 -46.87
CA ALA D 400 33.35 -45.45 -46.14
C ALA D 400 34.57 -44.78 -46.66
N HIS D 401 34.43 -43.53 -47.03
CA HIS D 401 35.53 -42.79 -47.58
C HIS D 401 36.04 -41.61 -46.72
N PHE D 402 37.23 -41.78 -46.17
CA PHE D 402 37.85 -40.74 -45.35
C PHE D 402 38.51 -39.72 -46.25
N SER D 403 38.61 -38.48 -45.79
CA SER D 403 39.24 -37.42 -46.57
C SER D 403 39.91 -36.47 -45.60
N TRP D 404 40.92 -35.73 -46.07
CA TRP D 404 41.62 -34.76 -45.25
C TRP D 404 41.83 -33.47 -45.99
N ASN D 405 41.05 -32.44 -45.68
CA ASN D 405 41.19 -31.15 -46.36
C ASN D 405 42.18 -30.19 -45.69
N ARG D 406 43.20 -29.75 -46.40
CA ARG D 406 44.12 -28.82 -45.77
C ARG D 406 43.57 -27.44 -45.76
N ASN D 407 43.99 -26.68 -44.77
CA ASN D 407 43.53 -25.32 -44.66
C ASN D 407 44.08 -24.51 -45.82
N GLN D 408 45.23 -24.93 -46.35
CA GLN D 408 45.85 -24.23 -47.47
C GLN D 408 45.06 -24.38 -48.75
N ASP D 409 44.52 -25.58 -48.93
CA ASP D 409 43.74 -25.90 -50.09
C ASP D 409 42.42 -25.17 -50.09
N GLY D 410 41.70 -25.34 -51.18
CA GLY D 410 40.41 -24.71 -51.30
C GLY D 410 39.51 -25.70 -50.64
N VAL D 411 38.36 -25.21 -50.26
CA VAL D 411 37.35 -25.99 -49.59
C VAL D 411 37.14 -27.44 -50.04
N ALA D 412 37.12 -27.67 -51.35
CA ALA D 412 36.86 -29.01 -51.86
C ALA D 412 38.08 -29.86 -52.23
N VAL D 413 39.26 -29.41 -51.84
CA VAL D 413 40.50 -30.11 -52.14
C VAL D 413 40.92 -31.14 -51.10
N GLU D 414 40.82 -32.40 -51.46
CA GLU D 414 41.16 -33.48 -50.56
C GLU D 414 42.66 -33.77 -50.50
N ALA D 415 43.42 -33.00 -49.74
CA ALA D 415 44.88 -33.23 -49.64
C ALA D 415 45.27 -34.70 -49.38
N ASP D 416 44.35 -35.49 -48.86
CA ASP D 416 44.57 -36.90 -48.65
C ASP D 416 43.19 -37.51 -48.76
N SER D 417 43.12 -38.76 -49.16
CA SER D 417 41.85 -39.44 -49.36
C SER D 417 42.10 -40.96 -49.32
N VAL D 418 41.14 -41.70 -48.79
CA VAL D 418 41.30 -43.14 -48.62
C VAL D 418 39.94 -43.84 -48.55
N TRP D 419 39.83 -45.03 -49.13
CA TRP D 419 38.58 -45.77 -49.05
C TRP D 419 38.75 -46.78 -47.94
N PHE D 420 37.74 -46.90 -47.08
CA PHE D 420 37.81 -47.84 -45.96
C PHE D 420 36.96 -49.04 -46.27
N PHE D 421 37.57 -50.21 -46.15
CA PHE D 421 36.88 -51.45 -46.41
C PHE D 421 36.51 -52.00 -45.08
N ASN D 422 35.22 -52.21 -44.90
CA ASN D 422 34.74 -52.65 -43.62
C ASN D 422 35.41 -53.87 -43.07
N ARG D 423 36.17 -53.74 -41.98
CA ARG D 423 36.83 -54.88 -41.35
C ARG D 423 35.93 -56.12 -41.08
N HIS D 424 34.61 -55.96 -41.02
CA HIS D 424 33.70 -57.10 -40.77
C HIS D 424 32.97 -57.63 -42.02
N TRP D 425 32.45 -56.71 -42.80
CA TRP D 425 31.72 -57.03 -44.00
C TRP D 425 32.50 -57.08 -45.31
N TYR D 426 33.76 -56.67 -45.29
CA TYR D 426 34.51 -56.63 -46.52
C TYR D 426 35.99 -56.42 -46.32
N PRO D 427 36.64 -57.41 -45.72
CA PRO D 427 38.05 -57.56 -45.36
C PRO D 427 39.06 -57.64 -46.48
N VAL D 428 39.02 -56.65 -47.35
CA VAL D 428 39.94 -56.63 -48.45
C VAL D 428 41.01 -55.62 -48.05
N ASP D 429 42.25 -55.84 -48.46
CA ASP D 429 43.34 -54.89 -48.16
C ASP D 429 43.14 -53.51 -48.80
N ASP D 430 43.02 -52.48 -47.98
CA ASP D 430 42.93 -51.15 -48.54
C ASP D 430 44.37 -50.59 -48.47
N SER D 431 45.12 -51.06 -47.47
CA SER D 431 46.50 -50.63 -47.19
C SER D 431 47.38 -50.11 -48.32
N THR D 432 47.24 -48.81 -48.58
CA THR D 432 48.01 -48.06 -49.57
C THR D 432 48.65 -46.90 -48.78
#